data_1V5H
# 
_entry.id   1V5H 
# 
_audit_conform.dict_name       mmcif_pdbx.dic 
_audit_conform.dict_version    5.383 
_audit_conform.dict_location   http://mmcif.pdb.org/dictionaries/ascii/mmcif_pdbx.dic 
# 
loop_
_database_2.database_id 
_database_2.database_code 
_database_2.pdbx_database_accession 
_database_2.pdbx_DOI 
PDB   1V5H         pdb_00001v5h 10.2210/pdb1v5h/pdb 
RCSB  RCSB006230   ?            ?                   
WWPDB D_1000006230 ?            ?                   
# 
loop_
_pdbx_audit_revision_history.ordinal 
_pdbx_audit_revision_history.data_content_type 
_pdbx_audit_revision_history.major_revision 
_pdbx_audit_revision_history.minor_revision 
_pdbx_audit_revision_history.revision_date 
1 'Structure model' 1 0 2004-06-08 
2 'Structure model' 1 1 2008-04-27 
3 'Structure model' 1 2 2011-07-13 
4 'Structure model' 1 3 2023-12-27 
# 
_pdbx_audit_revision_details.ordinal             1 
_pdbx_audit_revision_details.revision_ordinal    1 
_pdbx_audit_revision_details.data_content_type   'Structure model' 
_pdbx_audit_revision_details.provider            repository 
_pdbx_audit_revision_details.type                'Initial release' 
_pdbx_audit_revision_details.description         ? 
_pdbx_audit_revision_details.details             ? 
# 
loop_
_pdbx_audit_revision_group.ordinal 
_pdbx_audit_revision_group.revision_ordinal 
_pdbx_audit_revision_group.data_content_type 
_pdbx_audit_revision_group.group 
1 2 'Structure model' 'Version format compliance' 
2 3 'Structure model' 'Version format compliance' 
3 4 'Structure model' 'Data collection'           
4 4 'Structure model' 'Database references'       
5 4 'Structure model' 'Derived calculations'      
# 
loop_
_pdbx_audit_revision_category.ordinal 
_pdbx_audit_revision_category.revision_ordinal 
_pdbx_audit_revision_category.data_content_type 
_pdbx_audit_revision_category.category 
1 4 'Structure model' chem_comp_atom     
2 4 'Structure model' chem_comp_bond     
3 4 'Structure model' database_2         
4 4 'Structure model' struct_conn        
5 4 'Structure model' struct_ref_seq_dif 
6 4 'Structure model' struct_site        
# 
loop_
_pdbx_audit_revision_item.ordinal 
_pdbx_audit_revision_item.revision_ordinal 
_pdbx_audit_revision_item.data_content_type 
_pdbx_audit_revision_item.item 
1  4 'Structure model' '_database_2.pdbx_DOI'                
2  4 'Structure model' '_database_2.pdbx_database_accession' 
3  4 'Structure model' '_struct_conn.ptnr1_auth_comp_id'     
4  4 'Structure model' '_struct_conn.ptnr1_auth_seq_id'      
5  4 'Structure model' '_struct_conn.ptnr1_label_asym_id'    
6  4 'Structure model' '_struct_conn.ptnr1_label_atom_id'    
7  4 'Structure model' '_struct_conn.ptnr1_label_comp_id'    
8  4 'Structure model' '_struct_conn.ptnr1_label_seq_id'     
9  4 'Structure model' '_struct_conn.ptnr2_auth_comp_id'     
10 4 'Structure model' '_struct_conn.ptnr2_auth_seq_id'      
11 4 'Structure model' '_struct_conn.ptnr2_label_asym_id'    
12 4 'Structure model' '_struct_conn.ptnr2_label_atom_id'    
13 4 'Structure model' '_struct_conn.ptnr2_label_comp_id'    
14 4 'Structure model' '_struct_conn.ptnr2_label_seq_id'     
15 4 'Structure model' '_struct_ref_seq_dif.details'         
16 4 'Structure model' '_struct_site.pdbx_auth_asym_id'      
17 4 'Structure model' '_struct_site.pdbx_auth_comp_id'      
18 4 'Structure model' '_struct_site.pdbx_auth_seq_id'       
# 
_pdbx_database_status.status_code                     REL 
_pdbx_database_status.entry_id                        1V5H 
_pdbx_database_status.recvd_initial_deposition_date   2003-11-23 
_pdbx_database_status.deposit_site                    PDBJ 
_pdbx_database_status.process_site                    PDBJ 
_pdbx_database_status.status_code_sf                  REL 
_pdbx_database_status.SG_entry                        Y 
_pdbx_database_status.pdb_format_compatible           Y 
_pdbx_database_status.status_code_mr                  ? 
_pdbx_database_status.status_code_cs                  ? 
_pdbx_database_status.status_code_nmr_data            ? 
_pdbx_database_status.methods_development_category    ? 
# 
_pdbx_database_related.db_name        TargetDB 
_pdbx_database_related.db_id          my_001000023.2 
_pdbx_database_related.details        . 
_pdbx_database_related.content_type   unspecified 
# 
loop_
_audit_author.name 
_audit_author.pdbx_ordinal 
'Sugimoto, H.'                                           1 
'Makino, M.'                                             2 
'Sawai, H.'                                              3 
'Kawada, N.'                                             4 
'Yoshizato, K.'                                          5 
'Shiro, Y.'                                              6 
'RIKEN Structural Genomics/Proteomics Initiative (RSGI)' 7 
# 
loop_
_citation.id 
_citation.title 
_citation.journal_abbrev 
_citation.journal_volume 
_citation.page_first 
_citation.page_last 
_citation.year 
_citation.journal_id_ASTM 
_citation.country 
_citation.journal_id_ISSN 
_citation.journal_id_CSD 
_citation.book_publisher 
_citation.pdbx_database_id_PubMed 
_citation.pdbx_database_id_DOI 
primary 'Structural basis of human cytoglobin for ligand binding.'                                      J.Mol.Biol.  339 873  885  
2004 JMOBAK UK 0022-2836 0070 ? 15165856 10.1016/j.jmb.2004.04.024 
1       'Characterization of the heme environmental structure of cytoglobin, a fourth globin in humans' Biochemistry 42  5133 5142 
2003 BICHAW US 0006-2960 0033 ? ?        10.1021/bi027067e         
# 
loop_
_citation_author.citation_id 
_citation_author.name 
_citation_author.ordinal 
_citation_author.identifier_ORCID 
primary 'Sugimoto, H.'  1  ? 
primary 'Makino, M.'    2  ? 
primary 'Sawai, H.'     3  ? 
primary 'Kawada, N.'    4  ? 
primary 'Yoshizato, K.' 5  ? 
primary 'Shiro, Y.'     6  ? 
1       'Sawai, H.'     7  ? 
1       'Kawada, N.'    8  ? 
1       'Yoshizato, K.' 9  ? 
1       'Nakajima, H.'  10 ? 
1       'Aono, S.'      11 ? 
1       'Shiro, Y.'     12 ? 
# 
loop_
_entity.id 
_entity.type 
_entity.src_method 
_entity.pdbx_description 
_entity.formula_weight 
_entity.pdbx_number_of_molecules 
_entity.pdbx_ec 
_entity.pdbx_mutation 
_entity.pdbx_fragment 
_entity.details 
1 polymer     man Cytoglobin                        21715.893 1  ? ? ? ? 
2 non-polymer syn 'PROTOPORPHYRIN IX CONTAINING FE' 616.487   1  ? ? ? ? 
3 water       nat water                             18.015    30 ? ? ? ? 
# 
_entity_name_com.entity_id   1 
_entity_name_com.name        'Histoglobin, HGb, Stellate cell activation-associated protein' 
# 
_entity_poly.entity_id                      1 
_entity_poly.type                           'polypeptide(L)' 
_entity_poly.nstd_linkage                   no 
_entity_poly.nstd_monomer                   no 
_entity_poly.pdbx_seq_one_letter_code       
;GSHMEKVPGEMEIERRERSEELSEAERKAVQAMWARLYANCEDVGVAILVRFFVNFPSAKQYFSQFKHMEDPLEMERSPQ
LRKHACRVMGALNTVVENLHDPDKVSSVLALVGKAHALKHKVEPVYFKILSGVILEVVAEEFASDFPPETQRAWAKLRGL
IYSHVTAAYKEVGWVQQVPNATTPPATLPSSGP
;
_entity_poly.pdbx_seq_one_letter_code_can   
;GSHMEKVPGEMEIERRERSEELSEAERKAVQAMWARLYANCEDVGVAILVRFFVNFPSAKQYFSQFKHMEDPLEMERSPQ
LRKHACRVMGALNTVVENLHDPDKVSSVLALVGKAHALKHKVEPVYFKILSGVILEVVAEEFASDFPPETQRAWAKLRGL
IYSHVTAAYKEVGWVQQVPNATTPPATLPSSGP
;
_entity_poly.pdbx_strand_id                 A 
_entity_poly.pdbx_target_identifier         my_001000023.2 
# 
loop_
_pdbx_entity_nonpoly.entity_id 
_pdbx_entity_nonpoly.name 
_pdbx_entity_nonpoly.comp_id 
2 'PROTOPORPHYRIN IX CONTAINING FE' HEM 
3 water                             HOH 
# 
loop_
_entity_poly_seq.entity_id 
_entity_poly_seq.num 
_entity_poly_seq.mon_id 
_entity_poly_seq.hetero 
1 1   GLY n 
1 2   SER n 
1 3   HIS n 
1 4   MET n 
1 5   GLU n 
1 6   LYS n 
1 7   VAL n 
1 8   PRO n 
1 9   GLY n 
1 10  GLU n 
1 11  MET n 
1 12  GLU n 
1 13  ILE n 
1 14  GLU n 
1 15  ARG n 
1 16  ARG n 
1 17  GLU n 
1 18  ARG n 
1 19  SER n 
1 20  GLU n 
1 21  GLU n 
1 22  LEU n 
1 23  SER n 
1 24  GLU n 
1 25  ALA n 
1 26  GLU n 
1 27  ARG n 
1 28  LYS n 
1 29  ALA n 
1 30  VAL n 
1 31  GLN n 
1 32  ALA n 
1 33  MET n 
1 34  TRP n 
1 35  ALA n 
1 36  ARG n 
1 37  LEU n 
1 38  TYR n 
1 39  ALA n 
1 40  ASN n 
1 41  CYS n 
1 42  GLU n 
1 43  ASP n 
1 44  VAL n 
1 45  GLY n 
1 46  VAL n 
1 47  ALA n 
1 48  ILE n 
1 49  LEU n 
1 50  VAL n 
1 51  ARG n 
1 52  PHE n 
1 53  PHE n 
1 54  VAL n 
1 55  ASN n 
1 56  PHE n 
1 57  PRO n 
1 58  SER n 
1 59  ALA n 
1 60  LYS n 
1 61  GLN n 
1 62  TYR n 
1 63  PHE n 
1 64  SER n 
1 65  GLN n 
1 66  PHE n 
1 67  LYS n 
1 68  HIS n 
1 69  MET n 
1 70  GLU n 
1 71  ASP n 
1 72  PRO n 
1 73  LEU n 
1 74  GLU n 
1 75  MET n 
1 76  GLU n 
1 77  ARG n 
1 78  SER n 
1 79  PRO n 
1 80  GLN n 
1 81  LEU n 
1 82  ARG n 
1 83  LYS n 
1 84  HIS n 
1 85  ALA n 
1 86  CYS n 
1 87  ARG n 
1 88  VAL n 
1 89  MET n 
1 90  GLY n 
1 91  ALA n 
1 92  LEU n 
1 93  ASN n 
1 94  THR n 
1 95  VAL n 
1 96  VAL n 
1 97  GLU n 
1 98  ASN n 
1 99  LEU n 
1 100 HIS n 
1 101 ASP n 
1 102 PRO n 
1 103 ASP n 
1 104 LYS n 
1 105 VAL n 
1 106 SER n 
1 107 SER n 
1 108 VAL n 
1 109 LEU n 
1 110 ALA n 
1 111 LEU n 
1 112 VAL n 
1 113 GLY n 
1 114 LYS n 
1 115 ALA n 
1 116 HIS n 
1 117 ALA n 
1 118 LEU n 
1 119 LYS n 
1 120 HIS n 
1 121 LYS n 
1 122 VAL n 
1 123 GLU n 
1 124 PRO n 
1 125 VAL n 
1 126 TYR n 
1 127 PHE n 
1 128 LYS n 
1 129 ILE n 
1 130 LEU n 
1 131 SER n 
1 132 GLY n 
1 133 VAL n 
1 134 ILE n 
1 135 LEU n 
1 136 GLU n 
1 137 VAL n 
1 138 VAL n 
1 139 ALA n 
1 140 GLU n 
1 141 GLU n 
1 142 PHE n 
1 143 ALA n 
1 144 SER n 
1 145 ASP n 
1 146 PHE n 
1 147 PRO n 
1 148 PRO n 
1 149 GLU n 
1 150 THR n 
1 151 GLN n 
1 152 ARG n 
1 153 ALA n 
1 154 TRP n 
1 155 ALA n 
1 156 LYS n 
1 157 LEU n 
1 158 ARG n 
1 159 GLY n 
1 160 LEU n 
1 161 ILE n 
1 162 TYR n 
1 163 SER n 
1 164 HIS n 
1 165 VAL n 
1 166 THR n 
1 167 ALA n 
1 168 ALA n 
1 169 TYR n 
1 170 LYS n 
1 171 GLU n 
1 172 VAL n 
1 173 GLY n 
1 174 TRP n 
1 175 VAL n 
1 176 GLN n 
1 177 GLN n 
1 178 VAL n 
1 179 PRO n 
1 180 ASN n 
1 181 ALA n 
1 182 THR n 
1 183 THR n 
1 184 PRO n 
1 185 PRO n 
1 186 ALA n 
1 187 THR n 
1 188 LEU n 
1 189 PRO n 
1 190 SER n 
1 191 SER n 
1 192 GLY n 
1 193 PRO n 
# 
_entity_src_gen.entity_id                          1 
_entity_src_gen.pdbx_src_id                        1 
_entity_src_gen.pdbx_alt_source_flag               sample 
_entity_src_gen.pdbx_seq_type                      ? 
_entity_src_gen.pdbx_beg_seq_num                   ? 
_entity_src_gen.pdbx_end_seq_num                   ? 
_entity_src_gen.gene_src_common_name               human 
_entity_src_gen.gene_src_genus                     Homo 
_entity_src_gen.pdbx_gene_src_gene                 'CYGB, STAP' 
_entity_src_gen.gene_src_species                   ? 
_entity_src_gen.gene_src_strain                    ? 
_entity_src_gen.gene_src_tissue                    ? 
_entity_src_gen.gene_src_tissue_fraction           ? 
_entity_src_gen.gene_src_details                   ? 
_entity_src_gen.pdbx_gene_src_fragment             ? 
_entity_src_gen.pdbx_gene_src_scientific_name      'Homo sapiens' 
_entity_src_gen.pdbx_gene_src_ncbi_taxonomy_id     9606 
_entity_src_gen.pdbx_gene_src_variant              ? 
_entity_src_gen.pdbx_gene_src_cell_line            ? 
_entity_src_gen.pdbx_gene_src_atcc                 ? 
_entity_src_gen.pdbx_gene_src_organ                ? 
_entity_src_gen.pdbx_gene_src_organelle            ? 
_entity_src_gen.pdbx_gene_src_cell                 ? 
_entity_src_gen.pdbx_gene_src_cellular_location    ? 
_entity_src_gen.host_org_common_name               ? 
_entity_src_gen.pdbx_host_org_scientific_name      'Escherichia coli BL21(DE3)' 
_entity_src_gen.pdbx_host_org_ncbi_taxonomy_id     469008 
_entity_src_gen.host_org_genus                     Escherichia 
_entity_src_gen.pdbx_host_org_gene                 ? 
_entity_src_gen.pdbx_host_org_organ                ? 
_entity_src_gen.host_org_species                   'Escherichia coli' 
_entity_src_gen.pdbx_host_org_tissue               ? 
_entity_src_gen.pdbx_host_org_tissue_fraction      ? 
_entity_src_gen.pdbx_host_org_strain               'BL21(DE3)' 
_entity_src_gen.pdbx_host_org_variant              ? 
_entity_src_gen.pdbx_host_org_cell_line            ? 
_entity_src_gen.pdbx_host_org_atcc                 ? 
_entity_src_gen.pdbx_host_org_culture_collection   ? 
_entity_src_gen.pdbx_host_org_cell                 ? 
_entity_src_gen.pdbx_host_org_organelle            ? 
_entity_src_gen.pdbx_host_org_cellular_location    ? 
_entity_src_gen.pdbx_host_org_vector_type          plasmid 
_entity_src_gen.pdbx_host_org_vector               ? 
_entity_src_gen.host_org_details                   ? 
_entity_src_gen.expression_system_id               ? 
_entity_src_gen.plasmid_name                       pET-15b 
_entity_src_gen.plasmid_details                    ? 
_entity_src_gen.pdbx_description                   ? 
# 
loop_
_chem_comp.id 
_chem_comp.type 
_chem_comp.mon_nstd_flag 
_chem_comp.name 
_chem_comp.pdbx_synonyms 
_chem_comp.formula 
_chem_comp.formula_weight 
ALA 'L-peptide linking' y ALANINE                           ?    'C3 H7 N O2'       89.093  
ARG 'L-peptide linking' y ARGININE                          ?    'C6 H15 N4 O2 1'   175.209 
ASN 'L-peptide linking' y ASPARAGINE                        ?    'C4 H8 N2 O3'      132.118 
ASP 'L-peptide linking' y 'ASPARTIC ACID'                   ?    'C4 H7 N O4'       133.103 
CYS 'L-peptide linking' y CYSTEINE                          ?    'C3 H7 N O2 S'     121.158 
GLN 'L-peptide linking' y GLUTAMINE                         ?    'C5 H10 N2 O3'     146.144 
GLU 'L-peptide linking' y 'GLUTAMIC ACID'                   ?    'C5 H9 N O4'       147.129 
GLY 'peptide linking'   y GLYCINE                           ?    'C2 H5 N O2'       75.067  
HEM non-polymer         . 'PROTOPORPHYRIN IX CONTAINING FE' HEME 'C34 H32 Fe N4 O4' 616.487 
HIS 'L-peptide linking' y HISTIDINE                         ?    'C6 H10 N3 O2 1'   156.162 
HOH non-polymer         . WATER                             ?    'H2 O'             18.015  
ILE 'L-peptide linking' y ISOLEUCINE                        ?    'C6 H13 N O2'      131.173 
LEU 'L-peptide linking' y LEUCINE                           ?    'C6 H13 N O2'      131.173 
LYS 'L-peptide linking' y LYSINE                            ?    'C6 H15 N2 O2 1'   147.195 
MET 'L-peptide linking' y METHIONINE                        ?    'C5 H11 N O2 S'    149.211 
PHE 'L-peptide linking' y PHENYLALANINE                     ?    'C9 H11 N O2'      165.189 
PRO 'L-peptide linking' y PROLINE                           ?    'C5 H9 N O2'       115.130 
SER 'L-peptide linking' y SERINE                            ?    'C3 H7 N O3'       105.093 
THR 'L-peptide linking' y THREONINE                         ?    'C4 H9 N O3'       119.119 
TRP 'L-peptide linking' y TRYPTOPHAN                        ?    'C11 H12 N2 O2'    204.225 
TYR 'L-peptide linking' y TYROSINE                          ?    'C9 H11 N O3'      181.189 
VAL 'L-peptide linking' y VALINE                            ?    'C5 H11 N O2'      117.146 
# 
loop_
_pdbx_poly_seq_scheme.asym_id 
_pdbx_poly_seq_scheme.entity_id 
_pdbx_poly_seq_scheme.seq_id 
_pdbx_poly_seq_scheme.mon_id 
_pdbx_poly_seq_scheme.ndb_seq_num 
_pdbx_poly_seq_scheme.pdb_seq_num 
_pdbx_poly_seq_scheme.auth_seq_num 
_pdbx_poly_seq_scheme.pdb_mon_id 
_pdbx_poly_seq_scheme.auth_mon_id 
_pdbx_poly_seq_scheme.pdb_strand_id 
_pdbx_poly_seq_scheme.pdb_ins_code 
_pdbx_poly_seq_scheme.hetero 
A 1 1   GLY 1   -2  ?   ?   ?   A . n 
A 1 2   SER 2   -1  ?   ?   ?   A . n 
A 1 3   HIS 3   0   ?   ?   ?   A . n 
A 1 4   MET 4   1   ?   ?   ?   A . n 
A 1 5   GLU 5   2   ?   ?   ?   A . n 
A 1 6   LYS 6   3   ?   ?   ?   A . n 
A 1 7   VAL 7   4   ?   ?   ?   A . n 
A 1 8   PRO 8   5   ?   ?   ?   A . n 
A 1 9   GLY 9   6   ?   ?   ?   A . n 
A 1 10  GLU 10  7   ?   ?   ?   A . n 
A 1 11  MET 11  8   ?   ?   ?   A . n 
A 1 12  GLU 12  9   ?   ?   ?   A . n 
A 1 13  ILE 13  10  ?   ?   ?   A . n 
A 1 14  GLU 14  11  ?   ?   ?   A . n 
A 1 15  ARG 15  12  ?   ?   ?   A . n 
A 1 16  ARG 16  13  ?   ?   ?   A . n 
A 1 17  GLU 17  14  ?   ?   ?   A . n 
A 1 18  ARG 18  15  ?   ?   ?   A . n 
A 1 19  SER 19  16  ?   ?   ?   A . n 
A 1 20  GLU 20  17  ?   ?   ?   A . n 
A 1 21  GLU 21  18  ?   ?   ?   A . n 
A 1 22  LEU 22  19  ?   ?   ?   A . n 
A 1 23  SER 23  20  ?   ?   ?   A . n 
A 1 24  GLU 24  21  21  GLU GLU A . n 
A 1 25  ALA 25  22  22  ALA ALA A . n 
A 1 26  GLU 26  23  23  GLU GLU A . n 
A 1 27  ARG 27  24  24  ARG ARG A . n 
A 1 28  LYS 28  25  25  LYS LYS A . n 
A 1 29  ALA 29  26  26  ALA ALA A . n 
A 1 30  VAL 30  27  27  VAL VAL A . n 
A 1 31  GLN 31  28  28  GLN GLN A . n 
A 1 32  ALA 32  29  29  ALA ALA A . n 
A 1 33  MET 33  30  30  MET MET A . n 
A 1 34  TRP 34  31  31  TRP TRP A . n 
A 1 35  ALA 35  32  32  ALA ALA A . n 
A 1 36  ARG 36  33  33  ARG ARG A . n 
A 1 37  LEU 37  34  34  LEU LEU A . n 
A 1 38  TYR 38  35  35  TYR TYR A . n 
A 1 39  ALA 39  36  36  ALA ALA A . n 
A 1 40  ASN 40  37  37  ASN ASN A . n 
A 1 41  CYS 41  38  38  CYS CYS A . n 
A 1 42  GLU 42  39  39  GLU GLU A . n 
A 1 43  ASP 43  40  40  ASP ASP A . n 
A 1 44  VAL 44  41  41  VAL VAL A . n 
A 1 45  GLY 45  42  42  GLY GLY A . n 
A 1 46  VAL 46  43  43  VAL VAL A . n 
A 1 47  ALA 47  44  44  ALA ALA A . n 
A 1 48  ILE 48  45  45  ILE ILE A . n 
A 1 49  LEU 49  46  46  LEU LEU A . n 
A 1 50  VAL 50  47  47  VAL VAL A . n 
A 1 51  ARG 51  48  48  ARG ARG A . n 
A 1 52  PHE 52  49  49  PHE PHE A . n 
A 1 53  PHE 53  50  50  PHE PHE A . n 
A 1 54  VAL 54  51  51  VAL VAL A . n 
A 1 55  ASN 55  52  52  ASN ASN A . n 
A 1 56  PHE 56  53  53  PHE PHE A . n 
A 1 57  PRO 57  54  54  PRO PRO A . n 
A 1 58  SER 58  55  55  SER SER A . n 
A 1 59  ALA 59  56  56  ALA ALA A . n 
A 1 60  LYS 60  57  57  LYS LYS A . n 
A 1 61  GLN 61  58  58  GLN GLN A . n 
A 1 62  TYR 62  59  59  TYR TYR A . n 
A 1 63  PHE 63  60  60  PHE PHE A . n 
A 1 64  SER 64  61  61  SER SER A . n 
A 1 65  GLN 65  62  62  GLN GLN A . n 
A 1 66  PHE 66  63  63  PHE PHE A . n 
A 1 67  LYS 67  64  64  LYS LYS A . n 
A 1 68  HIS 68  65  65  HIS HIS A . n 
A 1 69  MET 69  66  66  MET MET A . n 
A 1 70  GLU 70  67  67  GLU GLU A . n 
A 1 71  ASP 71  68  68  ASP ASP A . n 
A 1 72  PRO 72  69  69  PRO PRO A . n 
A 1 73  LEU 73  70  70  LEU LEU A . n 
A 1 74  GLU 74  71  71  GLU GLU A . n 
A 1 75  MET 75  72  72  MET MET A . n 
A 1 76  GLU 76  73  73  GLU GLU A . n 
A 1 77  ARG 77  74  74  ARG ARG A . n 
A 1 78  SER 78  75  75  SER SER A . n 
A 1 79  PRO 79  76  76  PRO PRO A . n 
A 1 80  GLN 80  77  77  GLN GLN A . n 
A 1 81  LEU 81  78  78  LEU LEU A . n 
A 1 82  ARG 82  79  79  ARG ARG A . n 
A 1 83  LYS 83  80  80  LYS LYS A . n 
A 1 84  HIS 84  81  81  HIS HIS A . n 
A 1 85  ALA 85  82  82  ALA ALA A . n 
A 1 86  CYS 86  83  83  CYS CYS A . n 
A 1 87  ARG 87  84  84  ARG ARG A . n 
A 1 88  VAL 88  85  85  VAL VAL A . n 
A 1 89  MET 89  86  86  MET MET A . n 
A 1 90  GLY 90  87  87  GLY GLY A . n 
A 1 91  ALA 91  88  88  ALA ALA A . n 
A 1 92  LEU 92  89  89  LEU LEU A . n 
A 1 93  ASN 93  90  90  ASN ASN A . n 
A 1 94  THR 94  91  91  THR THR A . n 
A 1 95  VAL 95  92  92  VAL VAL A . n 
A 1 96  VAL 96  93  93  VAL VAL A . n 
A 1 97  GLU 97  94  94  GLU GLU A . n 
A 1 98  ASN 98  95  95  ASN ASN A . n 
A 1 99  LEU 99  96  96  LEU LEU A . n 
A 1 100 HIS 100 97  97  HIS HIS A . n 
A 1 101 ASP 101 98  98  ASP ASP A . n 
A 1 102 PRO 102 99  99  PRO PRO A . n 
A 1 103 ASP 103 100 100 ASP ASP A . n 
A 1 104 LYS 104 101 101 LYS LYS A . n 
A 1 105 VAL 105 102 102 VAL VAL A . n 
A 1 106 SER 106 103 103 SER SER A . n 
A 1 107 SER 107 104 104 SER SER A . n 
A 1 108 VAL 108 105 105 VAL VAL A . n 
A 1 109 LEU 109 106 106 LEU LEU A . n 
A 1 110 ALA 110 107 107 ALA ALA A . n 
A 1 111 LEU 111 108 108 LEU LEU A . n 
A 1 112 VAL 112 109 109 VAL VAL A . n 
A 1 113 GLY 113 110 110 GLY GLY A . n 
A 1 114 LYS 114 111 111 LYS LYS A . n 
A 1 115 ALA 115 112 112 ALA ALA A . n 
A 1 116 HIS 116 113 113 HIS HIS A . n 
A 1 117 ALA 117 114 114 ALA ALA A . n 
A 1 118 LEU 118 115 115 LEU LEU A . n 
A 1 119 LYS 119 116 116 LYS LYS A . n 
A 1 120 HIS 120 117 117 HIS HIS A . n 
A 1 121 LYS 121 118 118 LYS LYS A . n 
A 1 122 VAL 122 119 119 VAL VAL A . n 
A 1 123 GLU 123 120 120 GLU GLU A . n 
A 1 124 PRO 124 121 121 PRO PRO A . n 
A 1 125 VAL 125 122 122 VAL VAL A . n 
A 1 126 TYR 126 123 123 TYR TYR A . n 
A 1 127 PHE 127 124 124 PHE PHE A . n 
A 1 128 LYS 128 125 125 LYS LYS A . n 
A 1 129 ILE 129 126 126 ILE ILE A . n 
A 1 130 LEU 130 127 127 LEU LEU A . n 
A 1 131 SER 131 128 128 SER SER A . n 
A 1 132 GLY 132 129 129 GLY GLY A . n 
A 1 133 VAL 133 130 130 VAL VAL A . n 
A 1 134 ILE 134 131 131 ILE ILE A . n 
A 1 135 LEU 135 132 132 LEU LEU A . n 
A 1 136 GLU 136 133 133 GLU GLU A . n 
A 1 137 VAL 137 134 134 VAL VAL A . n 
A 1 138 VAL 138 135 135 VAL VAL A . n 
A 1 139 ALA 139 136 136 ALA ALA A . n 
A 1 140 GLU 140 137 137 GLU GLU A . n 
A 1 141 GLU 141 138 138 GLU GLU A . n 
A 1 142 PHE 142 139 139 PHE PHE A . n 
A 1 143 ALA 143 140 140 ALA ALA A . n 
A 1 144 SER 144 141 141 SER SER A . n 
A 1 145 ASP 145 142 142 ASP ASP A . n 
A 1 146 PHE 146 143 143 PHE PHE A . n 
A 1 147 PRO 147 144 144 PRO PRO A . n 
A 1 148 PRO 148 145 145 PRO PRO A . n 
A 1 149 GLU 149 146 146 GLU GLU A . n 
A 1 150 THR 150 147 147 THR THR A . n 
A 1 151 GLN 151 148 148 GLN GLN A . n 
A 1 152 ARG 152 149 149 ARG ARG A . n 
A 1 153 ALA 153 150 150 ALA ALA A . n 
A 1 154 TRP 154 151 151 TRP TRP A . n 
A 1 155 ALA 155 152 152 ALA ALA A . n 
A 1 156 LYS 156 153 153 LYS LYS A . n 
A 1 157 LEU 157 154 154 LEU LEU A . n 
A 1 158 ARG 158 155 155 ARG ARG A . n 
A 1 159 GLY 159 156 156 GLY GLY A . n 
A 1 160 LEU 160 157 157 LEU LEU A . n 
A 1 161 ILE 161 158 158 ILE ILE A . n 
A 1 162 TYR 162 159 159 TYR TYR A . n 
A 1 163 SER 163 160 160 SER SER A . n 
A 1 164 HIS 164 161 161 HIS HIS A . n 
A 1 165 VAL 165 162 162 VAL VAL A . n 
A 1 166 THR 166 163 163 THR THR A . n 
A 1 167 ALA 167 164 164 ALA ALA A . n 
A 1 168 ALA 168 165 165 ALA ALA A . n 
A 1 169 TYR 169 166 166 TYR TYR A . n 
A 1 170 LYS 170 167 167 LYS LYS A . n 
A 1 171 GLU 171 168 168 GLU GLU A . n 
A 1 172 VAL 172 169 169 VAL VAL A . n 
A 1 173 GLY 173 170 170 GLY GLY A . n 
A 1 174 TRP 174 171 171 TRP TRP A . n 
A 1 175 VAL 175 172 ?   ?   ?   A . n 
A 1 176 GLN 176 173 ?   ?   ?   A . n 
A 1 177 GLN 177 174 ?   ?   ?   A . n 
A 1 178 VAL 178 175 ?   ?   ?   A . n 
A 1 179 PRO 179 176 ?   ?   ?   A . n 
A 1 180 ASN 180 177 ?   ?   ?   A . n 
A 1 181 ALA 181 178 ?   ?   ?   A . n 
A 1 182 THR 182 179 ?   ?   ?   A . n 
A 1 183 THR 183 180 ?   ?   ?   A . n 
A 1 184 PRO 184 181 ?   ?   ?   A . n 
A 1 185 PRO 185 182 ?   ?   ?   A . n 
A 1 186 ALA 186 183 ?   ?   ?   A . n 
A 1 187 THR 187 184 ?   ?   ?   A . n 
A 1 188 LEU 188 185 ?   ?   ?   A . n 
A 1 189 PRO 189 186 ?   ?   ?   A . n 
A 1 190 SER 190 187 ?   ?   ?   A . n 
A 1 191 SER 191 188 ?   ?   ?   A . n 
A 1 192 GLY 192 189 ?   ?   ?   A . n 
A 1 193 PRO 193 190 ?   ?   ?   A . n 
# 
loop_
_pdbx_nonpoly_scheme.asym_id 
_pdbx_nonpoly_scheme.entity_id 
_pdbx_nonpoly_scheme.mon_id 
_pdbx_nonpoly_scheme.ndb_seq_num 
_pdbx_nonpoly_scheme.pdb_seq_num 
_pdbx_nonpoly_scheme.auth_seq_num 
_pdbx_nonpoly_scheme.pdb_mon_id 
_pdbx_nonpoly_scheme.auth_mon_id 
_pdbx_nonpoly_scheme.pdb_strand_id 
_pdbx_nonpoly_scheme.pdb_ins_code 
B 2 HEM 1  191 191 HEM HEM A . 
C 3 HOH 1  192 1   HOH HOH A . 
C 3 HOH 2  193 2   HOH HOH A . 
C 3 HOH 3  194 3   HOH HOH A . 
C 3 HOH 4  195 4   HOH HOH A . 
C 3 HOH 5  196 5   HOH HOH A . 
C 3 HOH 6  197 6   HOH HOH A . 
C 3 HOH 7  198 7   HOH HOH A . 
C 3 HOH 8  199 8   HOH HOH A . 
C 3 HOH 9  200 9   HOH HOH A . 
C 3 HOH 10 201 10  HOH HOH A . 
C 3 HOH 11 202 11  HOH HOH A . 
C 3 HOH 12 203 12  HOH HOH A . 
C 3 HOH 13 204 13  HOH HOH A . 
C 3 HOH 14 205 14  HOH HOH A . 
C 3 HOH 15 206 15  HOH HOH A . 
C 3 HOH 16 207 16  HOH HOH A . 
C 3 HOH 17 208 17  HOH HOH A . 
C 3 HOH 18 209 18  HOH HOH A . 
C 3 HOH 19 210 19  HOH HOH A . 
C 3 HOH 20 211 20  HOH HOH A . 
C 3 HOH 21 212 21  HOH HOH A . 
C 3 HOH 22 213 22  HOH HOH A . 
C 3 HOH 23 214 23  HOH HOH A . 
C 3 HOH 24 215 24  HOH HOH A . 
C 3 HOH 25 216 25  HOH HOH A . 
C 3 HOH 26 217 26  HOH HOH A . 
C 3 HOH 27 218 27  HOH HOH A . 
C 3 HOH 28 219 28  HOH HOH A . 
C 3 HOH 29 220 29  HOH HOH A . 
C 3 HOH 30 221 30  HOH HOH A . 
# 
loop_
_software.name 
_software.classification 
_software.version 
_software.citation_id 
_software.pdbx_ordinal 
CNS       refinement       1.1 ? 1 
DENZO     'data reduction' .   ? 2 
SCALEPACK 'data scaling'   .   ? 3 
SOLVE     phasing          .   ? 4 
# 
_cell.entry_id           1V5H 
_cell.length_a           74.401 
_cell.length_b           74.401 
_cell.length_c           59.634 
_cell.angle_alpha        90.00 
_cell.angle_beta         90.00 
_cell.angle_gamma        120.00 
_cell.Z_PDB              6 
_cell.pdbx_unique_axis   ? 
# 
_symmetry.entry_id                         1V5H 
_symmetry.space_group_name_H-M             'P 32 2 1' 
_symmetry.pdbx_full_space_group_name_H-M   ? 
_symmetry.cell_setting                     ? 
_symmetry.Int_Tables_number                154 
# 
_exptl.entry_id          1V5H 
_exptl.method            'X-RAY DIFFRACTION' 
_exptl.crystals_number   1 
# 
_exptl_crystal.id                    1 
_exptl_crystal.density_meas          ? 
_exptl_crystal.density_percent_sol   54.00 
_exptl_crystal.description           ? 
_exptl_crystal.density_Matthews      2.69 
# 
_exptl_crystal_grow.crystal_id      1 
_exptl_crystal_grow.method          'VAPOR DIFFUSION, SITTING DROP' 
_exptl_crystal_grow.temp            293 
_exptl_crystal_grow.temp_details    ? 
_exptl_crystal_grow.pH              9.2 
_exptl_crystal_grow.pdbx_details    'Sodium Citrate, CHES, pH 9.2, VAPOR DIFFUSION, SITTING DROP, temperature 293K' 
_exptl_crystal_grow.pdbx_pH_range   . 
# 
_diffrn.id                     1 
_diffrn.ambient_temp           100 
_diffrn.ambient_temp_details   ? 
_diffrn.crystal_id             1 
# 
_diffrn_detector.diffrn_id              1 
_diffrn_detector.detector               CCD 
_diffrn_detector.type                   MARRESEARCH 
_diffrn_detector.pdbx_collection_date   2003-04-13 
_diffrn_detector.details                ? 
# 
_diffrn_radiation.diffrn_id                        1 
_diffrn_radiation.wavelength_id                    1 
_diffrn_radiation.pdbx_monochromatic_or_laue_m_l   M 
_diffrn_radiation.monochromator                    Si 
_diffrn_radiation.pdbx_diffrn_protocol             MAD 
_diffrn_radiation.pdbx_scattering_type             x-ray 
# 
loop_
_diffrn_radiation_wavelength.id 
_diffrn_radiation_wavelength.wavelength 
_diffrn_radiation_wavelength.wt 
1 1.0    1.0 
2 1.7409 1.0 
3 1.7394 1.0 
4 1.7364 1.0 
5 1.7432 1.0 
# 
_diffrn_source.diffrn_id                   1 
_diffrn_source.source                      SYNCHROTRON 
_diffrn_source.type                        'SPRING-8 BEAMLINE BL44B2' 
_diffrn_source.pdbx_synchrotron_site       SPring-8 
_diffrn_source.pdbx_synchrotron_beamline   BL44B2 
_diffrn_source.pdbx_wavelength             ? 
_diffrn_source.pdbx_wavelength_list        '1.0, 1.7409, 1.7394, 1.7364, 1.7432' 
# 
_reflns.entry_id                     1V5H 
_reflns.observed_criterion_sigma_I   0 
_reflns.observed_criterion_sigma_F   0 
_reflns.d_resolution_low             20 
_reflns.d_resolution_high            2.4 
_reflns.number_obs                   7348 
_reflns.number_all                   7348 
_reflns.percent_possible_obs         96.1 
_reflns.pdbx_Rmerge_I_obs            ? 
_reflns.pdbx_Rsym_value              0.06 
_reflns.pdbx_netI_over_sigmaI        ? 
_reflns.B_iso_Wilson_estimate        63.3 
_reflns.pdbx_redundancy              ? 
_reflns.R_free_details               ? 
_reflns.limit_h_max                  ? 
_reflns.limit_h_min                  ? 
_reflns.limit_k_max                  ? 
_reflns.limit_k_min                  ? 
_reflns.limit_l_max                  ? 
_reflns.limit_l_min                  ? 
_reflns.observed_criterion_F_max     ? 
_reflns.observed_criterion_F_min     ? 
_reflns.pdbx_diffrn_id               1 
_reflns.pdbx_ordinal                 1 
# 
_reflns_shell.d_res_high             2.4 
_reflns_shell.d_res_low              2.49 
_reflns_shell.percent_possible_all   76.1 
_reflns_shell.Rmerge_I_obs           ? 
_reflns_shell.pdbx_Rsym_value        0.289 
_reflns_shell.meanI_over_sigI_obs    ? 
_reflns_shell.pdbx_redundancy        ? 
_reflns_shell.percent_possible_obs   ? 
_reflns_shell.number_unique_all      579 
_reflns_shell.pdbx_diffrn_id         ? 
_reflns_shell.pdbx_ordinal           1 
# 
_refine.entry_id                                 1V5H 
_refine.ls_number_reflns_obs                     7331 
_refine.ls_number_reflns_all                     7331 
_refine.pdbx_ls_sigma_I                          ? 
_refine.pdbx_ls_sigma_F                          0.0 
_refine.pdbx_data_cutoff_high_absF               761175.43 
_refine.pdbx_data_cutoff_low_absF                0.000000 
_refine.pdbx_data_cutoff_high_rms_absF           ? 
_refine.ls_d_res_low                             20.00 
_refine.ls_d_res_high                            2.40 
_refine.ls_percent_reflns_obs                    95.8 
_refine.ls_R_factor_obs                          0.248 
_refine.ls_R_factor_all                          ? 
_refine.ls_R_factor_R_work                       0.248 
_refine.ls_R_factor_R_free                       0.25 
_refine.ls_R_factor_R_free_error                 0.013 
_refine.ls_R_factor_R_free_error_details         ? 
_refine.ls_percent_reflns_R_free                 5.2 
_refine.ls_number_reflns_R_free                  384 
_refine.ls_number_parameters                     ? 
_refine.ls_number_restraints                     ? 
_refine.occupancy_min                            ? 
_refine.occupancy_max                            ? 
_refine.correlation_coeff_Fo_to_Fc               ? 
_refine.correlation_coeff_Fo_to_Fc_free          ? 
_refine.B_iso_mean                               71.3 
_refine.aniso_B[1][1]                            6.31 
_refine.aniso_B[2][2]                            11.63 
_refine.aniso_B[3][3]                            -17.95 
_refine.aniso_B[1][2]                            4.67 
_refine.aniso_B[1][3]                            0.00 
_refine.aniso_B[2][3]                            0.00 
_refine.solvent_model_details                    'FLAT MODEL' 
_refine.solvent_model_param_ksol                 0.329863 
_refine.solvent_model_param_bsol                 62.5286 
_refine.pdbx_solvent_vdw_probe_radii             ? 
_refine.pdbx_solvent_ion_probe_radii             ? 
_refine.pdbx_solvent_shrinkage_radii             ? 
_refine.pdbx_ls_cross_valid_method               THROUGHOUT 
_refine.details                                  ? 
_refine.pdbx_starting_model                      ? 
_refine.pdbx_method_to_determine_struct          MAD 
_refine.pdbx_isotropic_thermal_model             RESTRAINED 
_refine.pdbx_stereochemistry_target_values       'Engh & Huber' 
_refine.pdbx_stereochem_target_val_spec_case     ? 
_refine.pdbx_R_Free_selection_details            RANDOM 
_refine.pdbx_overall_ESU_R                       ? 
_refine.pdbx_overall_ESU_R_Free                  ? 
_refine.overall_SU_ML                            ? 
_refine.overall_SU_B                             ? 
_refine.ls_redundancy_reflns_obs                 ? 
_refine.B_iso_min                                ? 
_refine.B_iso_max                                ? 
_refine.overall_SU_R_Cruickshank_DPI             ? 
_refine.overall_SU_R_free                        ? 
_refine.pdbx_refine_id                           'X-RAY DIFFRACTION' 
_refine.pdbx_diffrn_id                           1 
_refine.pdbx_TLS_residual_ADP_flag               ? 
_refine.pdbx_overall_phase_error                 ? 
_refine.pdbx_overall_SU_R_free_Cruickshank_DPI   ? 
_refine.pdbx_overall_SU_R_Blow_DPI               ? 
_refine.pdbx_overall_SU_R_free_Blow_DPI          ? 
# 
_refine_analyze.entry_id                        1V5H 
_refine_analyze.Luzzati_coordinate_error_obs    0.39 
_refine_analyze.Luzzati_sigma_a_obs             0.46 
_refine_analyze.Luzzati_d_res_low_obs           5.00 
_refine_analyze.Luzzati_coordinate_error_free   0.41 
_refine_analyze.Luzzati_sigma_a_free            0.40 
_refine_analyze.Luzzati_d_res_low_free          ? 
_refine_analyze.number_disordered_residues      ? 
_refine_analyze.occupancy_sum_hydrogen          ? 
_refine_analyze.occupancy_sum_non_hydrogen      ? 
_refine_analyze.pdbx_Luzzati_d_res_high_obs     ? 
_refine_analyze.pdbx_refine_id                  'X-RAY DIFFRACTION' 
# 
_refine_hist.pdbx_refine_id                   'X-RAY DIFFRACTION' 
_refine_hist.cycle_id                         LAST 
_refine_hist.pdbx_number_atoms_protein        1220 
_refine_hist.pdbx_number_atoms_nucleic_acid   0 
_refine_hist.pdbx_number_atoms_ligand         43 
_refine_hist.number_atoms_solvent             30 
_refine_hist.number_atoms_total               1293 
_refine_hist.d_res_high                       2.40 
_refine_hist.d_res_low                        20.00 
# 
loop_
_refine_ls_restr.type 
_refine_ls_restr.dev_ideal 
_refine_ls_restr.dev_ideal_target 
_refine_ls_restr.weight 
_refine_ls_restr.number 
_refine_ls_restr.pdbx_refine_id 
_refine_ls_restr.pdbx_restraint_function 
c_bond_d                0.013 ? ? ? 'X-RAY DIFFRACTION' ? 
c_bond_d_na             ?     ? ? ? 'X-RAY DIFFRACTION' ? 
c_bond_d_prot           ?     ? ? ? 'X-RAY DIFFRACTION' ? 
c_angle_d               ?     ? ? ? 'X-RAY DIFFRACTION' ? 
c_angle_d_na            ?     ? ? ? 'X-RAY DIFFRACTION' ? 
c_angle_d_prot          ?     ? ? ? 'X-RAY DIFFRACTION' ? 
c_angle_deg             2.1   ? ? ? 'X-RAY DIFFRACTION' ? 
c_angle_deg_na          ?     ? ? ? 'X-RAY DIFFRACTION' ? 
c_angle_deg_prot        ?     ? ? ? 'X-RAY DIFFRACTION' ? 
c_dihedral_angle_d      20.1  ? ? ? 'X-RAY DIFFRACTION' ? 
c_dihedral_angle_d_na   ?     ? ? ? 'X-RAY DIFFRACTION' ? 
c_dihedral_angle_d_prot ?     ? ? ? 'X-RAY DIFFRACTION' ? 
c_improper_angle_d      1.32  ? ? ? 'X-RAY DIFFRACTION' ? 
c_improper_angle_d_na   ?     ? ? ? 'X-RAY DIFFRACTION' ? 
c_improper_angle_d_prot ?     ? ? ? 'X-RAY DIFFRACTION' ? 
c_mcbond_it             ?     ? ? ? 'X-RAY DIFFRACTION' ? 
c_mcangle_it            ?     ? ? ? 'X-RAY DIFFRACTION' ? 
c_scbond_it             ?     ? ? ? 'X-RAY DIFFRACTION' ? 
c_scangle_it            ?     ? ? ? 'X-RAY DIFFRACTION' ? 
# 
_refine_ls_shell.pdbx_total_number_of_bins_used   6 
_refine_ls_shell.d_res_high                       2.40 
_refine_ls_shell.d_res_low                        2.55 
_refine_ls_shell.number_reflns_R_work             896 
_refine_ls_shell.R_factor_R_work                  0.372 
_refine_ls_shell.percent_reflns_obs               76.6 
_refine_ls_shell.R_factor_R_free                  0.409 
_refine_ls_shell.R_factor_R_free_error            0.057 
_refine_ls_shell.percent_reflns_R_free            5.5 
_refine_ls_shell.number_reflns_R_free             52 
_refine_ls_shell.number_reflns_obs                ? 
_refine_ls_shell.redundancy_reflns_obs            ? 
_refine_ls_shell.number_reflns_all                ? 
_refine_ls_shell.pdbx_refine_id                   'X-RAY DIFFRACTION' 
_refine_ls_shell.R_factor_all                     ? 
# 
_struct.entry_id                  1V5H 
_struct.title                     'Crystal Structure of Human Cytoglobin (Ferric Form)' 
_struct.pdbx_model_details        ? 
_struct.pdbx_CASP_flag            ? 
_struct.pdbx_model_type_details   ? 
# 
_struct_keywords.entry_id        1V5H 
_struct_keywords.pdbx_keywords   'OXYGEN STORAGE/TRANSPORT' 
_struct_keywords.text            
;globin, heme, oxygen transport, oxygen storage, ligand binding, RIKEN Structural Genomics/Proteomics Initiative, RSGI, Structural Genomics, OXYGEN STORAGE-TRANSPORT COMPLEX
;
# 
loop_
_struct_asym.id 
_struct_asym.pdbx_blank_PDB_chainid_flag 
_struct_asym.pdbx_modified 
_struct_asym.entity_id 
_struct_asym.details 
A N N 1 ? 
B N N 2 ? 
C N N 3 ? 
# 
_struct_ref.id                         1 
_struct_ref.db_name                    UNP 
_struct_ref.db_code                    CYGB_HUMAN 
_struct_ref.pdbx_db_accession          Q8WWM9 
_struct_ref.entity_id                  1 
_struct_ref.pdbx_seq_one_letter_code   
;MEKVPGEMEIERRERSEELSEAERKAVQAMWARLYANCEDVGVAILVRFFVNFPSAKQYFSQFKHMEDPLEMERSPQLRK
HACRVMGALNTVVENLHDPDKVSSVLALVGKAHALKHKVEPVYFKILSGVILEVVAEEFASDFPPETQRAWAKLRGLIYS
HVTAAYKEVGWVQQVPNATTPPATLPSSGP
;
_struct_ref.pdbx_align_begin           1 
_struct_ref.pdbx_db_isoform            ? 
# 
_struct_ref_seq.align_id                      1 
_struct_ref_seq.ref_id                        1 
_struct_ref_seq.pdbx_PDB_id_code              1V5H 
_struct_ref_seq.pdbx_strand_id                A 
_struct_ref_seq.seq_align_beg                 4 
_struct_ref_seq.pdbx_seq_align_beg_ins_code   ? 
_struct_ref_seq.seq_align_end                 193 
_struct_ref_seq.pdbx_seq_align_end_ins_code   ? 
_struct_ref_seq.pdbx_db_accession             Q8WWM9 
_struct_ref_seq.db_align_beg                  1 
_struct_ref_seq.pdbx_db_align_beg_ins_code    ? 
_struct_ref_seq.db_align_end                  190 
_struct_ref_seq.pdbx_db_align_end_ins_code    ? 
_struct_ref_seq.pdbx_auth_seq_align_beg       1 
_struct_ref_seq.pdbx_auth_seq_align_end       190 
# 
loop_
_struct_ref_seq_dif.align_id 
_struct_ref_seq_dif.pdbx_pdb_id_code 
_struct_ref_seq_dif.mon_id 
_struct_ref_seq_dif.pdbx_pdb_strand_id 
_struct_ref_seq_dif.seq_num 
_struct_ref_seq_dif.pdbx_pdb_ins_code 
_struct_ref_seq_dif.pdbx_seq_db_name 
_struct_ref_seq_dif.pdbx_seq_db_accession_code 
_struct_ref_seq_dif.db_mon_id 
_struct_ref_seq_dif.pdbx_seq_db_seq_num 
_struct_ref_seq_dif.details 
_struct_ref_seq_dif.pdbx_auth_seq_num 
_struct_ref_seq_dif.pdbx_ordinal 
1 1V5H GLY A 1 ? UNP Q8WWM9 ? ? 'cloning artifact' -2 1 
1 1V5H SER A 2 ? UNP Q8WWM9 ? ? 'cloning artifact' -1 2 
1 1V5H HIS A 3 ? UNP Q8WWM9 ? ? 'cloning artifact' 0  3 
# 
_pdbx_struct_assembly.id                   1 
_pdbx_struct_assembly.details              author_defined_assembly 
_pdbx_struct_assembly.method_details       ? 
_pdbx_struct_assembly.oligomeric_details   dimeric 
_pdbx_struct_assembly.oligomeric_count     2 
# 
_pdbx_struct_assembly_gen.assembly_id       1 
_pdbx_struct_assembly_gen.oper_expression   1,2 
_pdbx_struct_assembly_gen.asym_id_list      A,B,C 
# 
loop_
_pdbx_struct_oper_list.id 
_pdbx_struct_oper_list.type 
_pdbx_struct_oper_list.name 
_pdbx_struct_oper_list.symmetry_operation 
_pdbx_struct_oper_list.matrix[1][1] 
_pdbx_struct_oper_list.matrix[1][2] 
_pdbx_struct_oper_list.matrix[1][3] 
_pdbx_struct_oper_list.vector[1] 
_pdbx_struct_oper_list.matrix[2][1] 
_pdbx_struct_oper_list.matrix[2][2] 
_pdbx_struct_oper_list.matrix[2][3] 
_pdbx_struct_oper_list.vector[2] 
_pdbx_struct_oper_list.matrix[3][1] 
_pdbx_struct_oper_list.matrix[3][2] 
_pdbx_struct_oper_list.matrix[3][3] 
_pdbx_struct_oper_list.vector[3] 
1 'identity operation'         1_555 x,y,z              1.0000000000 0.0000000000  0.0000000000  0.0000000000  0.0000000000  1.0000000000  0.0000000000 0.0000000000   0.0000000000  0.0000000000 1.0000000000  0.0000000000  
2 'crystal symmetry operation' 6_764 -x+2,-x+y+1,-z-1/3 0.0760125126 -0.5839334785 -0.8082349848 10.6020324759 -0.5839334785 -0.6831093475 0.4386152211 -13.0877212780 -0.8082349848 0.4386152211 -0.3929031652 23.5702222414 
# 
_struct_biol.id                    1 
_struct_biol.details               'The second part of the dimeric assembly is generated by the two fold axis: 2-X, Y-X+1, -1/3-Z' 
_struct_biol.pdbx_parent_biol_id   ? 
# 
loop_
_struct_conf.conf_type_id 
_struct_conf.id 
_struct_conf.pdbx_PDB_helix_id 
_struct_conf.beg_label_comp_id 
_struct_conf.beg_label_asym_id 
_struct_conf.beg_label_seq_id 
_struct_conf.pdbx_beg_PDB_ins_code 
_struct_conf.end_label_comp_id 
_struct_conf.end_label_asym_id 
_struct_conf.end_label_seq_id 
_struct_conf.pdbx_end_PDB_ins_code 
_struct_conf.beg_auth_comp_id 
_struct_conf.beg_auth_asym_id 
_struct_conf.beg_auth_seq_id 
_struct_conf.end_auth_comp_id 
_struct_conf.end_auth_asym_id 
_struct_conf.end_auth_seq_id 
_struct_conf.pdbx_PDB_helix_class 
_struct_conf.details 
_struct_conf.pdbx_PDB_helix_length 
HELX_P HELX_P1 1 ALA A 25  ? TYR A 38  ? ALA A 22  TYR A 35  1 ? 14 
HELX_P HELX_P2 2 ASP A 43  ? PHE A 56  ? ASP A 40  PHE A 53  1 ? 14 
HELX_P HELX_P3 3 PRO A 57  ? GLN A 61  ? PRO A 54  GLN A 58  5 ? 5  
HELX_P HELX_P4 4 ASP A 71  ? SER A 78  ? ASP A 68  SER A 75  1 ? 8  
HELX_P HELX_P5 5 SER A 78  ? ASN A 98  ? SER A 75  ASN A 95  1 ? 21 
HELX_P HELX_P6 6 ASP A 101 ? LYS A 119 ? ASP A 98  LYS A 116 1 ? 19 
HELX_P HELX_P7 7 PRO A 124 ? PHE A 142 ? PRO A 121 PHE A 139 1 ? 19 
HELX_P HELX_P8 8 GLU A 149 ? GLY A 173 ? GLU A 146 GLY A 170 1 ? 25 
# 
_struct_conf_type.id          HELX_P 
_struct_conf_type.criteria    ? 
_struct_conf_type.reference   ? 
# 
loop_
_struct_conn.id 
_struct_conn.conn_type_id 
_struct_conn.pdbx_leaving_atom_flag 
_struct_conn.pdbx_PDB_id 
_struct_conn.ptnr1_label_asym_id 
_struct_conn.ptnr1_label_comp_id 
_struct_conn.ptnr1_label_seq_id 
_struct_conn.ptnr1_label_atom_id 
_struct_conn.pdbx_ptnr1_label_alt_id 
_struct_conn.pdbx_ptnr1_PDB_ins_code 
_struct_conn.pdbx_ptnr1_standard_comp_id 
_struct_conn.ptnr1_symmetry 
_struct_conn.ptnr2_label_asym_id 
_struct_conn.ptnr2_label_comp_id 
_struct_conn.ptnr2_label_seq_id 
_struct_conn.ptnr2_label_atom_id 
_struct_conn.pdbx_ptnr2_label_alt_id 
_struct_conn.pdbx_ptnr2_PDB_ins_code 
_struct_conn.ptnr1_auth_asym_id 
_struct_conn.ptnr1_auth_comp_id 
_struct_conn.ptnr1_auth_seq_id 
_struct_conn.ptnr2_auth_asym_id 
_struct_conn.ptnr2_auth_comp_id 
_struct_conn.ptnr2_auth_seq_id 
_struct_conn.ptnr2_symmetry 
_struct_conn.pdbx_ptnr3_label_atom_id 
_struct_conn.pdbx_ptnr3_label_seq_id 
_struct_conn.pdbx_ptnr3_label_comp_id 
_struct_conn.pdbx_ptnr3_label_asym_id 
_struct_conn.pdbx_ptnr3_label_alt_id 
_struct_conn.pdbx_ptnr3_PDB_ins_code 
_struct_conn.details 
_struct_conn.pdbx_dist_value 
_struct_conn.pdbx_value_order 
_struct_conn.pdbx_role 
metalc1 metalc ? ? A HIS 84  NE2 ? ? ? 1_555 B HEM . FE ? ? A HIS 81  A HEM 191 1_555 ? ? ? ? ? ? ? 2.190 ? ? 
metalc2 metalc ? ? A HIS 116 NE2 ? ? ? 1_555 B HEM . FE ? ? A HIS 113 A HEM 191 1_555 ? ? ? ? ? ? ? 2.113 ? ? 
# 
_struct_conn_type.id          metalc 
_struct_conn_type.criteria    ? 
_struct_conn_type.reference   ? 
# 
loop_
_pdbx_struct_conn_angle.id 
_pdbx_struct_conn_angle.ptnr1_label_atom_id 
_pdbx_struct_conn_angle.ptnr1_label_alt_id 
_pdbx_struct_conn_angle.ptnr1_label_asym_id 
_pdbx_struct_conn_angle.ptnr1_label_comp_id 
_pdbx_struct_conn_angle.ptnr1_label_seq_id 
_pdbx_struct_conn_angle.ptnr1_auth_atom_id 
_pdbx_struct_conn_angle.ptnr1_auth_asym_id 
_pdbx_struct_conn_angle.ptnr1_auth_comp_id 
_pdbx_struct_conn_angle.ptnr1_auth_seq_id 
_pdbx_struct_conn_angle.ptnr1_PDB_ins_code 
_pdbx_struct_conn_angle.ptnr1_symmetry 
_pdbx_struct_conn_angle.ptnr2_label_atom_id 
_pdbx_struct_conn_angle.ptnr2_label_alt_id 
_pdbx_struct_conn_angle.ptnr2_label_asym_id 
_pdbx_struct_conn_angle.ptnr2_label_comp_id 
_pdbx_struct_conn_angle.ptnr2_label_seq_id 
_pdbx_struct_conn_angle.ptnr2_auth_atom_id 
_pdbx_struct_conn_angle.ptnr2_auth_asym_id 
_pdbx_struct_conn_angle.ptnr2_auth_comp_id 
_pdbx_struct_conn_angle.ptnr2_auth_seq_id 
_pdbx_struct_conn_angle.ptnr2_PDB_ins_code 
_pdbx_struct_conn_angle.ptnr2_symmetry 
_pdbx_struct_conn_angle.ptnr3_label_atom_id 
_pdbx_struct_conn_angle.ptnr3_label_alt_id 
_pdbx_struct_conn_angle.ptnr3_label_asym_id 
_pdbx_struct_conn_angle.ptnr3_label_comp_id 
_pdbx_struct_conn_angle.ptnr3_label_seq_id 
_pdbx_struct_conn_angle.ptnr3_auth_atom_id 
_pdbx_struct_conn_angle.ptnr3_auth_asym_id 
_pdbx_struct_conn_angle.ptnr3_auth_comp_id 
_pdbx_struct_conn_angle.ptnr3_auth_seq_id 
_pdbx_struct_conn_angle.ptnr3_PDB_ins_code 
_pdbx_struct_conn_angle.ptnr3_symmetry 
_pdbx_struct_conn_angle.value 
_pdbx_struct_conn_angle.value_esd 
1  NE2 ? A HIS 84 ? A HIS 81  ? 1_555 FE ? B HEM . ? A HEM 191 ? 1_555 NA  ? B HEM .   ? A HEM 191 ? 1_555 92.8  ? 
2  NE2 ? A HIS 84 ? A HIS 81  ? 1_555 FE ? B HEM . ? A HEM 191 ? 1_555 NB  ? B HEM .   ? A HEM 191 ? 1_555 95.9  ? 
3  NA  ? B HEM .  ? A HEM 191 ? 1_555 FE ? B HEM . ? A HEM 191 ? 1_555 NB  ? B HEM .   ? A HEM 191 ? 1_555 82.7  ? 
4  NE2 ? A HIS 84 ? A HIS 81  ? 1_555 FE ? B HEM . ? A HEM 191 ? 1_555 NC  ? B HEM .   ? A HEM 191 ? 1_555 87.9  ? 
5  NA  ? B HEM .  ? A HEM 191 ? 1_555 FE ? B HEM . ? A HEM 191 ? 1_555 NC  ? B HEM .   ? A HEM 191 ? 1_555 174.4 ? 
6  NB  ? B HEM .  ? A HEM 191 ? 1_555 FE ? B HEM . ? A HEM 191 ? 1_555 NC  ? B HEM .   ? A HEM 191 ? 1_555 91.7  ? 
7  NE2 ? A HIS 84 ? A HIS 81  ? 1_555 FE ? B HEM . ? A HEM 191 ? 1_555 ND  ? B HEM .   ? A HEM 191 ? 1_555 85.2  ? 
8  NA  ? B HEM .  ? A HEM 191 ? 1_555 FE ? B HEM . ? A HEM 191 ? 1_555 ND  ? B HEM .   ? A HEM 191 ? 1_555 99.5  ? 
9  NB  ? B HEM .  ? A HEM 191 ? 1_555 FE ? B HEM . ? A HEM 191 ? 1_555 ND  ? B HEM .   ? A HEM 191 ? 1_555 177.6 ? 
10 NC  ? B HEM .  ? A HEM 191 ? 1_555 FE ? B HEM . ? A HEM 191 ? 1_555 ND  ? B HEM .   ? A HEM 191 ? 1_555 86.1  ? 
11 NE2 ? A HIS 84 ? A HIS 81  ? 1_555 FE ? B HEM . ? A HEM 191 ? 1_555 NE2 ? A HIS 116 ? A HIS 113 ? 1_555 176.9 ? 
12 NA  ? B HEM .  ? A HEM 191 ? 1_555 FE ? B HEM . ? A HEM 191 ? 1_555 NE2 ? A HIS 116 ? A HIS 113 ? 1_555 85.0  ? 
13 NB  ? B HEM .  ? A HEM 191 ? 1_555 FE ? B HEM . ? A HEM 191 ? 1_555 NE2 ? A HIS 116 ? A HIS 113 ? 1_555 86.0  ? 
14 NC  ? B HEM .  ? A HEM 191 ? 1_555 FE ? B HEM . ? A HEM 191 ? 1_555 NE2 ? A HIS 116 ? A HIS 113 ? 1_555 94.5  ? 
15 ND  ? B HEM .  ? A HEM 191 ? 1_555 FE ? B HEM . ? A HEM 191 ? 1_555 NE2 ? A HIS 116 ? A HIS 113 ? 1_555 93.1  ? 
# 
_struct_site.id                   AC1 
_struct_site.pdbx_evidence_code   Software 
_struct_site.pdbx_auth_asym_id    A 
_struct_site.pdbx_auth_comp_id    HEM 
_struct_site.pdbx_auth_seq_id     191 
_struct_site.pdbx_auth_ins_code   ? 
_struct_site.pdbx_num_residues    18 
_struct_site.details              'BINDING SITE FOR RESIDUE HEM A 191' 
# 
loop_
_struct_site_gen.id 
_struct_site_gen.site_id 
_struct_site_gen.pdbx_num_res 
_struct_site_gen.label_comp_id 
_struct_site_gen.label_asym_id 
_struct_site_gen.label_seq_id 
_struct_site_gen.pdbx_auth_ins_code 
_struct_site_gen.auth_comp_id 
_struct_site_gen.auth_asym_id 
_struct_site_gen.auth_seq_id 
_struct_site_gen.label_atom_id 
_struct_site_gen.label_alt_id 
_struct_site_gen.symmetry 
_struct_site_gen.details 
1  AC1 18 SER A 58  ? SER A 55  . ? 2_654 ? 
2  AC1 18 ALA A 59  ? ALA A 56  . ? 1_555 ? 
3  AC1 18 TYR A 62  ? TYR A 59  . ? 1_555 ? 
4  AC1 18 PHE A 63  ? PHE A 60  . ? 1_555 ? 
5  AC1 18 GLN A 80  ? GLN A 77  . ? 1_555 ? 
6  AC1 18 HIS A 84  ? HIS A 81  . ? 1_555 ? 
7  AC1 18 ARG A 87  ? ARG A 84  . ? 1_555 ? 
8  AC1 18 VAL A 88  ? VAL A 85  . ? 1_555 ? 
9  AC1 18 ALA A 91  ? ALA A 88  . ? 1_555 ? 
10 AC1 18 LEU A 92  ? LEU A 89  . ? 1_555 ? 
11 AC1 18 HIS A 116 ? HIS A 113 . ? 1_555 ? 
12 AC1 18 LYS A 119 ? LYS A 116 . ? 1_555 ? 
13 AC1 18 HIS A 120 ? HIS A 117 . ? 1_555 ? 
14 AC1 18 VAL A 122 ? VAL A 119 . ? 1_555 ? 
15 AC1 18 TYR A 126 ? TYR A 123 . ? 1_555 ? 
16 AC1 18 PHE A 127 ? PHE A 124 . ? 1_555 ? 
17 AC1 18 HOH C .   ? HOH A 201 . ? 1_555 ? 
18 AC1 18 HOH C .   ? HOH A 210 . ? 2_654 ? 
# 
_pdbx_validate_close_contact.id               1 
_pdbx_validate_close_contact.PDB_model_num    1 
_pdbx_validate_close_contact.auth_atom_id_1   C 
_pdbx_validate_close_contact.auth_asym_id_1   A 
_pdbx_validate_close_contact.auth_comp_id_1   ALA 
_pdbx_validate_close_contact.auth_seq_id_1    140 
_pdbx_validate_close_contact.PDB_ins_code_1   ? 
_pdbx_validate_close_contact.label_alt_id_1   ? 
_pdbx_validate_close_contact.auth_atom_id_2   N 
_pdbx_validate_close_contact.auth_asym_id_2   A 
_pdbx_validate_close_contact.auth_comp_id_2   ASP 
_pdbx_validate_close_contact.auth_seq_id_2    142 
_pdbx_validate_close_contact.PDB_ins_code_2   ? 
_pdbx_validate_close_contact.label_alt_id_2   ? 
_pdbx_validate_close_contact.dist             2.09 
# 
_pdbx_validate_symm_contact.id                1 
_pdbx_validate_symm_contact.PDB_model_num     1 
_pdbx_validate_symm_contact.auth_atom_id_1    SG 
_pdbx_validate_symm_contact.auth_asym_id_1    A 
_pdbx_validate_symm_contact.auth_comp_id_1    CYS 
_pdbx_validate_symm_contact.auth_seq_id_1     38 
_pdbx_validate_symm_contact.PDB_ins_code_1    ? 
_pdbx_validate_symm_contact.label_alt_id_1    ? 
_pdbx_validate_symm_contact.site_symmetry_1   1_555 
_pdbx_validate_symm_contact.auth_atom_id_2    SG 
_pdbx_validate_symm_contact.auth_asym_id_2    A 
_pdbx_validate_symm_contact.auth_comp_id_2    CYS 
_pdbx_validate_symm_contact.auth_seq_id_2     83 
_pdbx_validate_symm_contact.PDB_ins_code_2    ? 
_pdbx_validate_symm_contact.label_alt_id_2    ? 
_pdbx_validate_symm_contact.site_symmetry_2   6_764 
_pdbx_validate_symm_contact.dist              2.13 
# 
loop_
_pdbx_validate_rmsd_angle.id 
_pdbx_validate_rmsd_angle.PDB_model_num 
_pdbx_validate_rmsd_angle.auth_atom_id_1 
_pdbx_validate_rmsd_angle.auth_asym_id_1 
_pdbx_validate_rmsd_angle.auth_comp_id_1 
_pdbx_validate_rmsd_angle.auth_seq_id_1 
_pdbx_validate_rmsd_angle.PDB_ins_code_1 
_pdbx_validate_rmsd_angle.label_alt_id_1 
_pdbx_validate_rmsd_angle.auth_atom_id_2 
_pdbx_validate_rmsd_angle.auth_asym_id_2 
_pdbx_validate_rmsd_angle.auth_comp_id_2 
_pdbx_validate_rmsd_angle.auth_seq_id_2 
_pdbx_validate_rmsd_angle.PDB_ins_code_2 
_pdbx_validate_rmsd_angle.label_alt_id_2 
_pdbx_validate_rmsd_angle.auth_atom_id_3 
_pdbx_validate_rmsd_angle.auth_asym_id_3 
_pdbx_validate_rmsd_angle.auth_comp_id_3 
_pdbx_validate_rmsd_angle.auth_seq_id_3 
_pdbx_validate_rmsd_angle.PDB_ins_code_3 
_pdbx_validate_rmsd_angle.label_alt_id_3 
_pdbx_validate_rmsd_angle.angle_value 
_pdbx_validate_rmsd_angle.angle_target_value 
_pdbx_validate_rmsd_angle.angle_deviation 
_pdbx_validate_rmsd_angle.angle_standard_deviation 
_pdbx_validate_rmsd_angle.linker_flag 
1 1 CB A PHE 139 ? ? CA A PHE 139 ? ? C  A PHE 139 ? ? 125.54 110.40 15.14  2.00 N 
2 1 N  A SER 141 ? ? CA A SER 141 ? ? C  A SER 141 ? ? 90.65  111.00 -20.35 2.70 N 
3 1 C  A PHE 143 ? ? N  A PRO 144 ? ? CA A PRO 144 ? ? 138.33 119.30 19.03  1.50 Y 
4 1 C  A PHE 143 ? ? N  A PRO 144 ? ? CD A PRO 144 ? ? 110.79 128.40 -17.61 2.10 Y 
5 1 N  A PRO 144 ? ? CA A PRO 144 ? ? C  A PRO 144 ? ? 132.87 112.10 20.77  2.60 N 
6 1 C  A PRO 144 ? ? N  A PRO 145 ? ? CA A PRO 145 ? ? 137.50 119.30 18.20  1.50 Y 
7 1 C  A PRO 144 ? ? N  A PRO 145 ? ? CD A PRO 145 ? ? 113.11 128.40 -15.29 2.10 Y 
# 
loop_
_pdbx_validate_torsion.id 
_pdbx_validate_torsion.PDB_model_num 
_pdbx_validate_torsion.auth_comp_id 
_pdbx_validate_torsion.auth_asym_id 
_pdbx_validate_torsion.auth_seq_id 
_pdbx_validate_torsion.PDB_ins_code 
_pdbx_validate_torsion.label_alt_id 
_pdbx_validate_torsion.phi 
_pdbx_validate_torsion.psi 
1 1 CYS A 38  ? ? 57.44   13.10   
2 1 GLU A 39  ? ? -109.79 67.31   
3 1 ASP A 40  ? ? -22.19  97.60   
4 1 VAL A 134 ? ? -44.24  -14.38  
5 1 ALA A 140 ? ? -105.30 -132.46 
6 1 SER A 141 ? ? -59.43  -8.61   
7 1 PHE A 143 ? ? -49.71  105.72  
8 1 PRO A 144 ? ? -38.95  150.41  
9 1 PRO A 145 ? ? -70.10  -79.41  
# 
_pdbx_SG_project.id                    1 
_pdbx_SG_project.project_name          ? 
_pdbx_SG_project.full_name_of_center   'RIKEN Structural Genomics/Proteomics Initiative' 
_pdbx_SG_project.initial_of_center     RSGI 
# 
loop_
_pdbx_unobs_or_zero_occ_residues.id 
_pdbx_unobs_or_zero_occ_residues.PDB_model_num 
_pdbx_unobs_or_zero_occ_residues.polymer_flag 
_pdbx_unobs_or_zero_occ_residues.occupancy_flag 
_pdbx_unobs_or_zero_occ_residues.auth_asym_id 
_pdbx_unobs_or_zero_occ_residues.auth_comp_id 
_pdbx_unobs_or_zero_occ_residues.auth_seq_id 
_pdbx_unobs_or_zero_occ_residues.PDB_ins_code 
_pdbx_unobs_or_zero_occ_residues.label_asym_id 
_pdbx_unobs_or_zero_occ_residues.label_comp_id 
_pdbx_unobs_or_zero_occ_residues.label_seq_id 
1  1 Y 1 A GLY -2  ? A GLY 1   
2  1 Y 1 A SER -1  ? A SER 2   
3  1 Y 1 A HIS 0   ? A HIS 3   
4  1 Y 1 A MET 1   ? A MET 4   
5  1 Y 1 A GLU 2   ? A GLU 5   
6  1 Y 1 A LYS 3   ? A LYS 6   
7  1 Y 1 A VAL 4   ? A VAL 7   
8  1 Y 1 A PRO 5   ? A PRO 8   
9  1 Y 1 A GLY 6   ? A GLY 9   
10 1 Y 1 A GLU 7   ? A GLU 10  
11 1 Y 1 A MET 8   ? A MET 11  
12 1 Y 1 A GLU 9   ? A GLU 12  
13 1 Y 1 A ILE 10  ? A ILE 13  
14 1 Y 1 A GLU 11  ? A GLU 14  
15 1 Y 1 A ARG 12  ? A ARG 15  
16 1 Y 1 A ARG 13  ? A ARG 16  
17 1 Y 1 A GLU 14  ? A GLU 17  
18 1 Y 1 A ARG 15  ? A ARG 18  
19 1 Y 1 A SER 16  ? A SER 19  
20 1 Y 1 A GLU 17  ? A GLU 20  
21 1 Y 1 A GLU 18  ? A GLU 21  
22 1 Y 1 A LEU 19  ? A LEU 22  
23 1 Y 1 A SER 20  ? A SER 23  
24 1 Y 1 A VAL 172 ? A VAL 175 
25 1 Y 1 A GLN 173 ? A GLN 176 
26 1 Y 1 A GLN 174 ? A GLN 177 
27 1 Y 1 A VAL 175 ? A VAL 178 
28 1 Y 1 A PRO 176 ? A PRO 179 
29 1 Y 1 A ASN 177 ? A ASN 180 
30 1 Y 1 A ALA 178 ? A ALA 181 
31 1 Y 1 A THR 179 ? A THR 182 
32 1 Y 1 A THR 180 ? A THR 183 
33 1 Y 1 A PRO 181 ? A PRO 184 
34 1 Y 1 A PRO 182 ? A PRO 185 
35 1 Y 1 A ALA 183 ? A ALA 186 
36 1 Y 1 A THR 184 ? A THR 187 
37 1 Y 1 A LEU 185 ? A LEU 188 
38 1 Y 1 A PRO 186 ? A PRO 189 
39 1 Y 1 A SER 187 ? A SER 190 
40 1 Y 1 A SER 188 ? A SER 191 
41 1 Y 1 A GLY 189 ? A GLY 192 
42 1 Y 1 A PRO 190 ? A PRO 193 
# 
loop_
_chem_comp_atom.comp_id 
_chem_comp_atom.atom_id 
_chem_comp_atom.type_symbol 
_chem_comp_atom.pdbx_aromatic_flag 
_chem_comp_atom.pdbx_stereo_config 
_chem_comp_atom.pdbx_ordinal 
ALA N    N  N N 1   
ALA CA   C  N S 2   
ALA C    C  N N 3   
ALA O    O  N N 4   
ALA CB   C  N N 5   
ALA OXT  O  N N 6   
ALA H    H  N N 7   
ALA H2   H  N N 8   
ALA HA   H  N N 9   
ALA HB1  H  N N 10  
ALA HB2  H  N N 11  
ALA HB3  H  N N 12  
ALA HXT  H  N N 13  
ARG N    N  N N 14  
ARG CA   C  N S 15  
ARG C    C  N N 16  
ARG O    O  N N 17  
ARG CB   C  N N 18  
ARG CG   C  N N 19  
ARG CD   C  N N 20  
ARG NE   N  N N 21  
ARG CZ   C  N N 22  
ARG NH1  N  N N 23  
ARG NH2  N  N N 24  
ARG OXT  O  N N 25  
ARG H    H  N N 26  
ARG H2   H  N N 27  
ARG HA   H  N N 28  
ARG HB2  H  N N 29  
ARG HB3  H  N N 30  
ARG HG2  H  N N 31  
ARG HG3  H  N N 32  
ARG HD2  H  N N 33  
ARG HD3  H  N N 34  
ARG HE   H  N N 35  
ARG HH11 H  N N 36  
ARG HH12 H  N N 37  
ARG HH21 H  N N 38  
ARG HH22 H  N N 39  
ARG HXT  H  N N 40  
ASN N    N  N N 41  
ASN CA   C  N S 42  
ASN C    C  N N 43  
ASN O    O  N N 44  
ASN CB   C  N N 45  
ASN CG   C  N N 46  
ASN OD1  O  N N 47  
ASN ND2  N  N N 48  
ASN OXT  O  N N 49  
ASN H    H  N N 50  
ASN H2   H  N N 51  
ASN HA   H  N N 52  
ASN HB2  H  N N 53  
ASN HB3  H  N N 54  
ASN HD21 H  N N 55  
ASN HD22 H  N N 56  
ASN HXT  H  N N 57  
ASP N    N  N N 58  
ASP CA   C  N S 59  
ASP C    C  N N 60  
ASP O    O  N N 61  
ASP CB   C  N N 62  
ASP CG   C  N N 63  
ASP OD1  O  N N 64  
ASP OD2  O  N N 65  
ASP OXT  O  N N 66  
ASP H    H  N N 67  
ASP H2   H  N N 68  
ASP HA   H  N N 69  
ASP HB2  H  N N 70  
ASP HB3  H  N N 71  
ASP HD2  H  N N 72  
ASP HXT  H  N N 73  
CYS N    N  N N 74  
CYS CA   C  N R 75  
CYS C    C  N N 76  
CYS O    O  N N 77  
CYS CB   C  N N 78  
CYS SG   S  N N 79  
CYS OXT  O  N N 80  
CYS H    H  N N 81  
CYS H2   H  N N 82  
CYS HA   H  N N 83  
CYS HB2  H  N N 84  
CYS HB3  H  N N 85  
CYS HG   H  N N 86  
CYS HXT  H  N N 87  
GLN N    N  N N 88  
GLN CA   C  N S 89  
GLN C    C  N N 90  
GLN O    O  N N 91  
GLN CB   C  N N 92  
GLN CG   C  N N 93  
GLN CD   C  N N 94  
GLN OE1  O  N N 95  
GLN NE2  N  N N 96  
GLN OXT  O  N N 97  
GLN H    H  N N 98  
GLN H2   H  N N 99  
GLN HA   H  N N 100 
GLN HB2  H  N N 101 
GLN HB3  H  N N 102 
GLN HG2  H  N N 103 
GLN HG3  H  N N 104 
GLN HE21 H  N N 105 
GLN HE22 H  N N 106 
GLN HXT  H  N N 107 
GLU N    N  N N 108 
GLU CA   C  N S 109 
GLU C    C  N N 110 
GLU O    O  N N 111 
GLU CB   C  N N 112 
GLU CG   C  N N 113 
GLU CD   C  N N 114 
GLU OE1  O  N N 115 
GLU OE2  O  N N 116 
GLU OXT  O  N N 117 
GLU H    H  N N 118 
GLU H2   H  N N 119 
GLU HA   H  N N 120 
GLU HB2  H  N N 121 
GLU HB3  H  N N 122 
GLU HG2  H  N N 123 
GLU HG3  H  N N 124 
GLU HE2  H  N N 125 
GLU HXT  H  N N 126 
GLY N    N  N N 127 
GLY CA   C  N N 128 
GLY C    C  N N 129 
GLY O    O  N N 130 
GLY OXT  O  N N 131 
GLY H    H  N N 132 
GLY H2   H  N N 133 
GLY HA2  H  N N 134 
GLY HA3  H  N N 135 
GLY HXT  H  N N 136 
HEM CHA  C  N N 137 
HEM CHB  C  N N 138 
HEM CHC  C  N N 139 
HEM CHD  C  N N 140 
HEM C1A  C  Y N 141 
HEM C2A  C  Y N 142 
HEM C3A  C  Y N 143 
HEM C4A  C  Y N 144 
HEM CMA  C  N N 145 
HEM CAA  C  N N 146 
HEM CBA  C  N N 147 
HEM CGA  C  N N 148 
HEM O1A  O  N N 149 
HEM O2A  O  N N 150 
HEM C1B  C  N N 151 
HEM C2B  C  N N 152 
HEM C3B  C  N N 153 
HEM C4B  C  N N 154 
HEM CMB  C  N N 155 
HEM CAB  C  N N 156 
HEM CBB  C  N N 157 
HEM C1C  C  Y N 158 
HEM C2C  C  Y N 159 
HEM C3C  C  Y N 160 
HEM C4C  C  Y N 161 
HEM CMC  C  N N 162 
HEM CAC  C  N N 163 
HEM CBC  C  N N 164 
HEM C1D  C  N N 165 
HEM C2D  C  N N 166 
HEM C3D  C  N N 167 
HEM C4D  C  N N 168 
HEM CMD  C  N N 169 
HEM CAD  C  N N 170 
HEM CBD  C  N N 171 
HEM CGD  C  N N 172 
HEM O1D  O  N N 173 
HEM O2D  O  N N 174 
HEM NA   N  Y N 175 
HEM NB   N  N N 176 
HEM NC   N  Y N 177 
HEM ND   N  N N 178 
HEM FE   FE N N 179 
HEM HHB  H  N N 180 
HEM HHC  H  N N 181 
HEM HHD  H  N N 182 
HEM HMA  H  N N 183 
HEM HMAA H  N N 184 
HEM HMAB H  N N 185 
HEM HAA  H  N N 186 
HEM HAAA H  N N 187 
HEM HBA  H  N N 188 
HEM HBAA H  N N 189 
HEM HMB  H  N N 190 
HEM HMBA H  N N 191 
HEM HMBB H  N N 192 
HEM HAB  H  N N 193 
HEM HBB  H  N N 194 
HEM HBBA H  N N 195 
HEM HMC  H  N N 196 
HEM HMCA H  N N 197 
HEM HMCB H  N N 198 
HEM HAC  H  N N 199 
HEM HBC  H  N N 200 
HEM HBCA H  N N 201 
HEM HMD  H  N N 202 
HEM HMDA H  N N 203 
HEM HMDB H  N N 204 
HEM HAD  H  N N 205 
HEM HADA H  N N 206 
HEM HBD  H  N N 207 
HEM HBDA H  N N 208 
HEM H2A  H  N N 209 
HEM H2D  H  N N 210 
HEM HHA  H  N N 211 
HIS N    N  N N 212 
HIS CA   C  N S 213 
HIS C    C  N N 214 
HIS O    O  N N 215 
HIS CB   C  N N 216 
HIS CG   C  Y N 217 
HIS ND1  N  Y N 218 
HIS CD2  C  Y N 219 
HIS CE1  C  Y N 220 
HIS NE2  N  Y N 221 
HIS OXT  O  N N 222 
HIS H    H  N N 223 
HIS H2   H  N N 224 
HIS HA   H  N N 225 
HIS HB2  H  N N 226 
HIS HB3  H  N N 227 
HIS HD1  H  N N 228 
HIS HD2  H  N N 229 
HIS HE1  H  N N 230 
HIS HE2  H  N N 231 
HIS HXT  H  N N 232 
HOH O    O  N N 233 
HOH H1   H  N N 234 
HOH H2   H  N N 235 
ILE N    N  N N 236 
ILE CA   C  N S 237 
ILE C    C  N N 238 
ILE O    O  N N 239 
ILE CB   C  N S 240 
ILE CG1  C  N N 241 
ILE CG2  C  N N 242 
ILE CD1  C  N N 243 
ILE OXT  O  N N 244 
ILE H    H  N N 245 
ILE H2   H  N N 246 
ILE HA   H  N N 247 
ILE HB   H  N N 248 
ILE HG12 H  N N 249 
ILE HG13 H  N N 250 
ILE HG21 H  N N 251 
ILE HG22 H  N N 252 
ILE HG23 H  N N 253 
ILE HD11 H  N N 254 
ILE HD12 H  N N 255 
ILE HD13 H  N N 256 
ILE HXT  H  N N 257 
LEU N    N  N N 258 
LEU CA   C  N S 259 
LEU C    C  N N 260 
LEU O    O  N N 261 
LEU CB   C  N N 262 
LEU CG   C  N N 263 
LEU CD1  C  N N 264 
LEU CD2  C  N N 265 
LEU OXT  O  N N 266 
LEU H    H  N N 267 
LEU H2   H  N N 268 
LEU HA   H  N N 269 
LEU HB2  H  N N 270 
LEU HB3  H  N N 271 
LEU HG   H  N N 272 
LEU HD11 H  N N 273 
LEU HD12 H  N N 274 
LEU HD13 H  N N 275 
LEU HD21 H  N N 276 
LEU HD22 H  N N 277 
LEU HD23 H  N N 278 
LEU HXT  H  N N 279 
LYS N    N  N N 280 
LYS CA   C  N S 281 
LYS C    C  N N 282 
LYS O    O  N N 283 
LYS CB   C  N N 284 
LYS CG   C  N N 285 
LYS CD   C  N N 286 
LYS CE   C  N N 287 
LYS NZ   N  N N 288 
LYS OXT  O  N N 289 
LYS H    H  N N 290 
LYS H2   H  N N 291 
LYS HA   H  N N 292 
LYS HB2  H  N N 293 
LYS HB3  H  N N 294 
LYS HG2  H  N N 295 
LYS HG3  H  N N 296 
LYS HD2  H  N N 297 
LYS HD3  H  N N 298 
LYS HE2  H  N N 299 
LYS HE3  H  N N 300 
LYS HZ1  H  N N 301 
LYS HZ2  H  N N 302 
LYS HZ3  H  N N 303 
LYS HXT  H  N N 304 
MET N    N  N N 305 
MET CA   C  N S 306 
MET C    C  N N 307 
MET O    O  N N 308 
MET CB   C  N N 309 
MET CG   C  N N 310 
MET SD   S  N N 311 
MET CE   C  N N 312 
MET OXT  O  N N 313 
MET H    H  N N 314 
MET H2   H  N N 315 
MET HA   H  N N 316 
MET HB2  H  N N 317 
MET HB3  H  N N 318 
MET HG2  H  N N 319 
MET HG3  H  N N 320 
MET HE1  H  N N 321 
MET HE2  H  N N 322 
MET HE3  H  N N 323 
MET HXT  H  N N 324 
PHE N    N  N N 325 
PHE CA   C  N S 326 
PHE C    C  N N 327 
PHE O    O  N N 328 
PHE CB   C  N N 329 
PHE CG   C  Y N 330 
PHE CD1  C  Y N 331 
PHE CD2  C  Y N 332 
PHE CE1  C  Y N 333 
PHE CE2  C  Y N 334 
PHE CZ   C  Y N 335 
PHE OXT  O  N N 336 
PHE H    H  N N 337 
PHE H2   H  N N 338 
PHE HA   H  N N 339 
PHE HB2  H  N N 340 
PHE HB3  H  N N 341 
PHE HD1  H  N N 342 
PHE HD2  H  N N 343 
PHE HE1  H  N N 344 
PHE HE2  H  N N 345 
PHE HZ   H  N N 346 
PHE HXT  H  N N 347 
PRO N    N  N N 348 
PRO CA   C  N S 349 
PRO C    C  N N 350 
PRO O    O  N N 351 
PRO CB   C  N N 352 
PRO CG   C  N N 353 
PRO CD   C  N N 354 
PRO OXT  O  N N 355 
PRO H    H  N N 356 
PRO HA   H  N N 357 
PRO HB2  H  N N 358 
PRO HB3  H  N N 359 
PRO HG2  H  N N 360 
PRO HG3  H  N N 361 
PRO HD2  H  N N 362 
PRO HD3  H  N N 363 
PRO HXT  H  N N 364 
SER N    N  N N 365 
SER CA   C  N S 366 
SER C    C  N N 367 
SER O    O  N N 368 
SER CB   C  N N 369 
SER OG   O  N N 370 
SER OXT  O  N N 371 
SER H    H  N N 372 
SER H2   H  N N 373 
SER HA   H  N N 374 
SER HB2  H  N N 375 
SER HB3  H  N N 376 
SER HG   H  N N 377 
SER HXT  H  N N 378 
THR N    N  N N 379 
THR CA   C  N S 380 
THR C    C  N N 381 
THR O    O  N N 382 
THR CB   C  N R 383 
THR OG1  O  N N 384 
THR CG2  C  N N 385 
THR OXT  O  N N 386 
THR H    H  N N 387 
THR H2   H  N N 388 
THR HA   H  N N 389 
THR HB   H  N N 390 
THR HG1  H  N N 391 
THR HG21 H  N N 392 
THR HG22 H  N N 393 
THR HG23 H  N N 394 
THR HXT  H  N N 395 
TRP N    N  N N 396 
TRP CA   C  N S 397 
TRP C    C  N N 398 
TRP O    O  N N 399 
TRP CB   C  N N 400 
TRP CG   C  Y N 401 
TRP CD1  C  Y N 402 
TRP CD2  C  Y N 403 
TRP NE1  N  Y N 404 
TRP CE2  C  Y N 405 
TRP CE3  C  Y N 406 
TRP CZ2  C  Y N 407 
TRP CZ3  C  Y N 408 
TRP CH2  C  Y N 409 
TRP OXT  O  N N 410 
TRP H    H  N N 411 
TRP H2   H  N N 412 
TRP HA   H  N N 413 
TRP HB2  H  N N 414 
TRP HB3  H  N N 415 
TRP HD1  H  N N 416 
TRP HE1  H  N N 417 
TRP HE3  H  N N 418 
TRP HZ2  H  N N 419 
TRP HZ3  H  N N 420 
TRP HH2  H  N N 421 
TRP HXT  H  N N 422 
TYR N    N  N N 423 
TYR CA   C  N S 424 
TYR C    C  N N 425 
TYR O    O  N N 426 
TYR CB   C  N N 427 
TYR CG   C  Y N 428 
TYR CD1  C  Y N 429 
TYR CD2  C  Y N 430 
TYR CE1  C  Y N 431 
TYR CE2  C  Y N 432 
TYR CZ   C  Y N 433 
TYR OH   O  N N 434 
TYR OXT  O  N N 435 
TYR H    H  N N 436 
TYR H2   H  N N 437 
TYR HA   H  N N 438 
TYR HB2  H  N N 439 
TYR HB3  H  N N 440 
TYR HD1  H  N N 441 
TYR HD2  H  N N 442 
TYR HE1  H  N N 443 
TYR HE2  H  N N 444 
TYR HH   H  N N 445 
TYR HXT  H  N N 446 
VAL N    N  N N 447 
VAL CA   C  N S 448 
VAL C    C  N N 449 
VAL O    O  N N 450 
VAL CB   C  N N 451 
VAL CG1  C  N N 452 
VAL CG2  C  N N 453 
VAL OXT  O  N N 454 
VAL H    H  N N 455 
VAL H2   H  N N 456 
VAL HA   H  N N 457 
VAL HB   H  N N 458 
VAL HG11 H  N N 459 
VAL HG12 H  N N 460 
VAL HG13 H  N N 461 
VAL HG21 H  N N 462 
VAL HG22 H  N N 463 
VAL HG23 H  N N 464 
VAL HXT  H  N N 465 
# 
loop_
_chem_comp_bond.comp_id 
_chem_comp_bond.atom_id_1 
_chem_comp_bond.atom_id_2 
_chem_comp_bond.value_order 
_chem_comp_bond.pdbx_aromatic_flag 
_chem_comp_bond.pdbx_stereo_config 
_chem_comp_bond.pdbx_ordinal 
ALA N   CA   sing N N 1   
ALA N   H    sing N N 2   
ALA N   H2   sing N N 3   
ALA CA  C    sing N N 4   
ALA CA  CB   sing N N 5   
ALA CA  HA   sing N N 6   
ALA C   O    doub N N 7   
ALA C   OXT  sing N N 8   
ALA CB  HB1  sing N N 9   
ALA CB  HB2  sing N N 10  
ALA CB  HB3  sing N N 11  
ALA OXT HXT  sing N N 12  
ARG N   CA   sing N N 13  
ARG N   H    sing N N 14  
ARG N   H2   sing N N 15  
ARG CA  C    sing N N 16  
ARG CA  CB   sing N N 17  
ARG CA  HA   sing N N 18  
ARG C   O    doub N N 19  
ARG C   OXT  sing N N 20  
ARG CB  CG   sing N N 21  
ARG CB  HB2  sing N N 22  
ARG CB  HB3  sing N N 23  
ARG CG  CD   sing N N 24  
ARG CG  HG2  sing N N 25  
ARG CG  HG3  sing N N 26  
ARG CD  NE   sing N N 27  
ARG CD  HD2  sing N N 28  
ARG CD  HD3  sing N N 29  
ARG NE  CZ   sing N N 30  
ARG NE  HE   sing N N 31  
ARG CZ  NH1  sing N N 32  
ARG CZ  NH2  doub N N 33  
ARG NH1 HH11 sing N N 34  
ARG NH1 HH12 sing N N 35  
ARG NH2 HH21 sing N N 36  
ARG NH2 HH22 sing N N 37  
ARG OXT HXT  sing N N 38  
ASN N   CA   sing N N 39  
ASN N   H    sing N N 40  
ASN N   H2   sing N N 41  
ASN CA  C    sing N N 42  
ASN CA  CB   sing N N 43  
ASN CA  HA   sing N N 44  
ASN C   O    doub N N 45  
ASN C   OXT  sing N N 46  
ASN CB  CG   sing N N 47  
ASN CB  HB2  sing N N 48  
ASN CB  HB3  sing N N 49  
ASN CG  OD1  doub N N 50  
ASN CG  ND2  sing N N 51  
ASN ND2 HD21 sing N N 52  
ASN ND2 HD22 sing N N 53  
ASN OXT HXT  sing N N 54  
ASP N   CA   sing N N 55  
ASP N   H    sing N N 56  
ASP N   H2   sing N N 57  
ASP CA  C    sing N N 58  
ASP CA  CB   sing N N 59  
ASP CA  HA   sing N N 60  
ASP C   O    doub N N 61  
ASP C   OXT  sing N N 62  
ASP CB  CG   sing N N 63  
ASP CB  HB2  sing N N 64  
ASP CB  HB3  sing N N 65  
ASP CG  OD1  doub N N 66  
ASP CG  OD2  sing N N 67  
ASP OD2 HD2  sing N N 68  
ASP OXT HXT  sing N N 69  
CYS N   CA   sing N N 70  
CYS N   H    sing N N 71  
CYS N   H2   sing N N 72  
CYS CA  C    sing N N 73  
CYS CA  CB   sing N N 74  
CYS CA  HA   sing N N 75  
CYS C   O    doub N N 76  
CYS C   OXT  sing N N 77  
CYS CB  SG   sing N N 78  
CYS CB  HB2  sing N N 79  
CYS CB  HB3  sing N N 80  
CYS SG  HG   sing N N 81  
CYS OXT HXT  sing N N 82  
GLN N   CA   sing N N 83  
GLN N   H    sing N N 84  
GLN N   H2   sing N N 85  
GLN CA  C    sing N N 86  
GLN CA  CB   sing N N 87  
GLN CA  HA   sing N N 88  
GLN C   O    doub N N 89  
GLN C   OXT  sing N N 90  
GLN CB  CG   sing N N 91  
GLN CB  HB2  sing N N 92  
GLN CB  HB3  sing N N 93  
GLN CG  CD   sing N N 94  
GLN CG  HG2  sing N N 95  
GLN CG  HG3  sing N N 96  
GLN CD  OE1  doub N N 97  
GLN CD  NE2  sing N N 98  
GLN NE2 HE21 sing N N 99  
GLN NE2 HE22 sing N N 100 
GLN OXT HXT  sing N N 101 
GLU N   CA   sing N N 102 
GLU N   H    sing N N 103 
GLU N   H2   sing N N 104 
GLU CA  C    sing N N 105 
GLU CA  CB   sing N N 106 
GLU CA  HA   sing N N 107 
GLU C   O    doub N N 108 
GLU C   OXT  sing N N 109 
GLU CB  CG   sing N N 110 
GLU CB  HB2  sing N N 111 
GLU CB  HB3  sing N N 112 
GLU CG  CD   sing N N 113 
GLU CG  HG2  sing N N 114 
GLU CG  HG3  sing N N 115 
GLU CD  OE1  doub N N 116 
GLU CD  OE2  sing N N 117 
GLU OE2 HE2  sing N N 118 
GLU OXT HXT  sing N N 119 
GLY N   CA   sing N N 120 
GLY N   H    sing N N 121 
GLY N   H2   sing N N 122 
GLY CA  C    sing N N 123 
GLY CA  HA2  sing N N 124 
GLY CA  HA3  sing N N 125 
GLY C   O    doub N N 126 
GLY C   OXT  sing N N 127 
GLY OXT HXT  sing N N 128 
HEM CHA C1A  sing N N 129 
HEM CHA C4D  doub N N 130 
HEM CHA HHA  sing N N 131 
HEM CHB C4A  sing N N 132 
HEM CHB C1B  doub N N 133 
HEM CHB HHB  sing N N 134 
HEM CHC C4B  sing N N 135 
HEM CHC C1C  doub N N 136 
HEM CHC HHC  sing N N 137 
HEM CHD C4C  doub N N 138 
HEM CHD C1D  sing N N 139 
HEM CHD HHD  sing N N 140 
HEM C1A C2A  doub Y N 141 
HEM C1A NA   sing Y N 142 
HEM C2A C3A  sing Y N 143 
HEM C2A CAA  sing N N 144 
HEM C3A C4A  doub Y N 145 
HEM C3A CMA  sing N N 146 
HEM C4A NA   sing Y N 147 
HEM CMA HMA  sing N N 148 
HEM CMA HMAA sing N N 149 
HEM CMA HMAB sing N N 150 
HEM CAA CBA  sing N N 151 
HEM CAA HAA  sing N N 152 
HEM CAA HAAA sing N N 153 
HEM CBA CGA  sing N N 154 
HEM CBA HBA  sing N N 155 
HEM CBA HBAA sing N N 156 
HEM CGA O1A  doub N N 157 
HEM CGA O2A  sing N N 158 
HEM C1B C2B  sing N N 159 
HEM C1B NB   sing N N 160 
HEM C2B C3B  doub N N 161 
HEM C2B CMB  sing N N 162 
HEM C3B C4B  sing N N 163 
HEM C3B CAB  sing N N 164 
HEM C4B NB   doub N N 165 
HEM CMB HMB  sing N N 166 
HEM CMB HMBA sing N N 167 
HEM CMB HMBB sing N N 168 
HEM CAB CBB  doub N N 169 
HEM CAB HAB  sing N N 170 
HEM CBB HBB  sing N N 171 
HEM CBB HBBA sing N N 172 
HEM C1C C2C  sing Y N 173 
HEM C1C NC   sing Y N 174 
HEM C2C C3C  doub Y N 175 
HEM C2C CMC  sing N N 176 
HEM C3C C4C  sing Y N 177 
HEM C3C CAC  sing N N 178 
HEM C4C NC   sing Y N 179 
HEM CMC HMC  sing N N 180 
HEM CMC HMCA sing N N 181 
HEM CMC HMCB sing N N 182 
HEM CAC CBC  doub N N 183 
HEM CAC HAC  sing N N 184 
HEM CBC HBC  sing N N 185 
HEM CBC HBCA sing N N 186 
HEM C1D C2D  sing N N 187 
HEM C1D ND   doub N N 188 
HEM C2D C3D  doub N N 189 
HEM C2D CMD  sing N N 190 
HEM C3D C4D  sing N N 191 
HEM C3D CAD  sing N N 192 
HEM C4D ND   sing N N 193 
HEM CMD HMD  sing N N 194 
HEM CMD HMDA sing N N 195 
HEM CMD HMDB sing N N 196 
HEM CAD CBD  sing N N 197 
HEM CAD HAD  sing N N 198 
HEM CAD HADA sing N N 199 
HEM CBD CGD  sing N N 200 
HEM CBD HBD  sing N N 201 
HEM CBD HBDA sing N N 202 
HEM CGD O1D  doub N N 203 
HEM CGD O2D  sing N N 204 
HEM O2A H2A  sing N N 205 
HEM O2D H2D  sing N N 206 
HEM FE  NA   sing N N 207 
HEM FE  NB   sing N N 208 
HEM FE  NC   sing N N 209 
HEM FE  ND   sing N N 210 
HIS N   CA   sing N N 211 
HIS N   H    sing N N 212 
HIS N   H2   sing N N 213 
HIS CA  C    sing N N 214 
HIS CA  CB   sing N N 215 
HIS CA  HA   sing N N 216 
HIS C   O    doub N N 217 
HIS C   OXT  sing N N 218 
HIS CB  CG   sing N N 219 
HIS CB  HB2  sing N N 220 
HIS CB  HB3  sing N N 221 
HIS CG  ND1  sing Y N 222 
HIS CG  CD2  doub Y N 223 
HIS ND1 CE1  doub Y N 224 
HIS ND1 HD1  sing N N 225 
HIS CD2 NE2  sing Y N 226 
HIS CD2 HD2  sing N N 227 
HIS CE1 NE2  sing Y N 228 
HIS CE1 HE1  sing N N 229 
HIS NE2 HE2  sing N N 230 
HIS OXT HXT  sing N N 231 
HOH O   H1   sing N N 232 
HOH O   H2   sing N N 233 
ILE N   CA   sing N N 234 
ILE N   H    sing N N 235 
ILE N   H2   sing N N 236 
ILE CA  C    sing N N 237 
ILE CA  CB   sing N N 238 
ILE CA  HA   sing N N 239 
ILE C   O    doub N N 240 
ILE C   OXT  sing N N 241 
ILE CB  CG1  sing N N 242 
ILE CB  CG2  sing N N 243 
ILE CB  HB   sing N N 244 
ILE CG1 CD1  sing N N 245 
ILE CG1 HG12 sing N N 246 
ILE CG1 HG13 sing N N 247 
ILE CG2 HG21 sing N N 248 
ILE CG2 HG22 sing N N 249 
ILE CG2 HG23 sing N N 250 
ILE CD1 HD11 sing N N 251 
ILE CD1 HD12 sing N N 252 
ILE CD1 HD13 sing N N 253 
ILE OXT HXT  sing N N 254 
LEU N   CA   sing N N 255 
LEU N   H    sing N N 256 
LEU N   H2   sing N N 257 
LEU CA  C    sing N N 258 
LEU CA  CB   sing N N 259 
LEU CA  HA   sing N N 260 
LEU C   O    doub N N 261 
LEU C   OXT  sing N N 262 
LEU CB  CG   sing N N 263 
LEU CB  HB2  sing N N 264 
LEU CB  HB3  sing N N 265 
LEU CG  CD1  sing N N 266 
LEU CG  CD2  sing N N 267 
LEU CG  HG   sing N N 268 
LEU CD1 HD11 sing N N 269 
LEU CD1 HD12 sing N N 270 
LEU CD1 HD13 sing N N 271 
LEU CD2 HD21 sing N N 272 
LEU CD2 HD22 sing N N 273 
LEU CD2 HD23 sing N N 274 
LEU OXT HXT  sing N N 275 
LYS N   CA   sing N N 276 
LYS N   H    sing N N 277 
LYS N   H2   sing N N 278 
LYS CA  C    sing N N 279 
LYS CA  CB   sing N N 280 
LYS CA  HA   sing N N 281 
LYS C   O    doub N N 282 
LYS C   OXT  sing N N 283 
LYS CB  CG   sing N N 284 
LYS CB  HB2  sing N N 285 
LYS CB  HB3  sing N N 286 
LYS CG  CD   sing N N 287 
LYS CG  HG2  sing N N 288 
LYS CG  HG3  sing N N 289 
LYS CD  CE   sing N N 290 
LYS CD  HD2  sing N N 291 
LYS CD  HD3  sing N N 292 
LYS CE  NZ   sing N N 293 
LYS CE  HE2  sing N N 294 
LYS CE  HE3  sing N N 295 
LYS NZ  HZ1  sing N N 296 
LYS NZ  HZ2  sing N N 297 
LYS NZ  HZ3  sing N N 298 
LYS OXT HXT  sing N N 299 
MET N   CA   sing N N 300 
MET N   H    sing N N 301 
MET N   H2   sing N N 302 
MET CA  C    sing N N 303 
MET CA  CB   sing N N 304 
MET CA  HA   sing N N 305 
MET C   O    doub N N 306 
MET C   OXT  sing N N 307 
MET CB  CG   sing N N 308 
MET CB  HB2  sing N N 309 
MET CB  HB3  sing N N 310 
MET CG  SD   sing N N 311 
MET CG  HG2  sing N N 312 
MET CG  HG3  sing N N 313 
MET SD  CE   sing N N 314 
MET CE  HE1  sing N N 315 
MET CE  HE2  sing N N 316 
MET CE  HE3  sing N N 317 
MET OXT HXT  sing N N 318 
PHE N   CA   sing N N 319 
PHE N   H    sing N N 320 
PHE N   H2   sing N N 321 
PHE CA  C    sing N N 322 
PHE CA  CB   sing N N 323 
PHE CA  HA   sing N N 324 
PHE C   O    doub N N 325 
PHE C   OXT  sing N N 326 
PHE CB  CG   sing N N 327 
PHE CB  HB2  sing N N 328 
PHE CB  HB3  sing N N 329 
PHE CG  CD1  doub Y N 330 
PHE CG  CD2  sing Y N 331 
PHE CD1 CE1  sing Y N 332 
PHE CD1 HD1  sing N N 333 
PHE CD2 CE2  doub Y N 334 
PHE CD2 HD2  sing N N 335 
PHE CE1 CZ   doub Y N 336 
PHE CE1 HE1  sing N N 337 
PHE CE2 CZ   sing Y N 338 
PHE CE2 HE2  sing N N 339 
PHE CZ  HZ   sing N N 340 
PHE OXT HXT  sing N N 341 
PRO N   CA   sing N N 342 
PRO N   CD   sing N N 343 
PRO N   H    sing N N 344 
PRO CA  C    sing N N 345 
PRO CA  CB   sing N N 346 
PRO CA  HA   sing N N 347 
PRO C   O    doub N N 348 
PRO C   OXT  sing N N 349 
PRO CB  CG   sing N N 350 
PRO CB  HB2  sing N N 351 
PRO CB  HB3  sing N N 352 
PRO CG  CD   sing N N 353 
PRO CG  HG2  sing N N 354 
PRO CG  HG3  sing N N 355 
PRO CD  HD2  sing N N 356 
PRO CD  HD3  sing N N 357 
PRO OXT HXT  sing N N 358 
SER N   CA   sing N N 359 
SER N   H    sing N N 360 
SER N   H2   sing N N 361 
SER CA  C    sing N N 362 
SER CA  CB   sing N N 363 
SER CA  HA   sing N N 364 
SER C   O    doub N N 365 
SER C   OXT  sing N N 366 
SER CB  OG   sing N N 367 
SER CB  HB2  sing N N 368 
SER CB  HB3  sing N N 369 
SER OG  HG   sing N N 370 
SER OXT HXT  sing N N 371 
THR N   CA   sing N N 372 
THR N   H    sing N N 373 
THR N   H2   sing N N 374 
THR CA  C    sing N N 375 
THR CA  CB   sing N N 376 
THR CA  HA   sing N N 377 
THR C   O    doub N N 378 
THR C   OXT  sing N N 379 
THR CB  OG1  sing N N 380 
THR CB  CG2  sing N N 381 
THR CB  HB   sing N N 382 
THR OG1 HG1  sing N N 383 
THR CG2 HG21 sing N N 384 
THR CG2 HG22 sing N N 385 
THR CG2 HG23 sing N N 386 
THR OXT HXT  sing N N 387 
TRP N   CA   sing N N 388 
TRP N   H    sing N N 389 
TRP N   H2   sing N N 390 
TRP CA  C    sing N N 391 
TRP CA  CB   sing N N 392 
TRP CA  HA   sing N N 393 
TRP C   O    doub N N 394 
TRP C   OXT  sing N N 395 
TRP CB  CG   sing N N 396 
TRP CB  HB2  sing N N 397 
TRP CB  HB3  sing N N 398 
TRP CG  CD1  doub Y N 399 
TRP CG  CD2  sing Y N 400 
TRP CD1 NE1  sing Y N 401 
TRP CD1 HD1  sing N N 402 
TRP CD2 CE2  doub Y N 403 
TRP CD2 CE3  sing Y N 404 
TRP NE1 CE2  sing Y N 405 
TRP NE1 HE1  sing N N 406 
TRP CE2 CZ2  sing Y N 407 
TRP CE3 CZ3  doub Y N 408 
TRP CE3 HE3  sing N N 409 
TRP CZ2 CH2  doub Y N 410 
TRP CZ2 HZ2  sing N N 411 
TRP CZ3 CH2  sing Y N 412 
TRP CZ3 HZ3  sing N N 413 
TRP CH2 HH2  sing N N 414 
TRP OXT HXT  sing N N 415 
TYR N   CA   sing N N 416 
TYR N   H    sing N N 417 
TYR N   H2   sing N N 418 
TYR CA  C    sing N N 419 
TYR CA  CB   sing N N 420 
TYR CA  HA   sing N N 421 
TYR C   O    doub N N 422 
TYR C   OXT  sing N N 423 
TYR CB  CG   sing N N 424 
TYR CB  HB2  sing N N 425 
TYR CB  HB3  sing N N 426 
TYR CG  CD1  doub Y N 427 
TYR CG  CD2  sing Y N 428 
TYR CD1 CE1  sing Y N 429 
TYR CD1 HD1  sing N N 430 
TYR CD2 CE2  doub Y N 431 
TYR CD2 HD2  sing N N 432 
TYR CE1 CZ   doub Y N 433 
TYR CE1 HE1  sing N N 434 
TYR CE2 CZ   sing Y N 435 
TYR CE2 HE2  sing N N 436 
TYR CZ  OH   sing N N 437 
TYR OH  HH   sing N N 438 
TYR OXT HXT  sing N N 439 
VAL N   CA   sing N N 440 
VAL N   H    sing N N 441 
VAL N   H2   sing N N 442 
VAL CA  C    sing N N 443 
VAL CA  CB   sing N N 444 
VAL CA  HA   sing N N 445 
VAL C   O    doub N N 446 
VAL C   OXT  sing N N 447 
VAL CB  CG1  sing N N 448 
VAL CB  CG2  sing N N 449 
VAL CB  HB   sing N N 450 
VAL CG1 HG11 sing N N 451 
VAL CG1 HG12 sing N N 452 
VAL CG1 HG13 sing N N 453 
VAL CG2 HG21 sing N N 454 
VAL CG2 HG22 sing N N 455 
VAL CG2 HG23 sing N N 456 
VAL OXT HXT  sing N N 457 
# 
_atom_sites.entry_id                    1V5H 
_atom_sites.fract_transf_matrix[1][1]   0.01052384 
_atom_sites.fract_transf_matrix[1][2]   0.00578205 
_atom_sites.fract_transf_matrix[1][3]   0.00983335 
_atom_sites.fract_transf_matrix[2][1]   0.01512050 
_atom_sites.fract_transf_matrix[2][2]   -0.00245915 
_atom_sites.fract_transf_matrix[2][3]   -0.00248863 
_atom_sites.fract_transf_matrix[3][1]   0.00078717 
_atom_sites.fract_transf_matrix[3][2]   0.01405763 
_atom_sites.fract_transf_matrix[3][3]   -0.00910838 
_atom_sites.fract_transf_vector[1]      0.866180 
_atom_sites.fract_transf_vector[2]      0.534575 
_atom_sites.fract_transf_vector[3]      0.028495 
# 
loop_
_atom_type.symbol 
C  
FE 
N  
O  
S  
# 
loop_
_atom_site.group_PDB 
_atom_site.id 
_atom_site.type_symbol 
_atom_site.label_atom_id 
_atom_site.label_alt_id 
_atom_site.label_comp_id 
_atom_site.label_asym_id 
_atom_site.label_entity_id 
_atom_site.label_seq_id 
_atom_site.pdbx_PDB_ins_code 
_atom_site.Cartn_x 
_atom_site.Cartn_y 
_atom_site.Cartn_z 
_atom_site.occupancy 
_atom_site.B_iso_or_equiv 
_atom_site.pdbx_formal_charge 
_atom_site.auth_seq_id 
_atom_site.auth_comp_id 
_atom_site.auth_asym_id 
_atom_site.auth_atom_id 
_atom_site.pdbx_PDB_model_num 
ATOM   1    N  N   . GLU A 1 24  ? 16.399  -0.533  -12.498 1.00 113.61 ? 21  GLU A N   1 
ATOM   2    C  CA  . GLU A 1 24  ? 16.354  -1.721  -11.615 1.00 113.94 ? 21  GLU A CA  1 
ATOM   3    C  C   . GLU A 1 24  ? 17.046  -1.378  -10.301 1.00 112.18 ? 21  GLU A C   1 
ATOM   4    O  O   . GLU A 1 24  ? 16.425  -1.378  -9.242  1.00 113.76 ? 21  GLU A O   1 
ATOM   5    C  CB  . GLU A 1 24  ? 17.079  -2.907  -12.264 1.00 123.04 ? 21  GLU A CB  1 
ATOM   6    C  CG  . GLU A 1 24  ? 18.602  -2.895  -12.133 1.00 133.28 ? 21  GLU A CG  1 
ATOM   7    C  CD  . GLU A 1 24  ? 19.275  -4.103  -12.771 1.00 133.91 ? 21  GLU A CD  1 
ATOM   8    O  OE1 . GLU A 1 24  ? 18.595  -5.125  -13.008 1.00 132.75 ? 21  GLU A OE1 1 
ATOM   9    O  OE2 . GLU A 1 24  ? 20.502  -4.028  -13.022 1.00 133.87 ? 21  GLU A OE2 1 
ATOM   10   N  N   . ALA A 1 25  ? 18.338  -1.086  -10.401 1.00 108.43 ? 22  ALA A N   1 
ATOM   11   C  CA  . ALA A 1 25  ? 19.174  -0.802  -9.260  1.00 106.55 ? 22  ALA A CA  1 
ATOM   12   C  C   . ALA A 1 25  ? 18.638  0.294   -8.326  1.00 107.62 ? 22  ALA A C   1 
ATOM   13   O  O   . ALA A 1 25  ? 19.080  0.419   -7.178  1.00 106.51 ? 22  ALA A O   1 
ATOM   14   C  CB  . ALA A 1 25  ? 20.588  -0.421  -9.737  1.00 102.28 ? 22  ALA A CB  1 
ATOM   15   N  N   . GLU A 1 26  ? 17.712  1.108   -8.827  1.00 108.69 ? 23  GLU A N   1 
ATOM   16   C  CA  . GLU A 1 26  ? 17.091  2.142   -8.004  1.00 109.12 ? 23  GLU A CA  1 
ATOM   17   C  C   . GLU A 1 26  ? 16.351  1.471   -6.834  1.00 110.25 ? 23  GLU A C   1 
ATOM   18   O  O   . GLU A 1 26  ? 16.016  2.118   -5.848  1.00 110.68 ? 23  GLU A O   1 
ATOM   19   C  CB  . GLU A 1 26  ? 16.135  2.984   -8.850  1.00 105.61 ? 23  GLU A CB  1 
ATOM   20   C  CG  . GLU A 1 26  ? 16.840  3.608   -10.030 1.00 98.63  ? 23  GLU A CG  1 
ATOM   21   C  CD  . GLU A 1 26  ? 15.922  4.384   -10.917 1.00 104.09 ? 23  GLU A CD  1 
ATOM   22   O  OE1 . GLU A 1 26  ? 15.348  5.388   -10.447 1.00 109.94 ? 23  GLU A OE1 1 
ATOM   23   O  OE2 . GLU A 1 26  ? 15.780  3.985   -12.089 1.00 107.61 ? 23  GLU A OE2 1 
ATOM   24   N  N   . ARG A 1 27  ? 16.119  0.165   -6.970  1.00 109.74 ? 24  ARG A N   1 
ATOM   25   C  CA  . ARG A 1 27  ? 15.433  -0.673  -5.990  1.00 108.60 ? 24  ARG A CA  1 
ATOM   26   C  C   . ARG A 1 27  ? 16.145  -0.737  -4.655  1.00 105.39 ? 24  ARG A C   1 
ATOM   27   O  O   . ARG A 1 27  ? 15.490  -0.749  -3.612  1.00 107.62 ? 24  ARG A O   1 
ATOM   28   C  CB  . ARG A 1 27  ? 15.305  -2.107  -6.532  1.00 109.79 ? 24  ARG A CB  1 
ATOM   29   C  CG  . ARG A 1 27  ? 16.384  -3.061  -6.005  1.00 106.51 ? 24  ARG A CG  1 
ATOM   30   C  CD  . ARG A 1 27  ? 16.295  -4.488  -6.518  1.00 107.99 ? 24  ARG A CD  1 
ATOM   31   N  NE  . ARG A 1 27  ? 17.236  -4.746  -7.610  1.00 115.60 ? 24  ARG A NE  1 
ATOM   32   C  CZ  . ARG A 1 27  ? 16.905  -4.812  -8.899  1.00 121.96 ? 24  ARG A CZ  1 
ATOM   33   N  NH1 . ARG A 1 27  ? 15.642  -4.640  -9.273  1.00 118.93 ? 24  ARG A NH1 1 
ATOM   34   N  NH2 . ARG A 1 27  ? 17.835  -5.048  -9.820  1.00 123.48 ? 24  ARG A NH2 1 
ATOM   35   N  N   . LYS A 1 28  ? 17.477  -0.827  -4.674  1.00 99.32  ? 25  LYS A N   1 
ATOM   36   C  CA  . LYS A 1 28  ? 18.220  -0.904  -3.417  1.00 91.61  ? 25  LYS A CA  1 
ATOM   37   C  C   . LYS A 1 28  ? 17.867  0.306   -2.577  1.00 83.37  ? 25  LYS A C   1 
ATOM   38   O  O   . LYS A 1 28  ? 17.735  0.213   -1.354  1.00 79.39  ? 25  LYS A O   1 
ATOM   39   C  CB  . LYS A 1 28  ? 19.730  -0.953  -3.632  1.00 97.21  ? 25  LYS A CB  1 
ATOM   40   C  CG  . LYS A 1 28  ? 20.501  -1.281  -2.357  1.00 100.62 ? 25  LYS A CG  1 
ATOM   41   C  CD  . LYS A 1 28  ? 21.695  -0.361  -2.145  1.00 100.09 ? 25  LYS A CD  1 
ATOM   42   C  CE  . LYS A 1 28  ? 22.660  -0.955  -1.123  1.00 93.94  ? 25  LYS A CE  1 
ATOM   43   N  NZ  . LYS A 1 28  ? 23.653  0.053   -0.655  1.00 84.66  ? 25  LYS A NZ  1 
ATOM   44   N  N   . ALA A 1 29  ? 17.725  1.446   -3.244  1.00 80.10  ? 26  ALA A N   1 
ATOM   45   C  CA  . ALA A 1 29  ? 17.375  2.682   -2.568  1.00 80.61  ? 26  ALA A CA  1 
ATOM   46   C  C   . ALA A 1 29  ? 16.022  2.500   -1.915  1.00 81.08  ? 26  ALA A C   1 
ATOM   47   O  O   . ALA A 1 29  ? 15.771  3.017   -0.822  1.00 82.95  ? 26  ALA A O   1 
ATOM   48   C  CB  . ALA A 1 29  ? 17.337  3.828   -3.546  1.00 77.93  ? 26  ALA A CB  1 
ATOM   49   N  N   . VAL A 1 30  ? 15.145  1.780   -2.605  1.00 81.39  ? 27  VAL A N   1 
ATOM   50   C  CA  . VAL A 1 30  ? 13.806  1.509   -2.097  1.00 80.80  ? 27  VAL A CA  1 
ATOM   51   C  C   . VAL A 1 30  ? 13.852  0.402   -1.045  1.00 81.91  ? 27  VAL A C   1 
ATOM   52   O  O   . VAL A 1 30  ? 13.347  0.575   0.067   1.00 80.08  ? 27  VAL A O   1 
ATOM   53   C  CB  . VAL A 1 30  ? 12.851  1.080   -3.226  1.00 78.52  ? 27  VAL A CB  1 
ATOM   54   C  CG1 . VAL A 1 30  ? 11.538  0.596   -2.637  1.00 73.70  ? 27  VAL A CG1 1 
ATOM   55   C  CG2 . VAL A 1 30  ? 12.607  2.253   -4.169  1.00 70.16  ? 27  VAL A CG2 1 
ATOM   56   N  N   . GLN A 1 31  ? 14.455  -0.734  -1.395  1.00 82.32  ? 28  GLN A N   1 
ATOM   57   C  CA  . GLN A 1 31  ? 14.558  -1.856  -0.470  1.00 85.02  ? 28  GLN A CA  1 
ATOM   58   C  C   . GLN A 1 31  ? 15.139  -1.475  0.893   1.00 88.27  ? 28  GLN A C   1 
ATOM   59   O  O   . GLN A 1 31  ? 14.703  -2.006  1.916   1.00 91.29  ? 28  GLN A O   1 
ATOM   60   C  CB  . GLN A 1 31  ? 15.421  -2.969  -1.062  1.00 81.86  ? 28  GLN A CB  1 
ATOM   61   C  CG  . GLN A 1 31  ? 14.784  -3.733  -2.208  1.00 90.59  ? 28  GLN A CG  1 
ATOM   62   C  CD  . GLN A 1 31  ? 15.655  -4.880  -2.699  1.00 86.72  ? 28  GLN A CD  1 
ATOM   63   O  OE1 . GLN A 1 31  ? 16.814  -5.019  -2.296  1.00 86.32  ? 28  GLN A OE1 1 
ATOM   64   N  NE2 . GLN A 1 31  ? 15.101  -5.703  -3.584  1.00 84.17  ? 28  GLN A NE2 1 
ATOM   65   N  N   . ALA A 1 32  ? 16.123  -0.567  0.902   1.00 88.88  ? 29  ALA A N   1 
ATOM   66   C  CA  . ALA A 1 32  ? 16.803  -0.121  2.132   1.00 84.55  ? 29  ALA A CA  1 
ATOM   67   C  C   . ALA A 1 32  ? 15.991  0.858   2.961   1.00 81.87  ? 29  ALA A C   1 
ATOM   68   O  O   . ALA A 1 32  ? 16.091  0.873   4.188   1.00 78.50  ? 29  ALA A O   1 
ATOM   69   C  CB  . ALA A 1 32  ? 18.143  0.505   1.783   1.00 90.23  ? 29  ALA A CB  1 
ATOM   70   N  N   . MET A 1 33  ? 15.205  1.679   2.269   1.00 79.71  ? 30  MET A N   1 
ATOM   71   C  CA  . MET A 1 33  ? 14.332  2.671   2.887   1.00 79.47  ? 30  MET A CA  1 
ATOM   72   C  C   . MET A 1 33  ? 13.111  1.952   3.488   1.00 82.24  ? 30  MET A C   1 
ATOM   73   O  O   . MET A 1 33  ? 12.664  2.257   4.602   1.00 81.34  ? 30  MET A O   1 
ATOM   74   C  CB  . MET A 1 33  ? 13.888  3.667   1.822   1.00 74.01  ? 30  MET A CB  1 
ATOM   75   C  CG  . MET A 1 33  ? 13.301  4.929   2.374   1.00 80.48  ? 30  MET A CG  1 
ATOM   76   S  SD  . MET A 1 33  ? 13.277  6.268   1.160   1.00 96.04  ? 30  MET A SD  1 
ATOM   77   C  CE  . MET A 1 33  ? 14.998  6.456   0.814   1.00 96.17  ? 30  MET A CE  1 
ATOM   78   N  N   . TRP A 1 34  ? 12.595  0.978   2.737   1.00 81.01  ? 31  TRP A N   1 
ATOM   79   C  CA  . TRP A 1 34  ? 11.449  0.185   3.155   1.00 78.47  ? 31  TRP A CA  1 
ATOM   80   C  C   . TRP A 1 34  ? 11.778  -0.697  4.357   1.00 78.29  ? 31  TRP A C   1 
ATOM   81   O  O   . TRP A 1 34  ? 10.955  -0.858  5.259   1.00 77.35  ? 31  TRP A O   1 
ATOM   82   C  CB  . TRP A 1 34  ? 10.955  -0.688  1.994   1.00 75.82  ? 31  TRP A CB  1 
ATOM   83   C  CG  . TRP A 1 34  ? 9.874   -1.637  2.398   1.00 67.07  ? 31  TRP A CG  1 
ATOM   84   C  CD1 . TRP A 1 34  ? 10.027  -2.932  2.804   1.00 57.78  ? 31  TRP A CD1 1 
ATOM   85   C  CD2 . TRP A 1 34  ? 8.480   -1.333  2.535   1.00 60.78  ? 31  TRP A CD2 1 
ATOM   86   N  NE1 . TRP A 1 34  ? 8.817   -3.453  3.190   1.00 63.46  ? 31  TRP A NE1 1 
ATOM   87   C  CE2 . TRP A 1 34  ? 7.847   -2.496  3.034   1.00 66.18  ? 31  TRP A CE2 1 
ATOM   88   C  CE3 . TRP A 1 34  ? 7.705   -0.193  2.288   1.00 61.51  ? 31  TRP A CE3 1 
ATOM   89   C  CZ2 . TRP A 1 34  ? 6.463   -2.551  3.296   1.00 64.69  ? 31  TRP A CZ2 1 
ATOM   90   C  CZ3 . TRP A 1 34  ? 6.331   -0.245  2.546   1.00 66.25  ? 31  TRP A CZ3 1 
ATOM   91   C  CH2 . TRP A 1 34  ? 5.727   -1.419  3.043   1.00 66.68  ? 31  TRP A CH2 1 
ATOM   92   N  N   . ALA A 1 35  ? 12.979  -1.271  4.367   1.00 79.76  ? 32  ALA A N   1 
ATOM   93   C  CA  . ALA A 1 35  ? 13.415  -2.139  5.468   1.00 81.44  ? 32  ALA A CA  1 
ATOM   94   C  C   . ALA A 1 35  ? 13.362  -1.406  6.813   1.00 83.06  ? 32  ALA A C   1 
ATOM   95   O  O   . ALA A 1 35  ? 12.817  -1.925  7.791   1.00 83.53  ? 32  ALA A O   1 
ATOM   96   C  CB  . ALA A 1 35  ? 14.833  -2.653  5.206   1.00 79.75  ? 32  ALA A CB  1 
ATOM   97   N  N   . ARG A 1 36  ? 13.943  -0.212  6.865   1.00 81.40  ? 33  ARG A N   1 
ATOM   98   C  CA  . ARG A 1 36  ? 13.929  0.575   8.089   1.00 83.62  ? 33  ARG A CA  1 
ATOM   99   C  C   . ARG A 1 36  ? 12.474  0.868   8.454   1.00 83.17  ? 33  ARG A C   1 
ATOM   100  O  O   . ARG A 1 36  ? 12.031  0.580   9.568   1.00 84.04  ? 33  ARG A O   1 
ATOM   101  C  CB  . ARG A 1 36  ? 14.703  1.891   7.881   1.00 86.12  ? 33  ARG A CB  1 
ATOM   102  C  CG  . ARG A 1 36  ? 16.215  1.794   8.110   1.00 89.79  ? 33  ARG A CG  1 
ATOM   103  C  CD  . ARG A 1 36  ? 16.553  1.879   9.593   1.00 93.40  ? 33  ARG A CD  1 
ATOM   104  N  NE  . ARG A 1 36  ? 17.792  1.187   9.938   1.00 96.16  ? 33  ARG A NE  1 
ATOM   105  C  CZ  . ARG A 1 36  ? 18.299  1.146   11.167  1.00 95.94  ? 33  ARG A CZ  1 
ATOM   106  N  NH1 . ARG A 1 36  ? 17.669  1.767   12.156  1.00 97.69  ? 33  ARG A NH1 1 
ATOM   107  N  NH2 . ARG A 1 36  ? 19.414  0.465   11.415  1.00 86.90  ? 33  ARG A NH2 1 
ATOM   108  N  N   . LEU A 1 37  ? 11.747  1.425   7.488   1.00 82.16  ? 34  LEU A N   1 
ATOM   109  C  CA  . LEU A 1 37  ? 10.343  1.792   7.638   1.00 80.85  ? 34  LEU A CA  1 
ATOM   110  C  C   . LEU A 1 37  ? 9.490   0.659   8.244   1.00 79.36  ? 34  LEU A C   1 
ATOM   111  O  O   . LEU A 1 37  ? 8.735   0.875   9.181   1.00 79.72  ? 34  LEU A O   1 
ATOM   112  C  CB  . LEU A 1 37  ? 9.777   2.180   6.256   1.00 83.91  ? 34  LEU A CB  1 
ATOM   113  C  CG  . LEU A 1 37  ? 8.800   3.356   6.141   1.00 90.02  ? 34  LEU A CG  1 
ATOM   114  C  CD1 . LEU A 1 37  ? 8.136   3.330   4.775   1.00 83.83  ? 34  LEU A CD1 1 
ATOM   115  C  CD2 . LEU A 1 37  ? 7.766   3.294   7.247   1.00 91.45  ? 34  LEU A CD2 1 
ATOM   116  N  N   . TYR A 1 38  ? 9.635   -0.539  7.684   1.00 78.92  ? 35  TYR A N   1 
ATOM   117  C  CA  . TYR A 1 38  ? 8.895   -1.742  8.078   1.00 80.12  ? 35  TYR A CA  1 
ATOM   118  C  C   . TYR A 1 38  ? 9.299   -2.319  9.442   1.00 81.06  ? 35  TYR A C   1 
ATOM   119  O  O   . TYR A 1 38  ? 8.691   -3.270  9.920   1.00 80.34  ? 35  TYR A O   1 
ATOM   120  C  CB  . TYR A 1 38  ? 9.085   -2.798  6.985   1.00 82.49  ? 35  TYR A CB  1 
ATOM   121  C  CG  . TYR A 1 38  ? 8.283   -4.077  7.120   1.00 82.78  ? 35  TYR A CG  1 
ATOM   122  C  CD1 . TYR A 1 38  ? 6.891   -4.063  7.047   1.00 77.54  ? 35  TYR A CD1 1 
ATOM   123  C  CD2 . TYR A 1 38  ? 8.924   -5.308  7.291   1.00 76.04  ? 35  TYR A CD2 1 
ATOM   124  C  CE1 . TYR A 1 38  ? 6.151   -5.241  7.138   1.00 80.20  ? 35  TYR A CE1 1 
ATOM   125  C  CE2 . TYR A 1 38  ? 8.194   -6.497  7.391   1.00 86.85  ? 35  TYR A CE2 1 
ATOM   126  C  CZ  . TYR A 1 38  ? 6.805   -6.459  7.313   1.00 87.68  ? 35  TYR A CZ  1 
ATOM   127  O  OH  . TYR A 1 38  ? 6.072   -7.626  7.418   1.00 89.31  ? 35  TYR A OH  1 
ATOM   128  N  N   . ALA A 1 39  ? 10.305  -1.737  10.085  1.00 80.45  ? 36  ALA A N   1 
ATOM   129  C  CA  . ALA A 1 39  ? 10.734  -2.296  11.362  1.00 81.24  ? 36  ALA A CA  1 
ATOM   130  C  C   . ALA A 1 39  ? 10.842  -1.277  12.476  1.00 80.16  ? 36  ALA A C   1 
ATOM   131  O  O   . ALA A 1 39  ? 11.311  -1.594  13.568  1.00 83.81  ? 36  ALA A O   1 
ATOM   132  C  CB  . ALA A 1 39  ? 12.089  -3.015  11.185  1.00 77.12  ? 36  ALA A CB  1 
ATOM   133  N  N   . ASN A 1 40  ? 10.442  -0.045  12.196  1.00 77.43  ? 37  ASN A N   1 
ATOM   134  C  CA  . ASN A 1 40  ? 10.517  0.999   13.213  1.00 75.09  ? 37  ASN A CA  1 
ATOM   135  C  C   . ASN A 1 40  ? 9.575   0.841   14.400  1.00 70.81  ? 37  ASN A C   1 
ATOM   136  O  O   . ASN A 1 40  ? 9.663   1.580   15.374  1.00 70.17  ? 37  ASN A O   1 
ATOM   137  C  CB  . ASN A 1 40  ? 10.283  2.377   12.582  1.00 72.07  ? 37  ASN A CB  1 
ATOM   138  C  CG  . ASN A 1 40  ? 8.993   2.454   11.792  1.00 71.69  ? 37  ASN A CG  1 
ATOM   139  O  OD1 . ASN A 1 40  ? 7.968   1.914   12.204  1.00 67.90  ? 37  ASN A OD1 1 
ATOM   140  N  ND2 . ASN A 1 40  ? 9.032   3.155   10.655  1.00 79.75  ? 37  ASN A ND2 1 
ATOM   141  N  N   . CYS A 1 41  ? 8.684   -0.125  14.327  1.00 66.87  ? 38  CYS A N   1 
ATOM   142  C  CA  . CYS A 1 41  ? 7.791   -0.316  15.437  1.00 68.93  ? 38  CYS A CA  1 
ATOM   143  C  C   . CYS A 1 41  ? 6.950   0.877   15.824  1.00 70.55  ? 38  CYS A C   1 
ATOM   144  O  O   . CYS A 1 41  ? 6.341   0.899   16.899  1.00 72.56  ? 38  CYS A O   1 
ATOM   145  C  CB  . CYS A 1 41  ? 8.544   -0.787  16.667  1.00 65.74  ? 38  CYS A CB  1 
ATOM   146  S  SG  . CYS A 1 41  ? 8.949   -2.552  16.617  1.00 64.51  ? 38  CYS A SG  1 
ATOM   147  N  N   . GLU A 1 42  ? 6.912   1.878   14.961  1.00 74.54  ? 39  GLU A N   1 
ATOM   148  C  CA  . GLU A 1 42  ? 6.035   3.014   15.231  1.00 78.65  ? 39  GLU A CA  1 
ATOM   149  C  C   . GLU A 1 42  ? 4.970   2.810   14.150  1.00 76.84  ? 39  GLU A C   1 
ATOM   150  O  O   . GLU A 1 42  ? 4.858   3.591   13.205  1.00 79.17  ? 39  GLU A O   1 
ATOM   151  C  CB  . GLU A 1 42  ? 6.826   4.349   15.129  1.00 85.12  ? 39  GLU A CB  1 
ATOM   152  C  CG  . GLU A 1 42  ? 6.867   5.123   13.790  1.00 108.59 ? 39  GLU A CG  1 
ATOM   153  C  CD  . GLU A 1 42  ? 7.667   6.439   13.867  1.00 116.96 ? 39  GLU A CD  1 
ATOM   154  O  OE1 . GLU A 1 42  ? 8.573   6.519   14.728  1.00 117.72 ? 39  GLU A OE1 1 
ATOM   155  O  OE2 . GLU A 1 42  ? 7.413   7.371   13.062  1.00 118.61 ? 39  GLU A OE2 1 
ATOM   156  N  N   . ASP A 1 43  ? 4.190   1.723   14.291  1.00 76.00  ? 40  ASP A N   1 
ATOM   157  C  CA  . ASP A 1 43  ? 3.248   1.302   13.239  1.00 76.54  ? 40  ASP A CA  1 
ATOM   158  C  C   . ASP A 1 43  ? 2.785   2.347   12.237  1.00 75.44  ? 40  ASP A C   1 
ATOM   159  O  O   . ASP A 1 43  ? 1.860   3.118   12.475  1.00 75.13  ? 40  ASP A O   1 
ATOM   160  C  CB  . ASP A 1 43  ? 2.082   0.382   13.754  1.00 74.28  ? 40  ASP A CB  1 
ATOM   161  C  CG  . ASP A 1 43  ? 1.285   0.918   14.918  1.00 78.14  ? 40  ASP A CG  1 
ATOM   162  O  OD1 . ASP A 1 43  ? 1.659   1.944   15.519  1.00 96.65  ? 40  ASP A OD1 1 
ATOM   163  O  OD2 . ASP A 1 43  ? 0.254   0.263   15.233  1.00 73.58  ? 40  ASP A OD2 1 
ATOM   164  N  N   . VAL A 1 44  ? 3.472   2.307   11.098  1.00 72.90  ? 41  VAL A N   1 
ATOM   165  C  CA  . VAL A 1 44  ? 3.315   3.185   9.957   1.00 72.50  ? 41  VAL A CA  1 
ATOM   166  C  C   . VAL A 1 44  ? 2.190   2.719   9.056   1.00 68.73  ? 41  VAL A C   1 
ATOM   167  O  O   . VAL A 1 44  ? 1.514   3.542   8.445   1.00 67.56  ? 41  VAL A O   1 
ATOM   168  C  CB  . VAL A 1 44  ? 4.616   3.230   9.118   1.00 75.54  ? 41  VAL A CB  1 
ATOM   169  C  CG1 . VAL A 1 44  ? 4.435   4.132   7.917   1.00 77.37  ? 41  VAL A CG1 1 
ATOM   170  C  CG2 . VAL A 1 44  ? 5.779   3.718   9.991   1.00 74.63  ? 41  VAL A CG2 1 
ATOM   171  N  N   . GLY A 1 45  ? 2.004   1.406   8.965   1.00 63.76  ? 42  GLY A N   1 
ATOM   172  C  CA  . GLY A 1 45  ? 0.941   0.855   8.155   1.00 61.41  ? 42  GLY A CA  1 
ATOM   173  C  C   . GLY A 1 45  ? -0.403  1.380   8.595   1.00 59.52  ? 42  GLY A C   1 
ATOM   174  O  O   . GLY A 1 45  ? -1.286  1.616   7.770   1.00 59.60  ? 42  GLY A O   1 
ATOM   175  N  N   . VAL A 1 46  ? -0.551  1.556   9.904   1.00 57.75  ? 43  VAL A N   1 
ATOM   176  C  CA  . VAL A 1 46  ? -1.778  2.070   10.492  1.00 55.85  ? 43  VAL A CA  1 
ATOM   177  C  C   . VAL A 1 46  ? -1.881  3.578   10.278  1.00 52.18  ? 43  VAL A C   1 
ATOM   178  O  O   . VAL A 1 46  ? -2.967  4.097   10.066  1.00 54.97  ? 43  VAL A O   1 
ATOM   179  C  CB  . VAL A 1 46  ? -1.835  1.773   12.006  1.00 54.11  ? 43  VAL A CB  1 
ATOM   180  C  CG1 . VAL A 1 46  ? -2.950  2.559   12.645  1.00 55.58  ? 43  VAL A CG1 1 
ATOM   181  C  CG2 . VAL A 1 46  ? -2.072  0.297   12.233  1.00 53.58  ? 43  VAL A CG2 1 
ATOM   182  N  N   . ALA A 1 47  ? -0.753  4.278   10.356  1.00 52.64  ? 44  ALA A N   1 
ATOM   183  C  CA  . ALA A 1 47  ? -0.747  5.725   10.150  1.00 55.88  ? 44  ALA A CA  1 
ATOM   184  C  C   . ALA A 1 47  ? -1.206  5.939   8.715   1.00 55.88  ? 44  ALA A C   1 
ATOM   185  O  O   . ALA A 1 47  ? -1.996  6.842   8.416   1.00 55.35  ? 44  ALA A O   1 
ATOM   186  C  CB  . ALA A 1 47  ? 0.678   6.301   10.350  1.00 47.18  ? 44  ALA A CB  1 
ATOM   187  N  N   . ILE A 1 48  ? -0.704  5.078   7.836   1.00 54.56  ? 45  ILE A N   1 
ATOM   188  C  CA  . ILE A 1 48  ? -1.035  5.120   6.427   1.00 53.60  ? 45  ILE A CA  1 
ATOM   189  C  C   . ILE A 1 48  ? -2.522  4.819   6.244   1.00 51.29  ? 45  ILE A C   1 
ATOM   190  O  O   . ILE A 1 48  ? -3.268  5.617   5.666   1.00 51.23  ? 45  ILE A O   1 
ATOM   191  C  CB  . ILE A 1 48  ? -0.186  4.108   5.659   1.00 52.86  ? 45  ILE A CB  1 
ATOM   192  C  CG1 . ILE A 1 48  ? 1.283   4.531   5.718   1.00 56.53  ? 45  ILE A CG1 1 
ATOM   193  C  CG2 . ILE A 1 48  ? -0.635  4.026   4.220   1.00 63.75  ? 45  ILE A CG2 1 
ATOM   194  C  CD1 . ILE A 1 48  ? 2.238   3.490   5.170   1.00 64.53  ? 45  ILE A CD1 1 
ATOM   195  N  N   . LEU A 1 49  ? -2.978  3.682   6.744   1.00 47.83  ? 46  LEU A N   1 
ATOM   196  C  CA  . LEU A 1 49  ? -4.390  3.371   6.572   1.00 50.80  ? 46  LEU A CA  1 
ATOM   197  C  C   . LEU A 1 49  ? -5.279  4.488   7.108   1.00 49.56  ? 46  LEU A C   1 
ATOM   198  O  O   . LEU A 1 49  ? -6.247  4.883   6.449   1.00 44.97  ? 46  LEU A O   1 
ATOM   199  C  CB  . LEU A 1 49  ? -4.729  2.014   7.209   1.00 47.68  ? 46  LEU A CB  1 
ATOM   200  C  CG  . LEU A 1 49  ? -4.571  0.835   6.227   1.00 53.60  ? 46  LEU A CG  1 
ATOM   201  C  CD1 . LEU A 1 49  ? -5.795  0.711   5.367   1.00 62.26  ? 46  LEU A CD1 1 
ATOM   202  C  CD2 . LEU A 1 49  ? -3.377  1.052   5.316   1.00 48.35  ? 46  LEU A CD2 1 
ATOM   203  N  N   . VAL A 1 50  ? -4.935  5.028   8.275   1.00 51.67  ? 47  VAL A N   1 
ATOM   204  C  CA  . VAL A 1 50  ? -5.736  6.103   8.856   1.00 50.34  ? 47  VAL A CA  1 
ATOM   205  C  C   . VAL A 1 50  ? -5.736  7.386   8.006   1.00 50.77  ? 47  VAL A C   1 
ATOM   206  O  O   . VAL A 1 50  ? -6.773  8.028   7.875   1.00 51.06  ? 47  VAL A O   1 
ATOM   207  C  CB  . VAL A 1 50  ? -5.295  6.418   10.315  1.00 47.06  ? 47  VAL A CB  1 
ATOM   208  C  CG1 . VAL A 1 50  ? -5.791  7.810   10.738  1.00 40.54  ? 47  VAL A CG1 1 
ATOM   209  C  CG2 . VAL A 1 50  ? -5.863  5.355   11.267  1.00 48.78  ? 47  VAL A CG2 1 
ATOM   210  N  N   . ARG A 1 51  ? -4.592  7.744   7.425   1.00 50.58  ? 48  ARG A N   1 
ATOM   211  C  CA  . ARG A 1 51  ? -4.490  8.945   6.586   1.00 53.55  ? 48  ARG A CA  1 
ATOM   212  C  C   . ARG A 1 51  ? -5.269  8.783   5.286   1.00 57.35  ? 48  ARG A C   1 
ATOM   213  O  O   . ARG A 1 51  ? -5.764  9.763   4.708   1.00 58.71  ? 48  ARG A O   1 
ATOM   214  C  CB  . ARG A 1 51  ? -3.028  9.249   6.236   1.00 51.26  ? 48  ARG A CB  1 
ATOM   215  C  CG  . ARG A 1 51  ? -2.870  10.324  5.170   1.00 47.13  ? 48  ARG A CG  1 
ATOM   216  C  CD  . ARG A 1 51  ? -2.101  11.498  5.692   1.00 59.14  ? 48  ARG A CD  1 
ATOM   217  N  NE  . ARG A 1 51  ? -0.666  11.306  5.558   1.00 69.51  ? 48  ARG A NE  1 
ATOM   218  C  CZ  . ARG A 1 51  ? 0.244   12.092  6.122   1.00 63.27  ? 48  ARG A CZ  1 
ATOM   219  N  NH1 . ARG A 1 51  ? -0.138  13.121  6.868   1.00 66.60  ? 48  ARG A NH1 1 
ATOM   220  N  NH2 . ARG A 1 51  ? 1.525   11.853  5.927   1.00 66.27  ? 48  ARG A NH2 1 
ATOM   221  N  N   . PHE A 1 52  ? -5.339  7.539   4.826   1.00 53.63  ? 49  PHE A N   1 
ATOM   222  C  CA  . PHE A 1 52  ? -6.037  7.184   3.602   1.00 53.07  ? 49  PHE A CA  1 
ATOM   223  C  C   . PHE A 1 52  ? -7.545  7.401   3.799   1.00 56.25  ? 49  PHE A C   1 
ATOM   224  O  O   . PHE A 1 52  ? -8.217  8.063   2.992   1.00 53.95  ? 49  PHE A O   1 
ATOM   225  C  CB  . PHE A 1 52  ? -5.721  5.707   3.271   1.00 50.13  ? 49  PHE A CB  1 
ATOM   226  C  CG  . PHE A 1 52  ? -6.495  5.143   2.102   1.00 57.59  ? 49  PHE A CG  1 
ATOM   227  C  CD1 . PHE A 1 52  ? -6.371  5.700   0.825   1.00 61.70  ? 49  PHE A CD1 1 
ATOM   228  C  CD2 . PHE A 1 52  ? -7.368  4.067   2.281   1.00 52.83  ? 49  PHE A CD2 1 
ATOM   229  C  CE1 . PHE A 1 52  ? -7.107  5.194   -0.252  1.00 49.24  ? 49  PHE A CE1 1 
ATOM   230  C  CE2 . PHE A 1 52  ? -8.109  3.553   1.211   1.00 57.99  ? 49  PHE A CE2 1 
ATOM   231  C  CZ  . PHE A 1 52  ? -7.982  4.117   -0.055  1.00 58.21  ? 49  PHE A CZ  1 
ATOM   232  N  N   . PHE A 1 53  ? -8.056  6.882   4.905   1.00 48.35  ? 50  PHE A N   1 
ATOM   233  C  CA  . PHE A 1 53  ? -9.471  6.962   5.191   1.00 50.41  ? 50  PHE A CA  1 
ATOM   234  C  C   . PHE A 1 53  ? -9.975  8.358   5.605   1.00 51.97  ? 50  PHE A C   1 
ATOM   235  O  O   . PHE A 1 53  ? -11.163 8.661   5.432   1.00 50.59  ? 50  PHE A O   1 
ATOM   236  C  CB  . PHE A 1 53  ? -9.804  5.910   6.259   1.00 49.60  ? 50  PHE A CB  1 
ATOM   237  C  CG  . PHE A 1 53  ? -9.514  4.481   5.831   1.00 56.40  ? 50  PHE A CG  1 
ATOM   238  C  CD1 . PHE A 1 53  ? -10.205 3.891   4.759   1.00 55.17  ? 50  PHE A CD1 1 
ATOM   239  C  CD2 . PHE A 1 53  ? -8.582  3.709   6.527   1.00 51.48  ? 50  PHE A CD2 1 
ATOM   240  C  CE1 . PHE A 1 53  ? -9.970  2.546   4.399   1.00 46.01  ? 50  PHE A CE1 1 
ATOM   241  C  CE2 . PHE A 1 53  ? -8.341  2.375   6.178   1.00 46.82  ? 50  PHE A CE2 1 
ATOM   242  C  CZ  . PHE A 1 53  ? -9.034  1.793   5.116   1.00 45.60  ? 50  PHE A CZ  1 
ATOM   243  N  N   . VAL A 1 54  ? -9.109  9.204   6.174   1.00 49.77  ? 51  VAL A N   1 
ATOM   244  C  CA  . VAL A 1 54  ? -9.533  10.566  6.552   1.00 49.08  ? 51  VAL A CA  1 
ATOM   245  C  C   . VAL A 1 54  ? -9.633  11.382  5.295   1.00 46.64  ? 51  VAL A C   1 
ATOM   246  O  O   . VAL A 1 54  ? -10.586 12.139  5.116   1.00 47.30  ? 51  VAL A O   1 
ATOM   247  C  CB  . VAL A 1 54  ? -8.548  11.308  7.468   1.00 45.01  ? 51  VAL A CB  1 
ATOM   248  C  CG1 . VAL A 1 54  ? -9.085  12.693  7.768   1.00 39.74  ? 51  VAL A CG1 1 
ATOM   249  C  CG2 . VAL A 1 54  ? -8.365  10.544  8.749   1.00 45.23  ? 51  VAL A CG2 1 
ATOM   250  N  N   . ASN A 1 55  ? -8.637  11.213  4.431   1.00 45.13  ? 52  ASN A N   1 
ATOM   251  C  CA  . ASN A 1 55  ? -8.587  11.953  3.190   1.00 46.46  ? 52  ASN A CA  1 
ATOM   252  C  C   . ASN A 1 55  ? -9.504  11.361  2.147   1.00 45.03  ? 52  ASN A C   1 
ATOM   253  O  O   . ASN A 1 55  ? -9.878  12.048  1.197   1.00 42.08  ? 52  ASN A O   1 
ATOM   254  C  CB  . ASN A 1 55  ? -7.153  12.013  2.630   1.00 57.37  ? 52  ASN A CB  1 
ATOM   255  C  CG  . ASN A 1 55  ? -6.237  12.947  3.430   1.00 60.99  ? 52  ASN A CG  1 
ATOM   256  O  OD1 . ASN A 1 55  ? -5.165  13.336  2.962   1.00 69.98  ? 52  ASN A OD1 1 
ATOM   257  N  ND2 . ASN A 1 55  ? -6.654  13.297  4.639   1.00 74.24  ? 52  ASN A ND2 1 
ATOM   258  N  N   . PHE A 1 56  ? -9.878  10.096  2.307   1.00 46.48  ? 53  PHE A N   1 
ATOM   259  C  CA  . PHE A 1 56  ? -10.732 9.446   1.313   1.00 46.54  ? 53  PHE A CA  1 
ATOM   260  C  C   . PHE A 1 56  ? -11.796 8.622   1.974   1.00 47.13  ? 53  PHE A C   1 
ATOM   261  O  O   . PHE A 1 56  ? -11.880 7.409   1.779   1.00 44.44  ? 53  PHE A O   1 
ATOM   262  C  CB  . PHE A 1 56  ? -9.877  8.579   0.402   1.00 43.85  ? 53  PHE A CB  1 
ATOM   263  C  CG  . PHE A 1 56  ? -8.929  9.372   -0.444  1.00 52.22  ? 53  PHE A CG  1 
ATOM   264  C  CD1 . PHE A 1 56  ? -9.347  9.935   -1.647  1.00 54.69  ? 53  PHE A CD1 1 
ATOM   265  C  CD2 . PHE A 1 56  ? -7.614  9.578   -0.029  1.00 54.93  ? 53  PHE A CD2 1 
ATOM   266  C  CE1 . PHE A 1 56  ? -8.473  10.699  -2.423  1.00 56.51  ? 53  PHE A CE1 1 
ATOM   267  C  CE2 . PHE A 1 56  ? -6.728  10.342  -0.800  1.00 54.23  ? 53  PHE A CE2 1 
ATOM   268  C  CZ  . PHE A 1 56  ? -7.163  10.899  -2.002  1.00 59.44  ? 53  PHE A CZ  1 
ATOM   269  N  N   . PRO A 1 57  ? -12.651 9.286   2.754   1.00 50.58  ? 54  PRO A N   1 
ATOM   270  C  CA  . PRO A 1 57  ? -13.741 8.642   3.485   1.00 49.12  ? 54  PRO A CA  1 
ATOM   271  C  C   . PRO A 1 57  ? -14.578 7.630   2.730   1.00 53.70  ? 54  PRO A C   1 
ATOM   272  O  O   . PRO A 1 57  ? -15.085 6.691   3.337   1.00 56.83  ? 54  PRO A O   1 
ATOM   273  C  CB  . PRO A 1 57  ? -14.556 9.818   4.001   1.00 44.14  ? 54  PRO A CB  1 
ATOM   274  C  CG  . PRO A 1 57  ? -14.229 10.916  3.029   1.00 50.25  ? 54  PRO A CG  1 
ATOM   275  C  CD  . PRO A 1 57  ? -12.762 10.750  2.816   1.00 38.48  ? 54  PRO A CD  1 
ATOM   276  N  N   . SER A 1 58  ? -14.731 7.789   1.420   1.00 53.24  ? 55  SER A N   1 
ATOM   277  C  CA  . SER A 1 58  ? -15.543 6.829   0.668   1.00 52.45  ? 55  SER A CA  1 
ATOM   278  C  C   . SER A 1 58  ? -14.951 5.419   0.702   1.00 50.20  ? 55  SER A C   1 
ATOM   279  O  O   . SER A 1 58  ? -15.657 4.437   0.509   1.00 54.26  ? 55  SER A O   1 
ATOM   280  C  CB  . SER A 1 58  ? -15.707 7.275   -0.792  1.00 45.39  ? 55  SER A CB  1 
ATOM   281  O  OG  . SER A 1 58  ? -14.454 7.322   -1.449  1.00 51.74  ? 55  SER A OG  1 
ATOM   282  N  N   . ALA A 1 59  ? -13.657 5.312   0.962   1.00 49.67  ? 56  ALA A N   1 
ATOM   283  C  CA  . ALA A 1 59  ? -13.014 3.999   0.988   1.00 47.32  ? 56  ALA A CA  1 
ATOM   284  C  C   . ALA A 1 59  ? -13.319 3.215   2.262   1.00 45.79  ? 56  ALA A C   1 
ATOM   285  O  O   . ALA A 1 59  ? -12.837 2.103   2.455   1.00 47.11  ? 56  ALA A O   1 
ATOM   286  C  CB  . ALA A 1 59  ? -11.487 4.163   0.809   1.00 46.18  ? 56  ALA A CB  1 
ATOM   287  N  N   . LYS A 1 60  ? -14.126 3.779   3.139   1.00 42.44  ? 57  LYS A N   1 
ATOM   288  C  CA  . LYS A 1 60  ? -14.436 3.076   4.373   1.00 50.22  ? 57  LYS A CA  1 
ATOM   289  C  C   . LYS A 1 60  ? -15.665 2.170   4.345   1.00 52.08  ? 57  LYS A C   1 
ATOM   290  O  O   . LYS A 1 60  ? -15.961 1.545   5.360   1.00 59.76  ? 57  LYS A O   1 
ATOM   291  C  CB  . LYS A 1 60  ? -14.666 4.090   5.500   1.00 52.53  ? 57  LYS A CB  1 
ATOM   292  C  CG  . LYS A 1 60  ? -13.484 4.975   5.883   1.00 56.27  ? 57  LYS A CG  1 
ATOM   293  C  CD  . LYS A 1 60  ? -13.827 5.878   7.063   1.00 62.54  ? 57  LYS A CD  1 
ATOM   294  C  CE  . LYS A 1 60  ? -14.983 6.845   6.741   1.00 70.57  ? 57  LYS A CE  1 
ATOM   295  N  NZ  . LYS A 1 60  ? -15.239 7.824   7.848   1.00 70.34  ? 57  LYS A NZ  1 
ATOM   296  N  N   . GLN A 1 61  ? -16.405 2.127   3.244   1.00 55.60  ? 58  GLN A N   1 
ATOM   297  C  CA  . GLN A 1 61  ? -17.620 1.301   3.180   1.00 58.28  ? 58  GLN A CA  1 
ATOM   298  C  C   . GLN A 1 61  ? -17.296 -0.168  3.068   1.00 56.52  ? 58  GLN A C   1 
ATOM   299  O  O   . GLN A 1 61  ? -18.084 -1.020  3.482   1.00 57.64  ? 58  GLN A O   1 
ATOM   300  C  CB  . GLN A 1 61  ? -18.459 1.697   1.972   1.00 68.88  ? 58  GLN A CB  1 
ATOM   301  C  CG  . GLN A 1 61  ? -17.639 2.223   0.851   1.00 87.27  ? 58  GLN A CG  1 
ATOM   302  C  CD  . GLN A 1 61  ? -18.365 2.124   -0.507  1.00 99.56  ? 58  GLN A CD  1 
ATOM   303  O  OE1 . GLN A 1 61  ? -17.906 1.387   -1.333  1.00 101.68 ? 58  GLN A OE1 1 
ATOM   304  N  NE2 . GLN A 1 61  ? -19.434 2.832   -0.719  1.00 99.26  ? 58  GLN A NE2 1 
ATOM   305  N  N   . TYR A 1 62  ? -16.129 -0.426  2.476   1.00 55.71  ? 59  TYR A N   1 
ATOM   306  C  CA  . TYR A 1 62  ? -15.618 -1.784  2.277   1.00 55.75  ? 59  TYR A CA  1 
ATOM   307  C  C   . TYR A 1 62  ? -15.304 -2.502  3.607   1.00 56.80  ? 59  TYR A C   1 
ATOM   308  O  O   . TYR A 1 62  ? -15.118 -3.728  3.619   1.00 55.30  ? 59  TYR A O   1 
ATOM   309  C  CB  . TYR A 1 62  ? -14.373 -1.744  1.383   1.00 47.45  ? 59  TYR A CB  1 
ATOM   310  C  CG  . TYR A 1 62  ? -14.630 -1.163  0.001   1.00 52.29  ? 59  TYR A CG  1 
ATOM   311  C  CD1 . TYR A 1 62  ? -15.474 -1.806  -0.895  1.00 52.38  ? 59  TYR A CD1 1 
ATOM   312  C  CD2 . TYR A 1 62  ? -14.004 0.012   -0.424  1.00 47.63  ? 59  TYR A CD2 1 
ATOM   313  C  CE1 . TYR A 1 62  ? -15.691 -1.301  -2.175  1.00 53.65  ? 59  TYR A CE1 1 
ATOM   314  C  CE2 . TYR A 1 62  ? -14.212 0.527   -1.709  1.00 52.35  ? 59  TYR A CE2 1 
ATOM   315  C  CZ  . TYR A 1 62  ? -15.061 -0.143  -2.576  1.00 54.40  ? 59  TYR A CZ  1 
ATOM   316  O  OH  . TYR A 1 62  ? -15.326 0.323   -3.842  1.00 63.62  ? 59  TYR A OH  1 
ATOM   317  N  N   . PHE A 1 63  ? -15.268 -1.752  4.711   1.00 52.84  ? 60  PHE A N   1 
ATOM   318  C  CA  . PHE A 1 63  ? -14.963 -2.340  6.019   1.00 56.42  ? 60  PHE A CA  1 
ATOM   319  C  C   . PHE A 1 63  ? -16.111 -2.278  7.032   1.00 57.33  ? 60  PHE A C   1 
ATOM   320  O  O   . PHE A 1 63  ? -16.423 -1.198  7.556   1.00 59.67  ? 60  PHE A O   1 
ATOM   321  C  CB  . PHE A 1 63  ? -13.734 -1.637  6.601   1.00 53.38  ? 60  PHE A CB  1 
ATOM   322  C  CG  . PHE A 1 63  ? -12.484 -1.821  5.780   1.00 53.58  ? 60  PHE A CG  1 
ATOM   323  C  CD1 . PHE A 1 63  ? -11.677 -2.942  5.953   1.00 52.03  ? 60  PHE A CD1 1 
ATOM   324  C  CD2 . PHE A 1 63  ? -12.111 -0.875  4.829   1.00 61.27  ? 60  PHE A CD2 1 
ATOM   325  C  CE1 . PHE A 1 63  ? -10.507 -3.116  5.192   1.00 54.20  ? 60  PHE A CE1 1 
ATOM   326  C  CE2 . PHE A 1 63  ? -10.940 -1.042  4.063   1.00 63.34  ? 60  PHE A CE2 1 
ATOM   327  C  CZ  . PHE A 1 63  ? -10.137 -2.166  4.249   1.00 46.12  ? 60  PHE A CZ  1 
ATOM   328  N  N   . SER A 1 64  ? -16.701 -3.431  7.343   1.00 55.97  ? 61  SER A N   1 
ATOM   329  C  CA  . SER A 1 64  ? -17.817 -3.491  8.298   1.00 60.40  ? 61  SER A CA  1 
ATOM   330  C  C   . SER A 1 64  ? -17.586 -2.795  9.638   1.00 61.97  ? 61  SER A C   1 
ATOM   331  O  O   . SER A 1 64  ? -18.387 -1.951  10.047  1.00 61.27  ? 61  SER A O   1 
ATOM   332  C  CB  . SER A 1 64  ? -18.238 -4.950  8.546   1.00 59.66  ? 61  SER A CB  1 
ATOM   333  O  OG  . SER A 1 64  ? -17.129 -5.825  8.716   1.00 63.92  ? 61  SER A OG  1 
ATOM   334  N  N   . GLN A 1 65  ? -16.491 -3.143  10.307  1.00 65.15  ? 62  GLN A N   1 
ATOM   335  C  CA  . GLN A 1 65  ? -16.161 -2.581  11.609  1.00 66.90  ? 62  GLN A CA  1 
ATOM   336  C  C   . GLN A 1 65  ? -16.031 -1.053  11.696  1.00 66.39  ? 62  GLN A C   1 
ATOM   337  O  O   . GLN A 1 65  ? -16.547 -0.455  12.634  1.00 69.92  ? 62  GLN A O   1 
ATOM   338  C  CB  . GLN A 1 65  ? -14.885 -3.248  12.153  1.00 72.21  ? 62  GLN A CB  1 
ATOM   339  C  CG  . GLN A 1 65  ? -14.681 -3.076  13.675  1.00 85.33  ? 62  GLN A CG  1 
ATOM   340  C  CD  . GLN A 1 65  ? -13.211 -3.151  14.124  1.00 88.87  ? 62  GLN A CD  1 
ATOM   341  O  OE1 . GLN A 1 65  ? -12.471 -4.073  13.764  1.00 83.80  ? 62  GLN A OE1 1 
ATOM   342  N  NE2 . GLN A 1 65  ? -12.798 -2.177  14.930  1.00 94.73  ? 62  GLN A NE2 1 
ATOM   343  N  N   . PHE A 1 66  ? -15.362 -0.401  10.750  1.00 64.97  ? 63  PHE A N   1 
ATOM   344  C  CA  . PHE A 1 66  ? -15.227 1.054   10.858  1.00 61.27  ? 63  PHE A CA  1 
ATOM   345  C  C   . PHE A 1 66  ? -15.876 1.914   9.775   1.00 61.95  ? 63  PHE A C   1 
ATOM   346  O  O   . PHE A 1 66  ? -15.504 3.081   9.635   1.00 57.59  ? 63  PHE A O   1 
ATOM   347  C  CB  . PHE A 1 66  ? -13.751 1.462   10.997  1.00 56.67  ? 63  PHE A CB  1 
ATOM   348  C  CG  . PHE A 1 66  ? -12.879 1.079   9.828   1.00 55.76  ? 63  PHE A CG  1 
ATOM   349  C  CD1 . PHE A 1 66  ? -12.292 -0.183  9.748   1.00 53.01  ? 63  PHE A CD1 1 
ATOM   350  C  CD2 . PHE A 1 66  ? -12.628 1.989   8.815   1.00 53.76  ? 63  PHE A CD2 1 
ATOM   351  C  CE1 . PHE A 1 66  ? -11.469 -0.529  8.682   1.00 47.81  ? 63  PHE A CE1 1 
ATOM   352  C  CE2 . PHE A 1 66  ? -11.795 1.649   7.728   1.00 52.38  ? 63  PHE A CE2 1 
ATOM   353  C  CZ  . PHE A 1 66  ? -11.222 0.387   7.668   1.00 48.46  ? 63  PHE A CZ  1 
ATOM   354  N  N   . LYS A 1 67  ? -16.836 1.352   9.031   1.00 64.82  ? 64  LYS A N   1 
ATOM   355  C  CA  . LYS A 1 67  ? -17.555 2.080   7.984   1.00 65.30  ? 64  LYS A CA  1 
ATOM   356  C  C   . LYS A 1 67  ? -17.950 3.445   8.486   1.00 70.56  ? 64  LYS A C   1 
ATOM   357  O  O   . LYS A 1 67  ? -17.835 4.444   7.777   1.00 68.50  ? 64  LYS A O   1 
ATOM   358  C  CB  . LYS A 1 67  ? -18.871 1.386   7.612   1.00 63.28  ? 64  LYS A CB  1 
ATOM   359  C  CG  . LYS A 1 67  ? -18.832 0.460   6.409   1.00 81.43  ? 64  LYS A CG  1 
ATOM   360  C  CD  . LYS A 1 67  ? -20.187 -0.212  6.188   1.00 83.45  ? 64  LYS A CD  1 
ATOM   361  C  CE  . LYS A 1 67  ? -21.127 0.640   5.316   1.00 97.28  ? 64  LYS A CE  1 
ATOM   362  N  NZ  . LYS A 1 67  ? -22.462 0.891   5.955   1.00 93.20  ? 64  LYS A NZ  1 
ATOM   363  N  N   . HIS A 1 68  ? -18.438 3.465   9.717   1.00 73.99  ? 65  HIS A N   1 
ATOM   364  C  CA  . HIS A 1 68  ? -18.948 4.688   10.277  1.00 80.48  ? 65  HIS A CA  1 
ATOM   365  C  C   . HIS A 1 68  ? -18.121 5.432   11.270  1.00 84.04  ? 65  HIS A C   1 
ATOM   366  O  O   . HIS A 1 68  ? -18.665 6.137   12.112  1.00 85.82  ? 65  HIS A O   1 
ATOM   367  C  CB  . HIS A 1 68  ? -20.312 4.402   10.893  1.00 82.29  ? 65  HIS A CB  1 
ATOM   368  C  CG  . HIS A 1 68  ? -21.214 3.614   9.987   1.00 87.61  ? 65  HIS A CG  1 
ATOM   369  N  ND1 . HIS A 1 68  ? -21.678 4.108   8.786   1.00 88.09  ? 65  HIS A ND1 1 
ATOM   370  C  CD2 . HIS A 1 68  ? -21.680 2.344   10.086  1.00 85.92  ? 65  HIS A CD2 1 
ATOM   371  C  CE1 . HIS A 1 68  ? -22.397 3.171   8.182   1.00 90.20  ? 65  HIS A CE1 1 
ATOM   372  N  NE2 . HIS A 1 68  ? -22.413 2.094   8.949   1.00 88.44  ? 65  HIS A NE2 1 
ATOM   373  N  N   . MET A 1 69  ? -16.814 5.324   11.200  1.00 87.12  ? 66  MET A N   1 
ATOM   374  C  CA  . MET A 1 69  ? -16.038 6.076   12.149  1.00 90.50  ? 66  MET A CA  1 
ATOM   375  C  C   . MET A 1 69  ? -15.479 7.353   11.579  1.00 92.66  ? 66  MET A C   1 
ATOM   376  O  O   . MET A 1 69  ? -14.958 7.386   10.460  1.00 93.09  ? 66  MET A O   1 
ATOM   377  C  CB  . MET A 1 69  ? -14.928 5.208   12.706  1.00 94.28  ? 66  MET A CB  1 
ATOM   378  C  CG  . MET A 1 69  ? -15.455 4.089   13.575  1.00 94.83  ? 66  MET A CG  1 
ATOM   379  S  SD  . MET A 1 69  ? -14.142 3.101   14.231  1.00 97.45  ? 66  MET A SD  1 
ATOM   380  C  CE  . MET A 1 69  ? -12.773 4.074   13.727  1.00 95.85  ? 66  MET A CE  1 
ATOM   381  N  N   . GLU A 1 70  ? -15.582 8.417   12.355  1.00 93.62  ? 67  GLU A N   1 
ATOM   382  C  CA  . GLU A 1 70  ? -15.100 9.693   11.888  1.00 95.43  ? 67  GLU A CA  1 
ATOM   383  C  C   . GLU A 1 70  ? -13.853 10.178  12.602  1.00 95.62  ? 67  GLU A C   1 
ATOM   384  O  O   . GLU A 1 70  ? -13.075 10.952  12.048  1.00 96.95  ? 67  GLU A O   1 
ATOM   385  C  CB  . GLU A 1 70  ? -16.234 10.739  11.993  1.00 98.83  ? 67  GLU A CB  1 
ATOM   386  C  CG  . GLU A 1 70  ? -17.323 10.577  10.936  1.00 110.80 ? 67  GLU A CG  1 
ATOM   387  C  CD  . GLU A 1 70  ? -18.423 11.624  11.053  1.00 119.47 ? 67  GLU A CD  1 
ATOM   388  O  OE1 . GLU A 1 70  ? -19.005 11.745  12.153  1.00 121.19 ? 67  GLU A OE1 1 
ATOM   389  O  OE2 . GLU A 1 70  ? -18.715 12.308  10.048  1.00 118.99 ? 67  GLU A OE2 1 
ATOM   390  N  N   . ASP A 1 71  ? -13.594 9.687   13.802  1.00 95.41  ? 68  ASP A N   1 
ATOM   391  C  CA  . ASP A 1 71  ? -12.401 10.148  14.511  1.00 92.41  ? 68  ASP A CA  1 
ATOM   392  C  C   . ASP A 1 71  ? -11.190 9.247   14.256  1.00 88.13  ? 68  ASP A C   1 
ATOM   393  O  O   . ASP A 1 71  ? -11.216 8.037   14.537  1.00 86.07  ? 68  ASP A O   1 
ATOM   394  C  CB  . ASP A 1 71  ? -12.706 10.231  16.020  1.00 102.49 ? 68  ASP A CB  1 
ATOM   395  C  CG  . ASP A 1 71  ? -11.682 11.054  16.803  1.00 115.30 ? 68  ASP A CG  1 
ATOM   396  O  OD1 . ASP A 1 71  ? -11.289 12.145  16.336  1.00 114.90 ? 68  ASP A OD1 1 
ATOM   397  O  OD2 . ASP A 1 71  ? -11.271 10.610  17.900  1.00 122.49 ? 68  ASP A OD2 1 
ATOM   398  N  N   . PRO A 1 72  ? -10.095 9.827   13.716  1.00 84.71  ? 69  PRO A N   1 
ATOM   399  C  CA  . PRO A 1 72  ? -8.861  9.084   13.430  1.00 86.42  ? 69  PRO A CA  1 
ATOM   400  C  C   . PRO A 1 72  ? -8.355  8.185   14.555  1.00 85.86  ? 69  PRO A C   1 
ATOM   401  O  O   . PRO A 1 72  ? -7.916  7.085   14.315  1.00 87.71  ? 69  PRO A O   1 
ATOM   402  C  CB  . PRO A 1 72  ? -7.915  10.231  13.046  1.00 85.60  ? 69  PRO A CB  1 
ATOM   403  C  CG  . PRO A 1 72  ? -8.766  11.038  12.172  1.00 83.08  ? 69  PRO A CG  1 
ATOM   404  C  CD  . PRO A 1 72  ? -10.156 11.006  12.823  1.00 75.86  ? 69  PRO A CD  1 
ATOM   405  N  N   . LEU A 1 73  ? -8.453  8.726   15.783  1.00 84.47  ? 70  LEU A N   1 
ATOM   406  C  CA  . LEU A 1 73  ? -8.002  7.969   16.982  1.00 81.85  ? 70  LEU A CA  1 
ATOM   407  C  C   . LEU A 1 73  ? -8.921  6.724   17.073  1.00 77.26  ? 70  LEU A C   1 
ATOM   408  O  O   . LEU A 1 73  ? -8.435  5.635   17.365  1.00 78.35  ? 70  LEU A O   1 
ATOM   409  C  CB  . LEU A 1 73  ? -8.058  8.834   18.222  1.00 89.96  ? 70  LEU A CB  1 
ATOM   410  C  CG  . LEU A 1 73  ? -7.510  10.271  18.179  1.00 95.21  ? 70  LEU A CG  1 
ATOM   411  C  CD1 . LEU A 1 73  ? -7.883  10.983  19.429  1.00 91.02  ? 70  LEU A CD1 1 
ATOM   412  C  CD2 . LEU A 1 73  ? -5.955  10.124  18.046  1.00 96.62  ? 70  LEU A CD2 1 
ATOM   413  N  N   . GLU A 1 74  ? -10.214 6.957   16.867  1.00 74.68  ? 71  GLU A N   1 
ATOM   414  C  CA  . GLU A 1 74  ? -11.143 5.815   16.958  1.00 75.05  ? 71  GLU A CA  1 
ATOM   415  C  C   . GLU A 1 74  ? -10.814 4.840   15.820  1.00 75.79  ? 71  GLU A C   1 
ATOM   416  O  O   . GLU A 1 74  ? -11.130 3.665   15.916  1.00 76.03  ? 71  GLU A O   1 
ATOM   417  C  CB  . GLU A 1 74  ? -12.592 6.255   16.933  1.00 74.01  ? 71  GLU A CB  1 
ATOM   418  C  CG  . GLU A 1 74  ? -13.569 5.134   17.212  1.00 74.90  ? 71  GLU A CG  1 
ATOM   419  C  CD  . GLU A 1 74  ? -15.021 5.610   17.385  1.00 94.00  ? 71  GLU A CD  1 
ATOM   420  O  OE1 . GLU A 1 74  ? -15.587 6.268   16.471  1.00 101.16 ? 71  GLU A OE1 1 
ATOM   421  O  OE2 . GLU A 1 74  ? -15.621 5.330   18.447  1.00 104.31 ? 71  GLU A OE2 1 
ATOM   422  N  N   . MET A 1 75  ? -10.152 5.338   14.771  1.00 75.47  ? 72  MET A N   1 
ATOM   423  C  CA  . MET A 1 75  ? -9.801  4.516   13.624  1.00 74.65  ? 72  MET A CA  1 
ATOM   424  C  C   . MET A 1 75  ? -8.493  3.812   13.915  1.00 73.07  ? 72  MET A C   1 
ATOM   425  O  O   . MET A 1 75  ? -8.315  2.637   13.595  1.00 74.05  ? 72  MET A O   1 
ATOM   426  C  CB  . MET A 1 75  ? -9.662  5.380   12.376  1.00 81.53  ? 72  MET A CB  1 
ATOM   427  C  CG  . MET A 1 75  ? -10.938 6.134   12.008  1.00 87.91  ? 72  MET A CG  1 
ATOM   428  S  SD  . MET A 1 75  ? -10.830 6.999   10.431  1.00 90.20  ? 72  MET A SD  1 
ATOM   429  C  CE  . MET A 1 75  ? -11.388 5.695   9.339   1.00 87.19  ? 72  MET A CE  1 
ATOM   430  N  N   . GLU A 1 76  ? -7.581  4.549   14.533  1.00 68.82  ? 73  GLU A N   1 
ATOM   431  C  CA  . GLU A 1 76  ? -6.282  4.020   14.904  1.00 66.53  ? 73  GLU A CA  1 
ATOM   432  C  C   . GLU A 1 76  ? -6.417  2.843   15.861  1.00 64.08  ? 73  GLU A C   1 
ATOM   433  O  O   . GLU A 1 76  ? -5.464  2.088   16.025  1.00 65.78  ? 73  GLU A O   1 
ATOM   434  C  CB  . GLU A 1 76  ? -5.449  5.102   15.584  1.00 67.81  ? 73  GLU A CB  1 
ATOM   435  C  CG  . GLU A 1 76  ? -5.168  6.305   14.692  1.00 90.80  ? 73  GLU A CG  1 
ATOM   436  C  CD  . GLU A 1 76  ? -4.845  7.575   15.473  1.00 100.56 ? 73  GLU A CD  1 
ATOM   437  O  OE1 . GLU A 1 76  ? -3.973  7.527   16.373  1.00 102.23 ? 73  GLU A OE1 1 
ATOM   438  O  OE2 . GLU A 1 76  ? -5.459  8.626   15.175  1.00 104.01 ? 73  GLU A OE2 1 
ATOM   439  N  N   . ARG A 1 77  ? -7.590  2.694   16.488  1.00 62.82  ? 74  ARG A N   1 
ATOM   440  C  CA  . ARG A 1 77  ? -7.868  1.613   17.458  1.00 65.32  ? 74  ARG A CA  1 
ATOM   441  C  C   . ARG A 1 77  ? -8.615  0.419   16.890  1.00 63.62  ? 74  ARG A C   1 
ATOM   442  O  O   . ARG A 1 77  ? -8.567  -0.666  17.448  1.00 65.78  ? 74  ARG A O   1 
ATOM   443  C  CB  . ARG A 1 77  ? -8.706  2.130   18.632  1.00 63.52  ? 74  ARG A CB  1 
ATOM   444  C  CG  . ARG A 1 77  ? -8.007  3.098   19.563  1.00 79.55  ? 74  ARG A CG  1 
ATOM   445  C  CD  . ARG A 1 77  ? -8.864  3.357   20.794  1.00 91.36  ? 74  ARG A CD  1 
ATOM   446  N  NE  . ARG A 1 77  ? -8.078  3.921   21.890  1.00 109.16 ? 74  ARG A NE  1 
ATOM   447  C  CZ  . ARG A 1 77  ? -8.534  4.090   23.130  1.00 113.61 ? 74  ARG A CZ  1 
ATOM   448  N  NH1 . ARG A 1 77  ? -9.776  3.740   23.440  1.00 110.77 ? 74  ARG A NH1 1 
ATOM   449  N  NH2 . ARG A 1 77  ? -7.744  4.605   24.064  1.00 118.50 ? 74  ARG A NH2 1 
ATOM   450  N  N   . SER A 1 78  ? -9.339  0.636   15.803  1.00 64.03  ? 75  SER A N   1 
ATOM   451  C  CA  . SER A 1 78  ? -10.116 -0.420  15.183  1.00 61.63  ? 75  SER A CA  1 
ATOM   452  C  C   . SER A 1 78  ? -9.282  -1.675  14.882  1.00 60.79  ? 75  SER A C   1 
ATOM   453  O  O   . SER A 1 78  ? -8.276  -1.615  14.173  1.00 61.76  ? 75  SER A O   1 
ATOM   454  C  CB  . SER A 1 78  ? -10.752 0.116   13.890  1.00 63.44  ? 75  SER A CB  1 
ATOM   455  O  OG  . SER A 1 78  ? -11.544 -0.866  13.241  1.00 61.09  ? 75  SER A OG  1 
ATOM   456  N  N   . PRO A 1 79  ? -9.673  -2.822  15.458  1.00 57.90  ? 76  PRO A N   1 
ATOM   457  C  CA  . PRO A 1 79  ? -8.926  -4.054  15.199  1.00 56.74  ? 76  PRO A CA  1 
ATOM   458  C  C   . PRO A 1 79  ? -8.832  -4.329  13.708  1.00 53.65  ? 76  PRO A C   1 
ATOM   459  O  O   . PRO A 1 79  ? -7.757  -4.621  13.196  1.00 52.77  ? 76  PRO A O   1 
ATOM   460  C  CB  . PRO A 1 79  ? -9.758  -5.110  15.915  1.00 50.90  ? 76  PRO A CB  1 
ATOM   461  C  CG  . PRO A 1 79  ? -10.198 -4.380  17.125  1.00 46.83  ? 76  PRO A CG  1 
ATOM   462  C  CD  . PRO A 1 79  ? -10.619 -3.018  16.574  1.00 54.92  ? 76  PRO A CD  1 
ATOM   463  N  N   . GLN A 1 80  ? -9.961  -4.218  13.014  1.00 56.04  ? 77  GLN A N   1 
ATOM   464  C  CA  . GLN A 1 80  ? -10.006 -4.481  11.582  1.00 55.33  ? 77  GLN A CA  1 
ATOM   465  C  C   . GLN A 1 80  ? -9.057  -3.612  10.761  1.00 52.43  ? 77  GLN A C   1 
ATOM   466  O  O   . GLN A 1 80  ? -8.351  -4.108  9.878   1.00 53.23  ? 77  GLN A O   1 
ATOM   467  C  CB  . GLN A 1 80  ? -11.441 -4.315  11.070  1.00 51.24  ? 77  GLN A CB  1 
ATOM   468  C  CG  . GLN A 1 80  ? -11.594 -4.610  9.573   1.00 50.89  ? 77  GLN A CG  1 
ATOM   469  C  CD  . GLN A 1 80  ? -13.058 -4.491  9.099   1.00 52.10  ? 77  GLN A CD  1 
ATOM   470  O  OE1 . GLN A 1 80  ? -13.694 -3.518  9.427   1.00 48.82  ? 77  GLN A OE1 1 
ATOM   471  N  NE2 . GLN A 1 80  ? -13.562 -5.457  8.350   1.00 42.80  ? 77  GLN A NE2 1 
ATOM   472  N  N   . LEU A 1 81  ? -9.052  -2.317  11.036  1.00 53.51  ? 78  LEU A N   1 
ATOM   473  C  CA  . LEU A 1 81  ? -8.180  -1.407  10.311  1.00 56.08  ? 78  LEU A CA  1 
ATOM   474  C  C   . LEU A 1 81  ? -6.745  -1.871  10.551  1.00 59.25  ? 78  LEU A C   1 
ATOM   475  O  O   . LEU A 1 81  ? -5.931  -1.846  9.627   1.00 62.50  ? 78  LEU A O   1 
ATOM   476  C  CB  . LEU A 1 81  ? -8.416  0.033   10.820  1.00 41.68  ? 78  LEU A CB  1 
ATOM   477  C  CG  . LEU A 1 81  ? -7.475  1.233   10.662  1.00 38.91  ? 78  LEU A CG  1 
ATOM   478  C  CD1 . LEU A 1 81  ? -6.082  0.851   10.154  1.00 38.86  ? 78  LEU A CD1 1 
ATOM   479  C  CD2 . LEU A 1 81  ? -8.132  2.224   9.728   1.00 42.57  ? 78  LEU A CD2 1 
ATOM   480  N  N   . ARG A 1 82  ? -6.454  -2.322  11.775  1.00 56.00  ? 79  ARG A N   1 
ATOM   481  C  CA  . ARG A 1 82  ? -5.094  -2.758  12.098  1.00 57.29  ? 79  ARG A CA  1 
ATOM   482  C  C   . ARG A 1 82  ? -4.685  -4.056  11.413  1.00 53.36  ? 79  ARG A C   1 
ATOM   483  O  O   . ARG A 1 82  ? -3.546  -4.190  10.969  1.00 53.83  ? 79  ARG A O   1 
ATOM   484  C  CB  . ARG A 1 82  ? -4.893  -2.856  13.618  1.00 64.21  ? 79  ARG A CB  1 
ATOM   485  C  CG  . ARG A 1 82  ? -4.239  -1.603  14.210  1.00 86.82  ? 79  ARG A CG  1 
ATOM   486  C  CD  . ARG A 1 82  ? -3.600  -1.842  15.594  1.00 85.90  ? 79  ARG A CD  1 
ATOM   487  N  NE  . ARG A 1 82  ? -2.566  -0.846  15.899  1.00 86.09  ? 79  ARG A NE  1 
ATOM   488  C  CZ  . ARG A 1 82  ? -2.698  0.144   16.785  1.00 97.53  ? 79  ARG A CZ  1 
ATOM   489  N  NH1 . ARG A 1 82  ? -3.829  0.282   17.477  1.00 97.33  ? 79  ARG A NH1 1 
ATOM   490  N  NH2 . ARG A 1 82  ? -1.702  1.010   16.974  1.00 93.97  ? 79  ARG A NH2 1 
ATOM   491  N  N   . LYS A 1 83  ? -5.589  -5.026  11.341  1.00 51.66  ? 80  LYS A N   1 
ATOM   492  C  CA  . LYS A 1 83  ? -5.279  -6.270  10.664  1.00 51.99  ? 80  LYS A CA  1 
ATOM   493  C  C   . LYS A 1 83  ? -5.043  -6.018  9.162   1.00 56.84  ? 80  LYS A C   1 
ATOM   494  O  O   . LYS A 1 83  ? -4.147  -6.636  8.545   1.00 54.56  ? 80  LYS A O   1 
ATOM   495  C  CB  . LYS A 1 83  ? -6.414  -7.262  10.890  1.00 48.82  ? 80  LYS A CB  1 
ATOM   496  C  CG  . LYS A 1 83  ? -6.181  -8.670  10.336  1.00 72.00  ? 80  LYS A CG  1 
ATOM   497  C  CD  . LYS A 1 83  ? -6.617  -9.755  11.325  1.00 73.14  ? 80  LYS A CD  1 
ATOM   498  C  CE  . LYS A 1 83  ? -7.016  -11.032 10.609  1.00 68.74  ? 80  LYS A CE  1 
ATOM   499  N  NZ  . LYS A 1 83  ? -8.196  -10.796 9.712   1.00 82.49  ? 80  LYS A NZ  1 
ATOM   500  N  N   . HIS A 1 84  ? -5.808  -5.088  8.584   1.00 51.15  ? 81  HIS A N   1 
ATOM   501  C  CA  . HIS A 1 84  ? -5.651  -4.783  7.183   1.00 47.77  ? 81  HIS A CA  1 
ATOM   502  C  C   . HIS A 1 84  ? -4.339  -4.060  6.896   1.00 47.83  ? 81  HIS A C   1 
ATOM   503  O  O   . HIS A 1 84  ? -3.681  -4.367  5.913   1.00 47.43  ? 81  HIS A O   1 
ATOM   504  C  CB  . HIS A 1 84  ? -6.845  -3.992  6.654   1.00 49.05  ? 81  HIS A CB  1 
ATOM   505  C  CG  . HIS A 1 84  ? -6.797  -3.793  5.174   1.00 47.06  ? 81  HIS A CG  1 
ATOM   506  N  ND1 . HIS A 1 84  ? -6.567  -2.568  4.588   1.00 54.16  ? 81  HIS A ND1 1 
ATOM   507  C  CD2 . HIS A 1 84  ? -6.828  -4.695  4.165   1.00 48.66  ? 81  HIS A CD2 1 
ATOM   508  C  CE1 . HIS A 1 84  ? -6.452  -2.725  3.279   1.00 42.59  ? 81  HIS A CE1 1 
ATOM   509  N  NE2 . HIS A 1 84  ? -6.605  -4.006  2.999   1.00 44.77  ? 81  HIS A NE2 1 
ATOM   510  N  N   . ALA A 1 85  ? -3.951  -3.119  7.753   1.00 40.95  ? 82  ALA A N   1 
ATOM   511  C  CA  . ALA A 1 85  ? -2.697  -2.382  7.558   1.00 39.86  ? 82  ALA A CA  1 
ATOM   512  C  C   . ALA A 1 85  ? -1.582  -3.415  7.496   1.00 40.57  ? 82  ALA A C   1 
ATOM   513  O  O   . ALA A 1 85  ? -0.697  -3.410  6.627   1.00 46.45  ? 82  ALA A O   1 
ATOM   514  C  CB  . ALA A 1 85  ? -2.461  -1.408  8.725   1.00 34.82  ? 82  ALA A CB  1 
ATOM   515  N  N   . CYS A 1 86  ? -1.634  -4.294  8.466   1.00 39.00  ? 83  CYS A N   1 
ATOM   516  C  CA  . CYS A 1 86  ? -0.676  -5.364  8.543   1.00 41.41  ? 83  CYS A CA  1 
ATOM   517  C  C   . CYS A 1 86  ? -0.623  -6.158  7.225   1.00 48.81  ? 83  CYS A C   1 
ATOM   518  O  O   . CYS A 1 86  ? 0.453   -6.425  6.674   1.00 45.81  ? 83  CYS A O   1 
ATOM   519  C  CB  . CYS A 1 86  ? -1.049  -6.288  9.695   1.00 38.33  ? 83  CYS A CB  1 
ATOM   520  S  SG  . CYS A 1 86  ? 0.133   -7.656  9.811   1.00 59.30  ? 83  CYS A SG  1 
ATOM   521  N  N   A ARG A 1 87  ? -1.796  -6.520  6.723   0.60 43.99  ? 84  ARG A N   1 
ATOM   522  N  N   B ARG A 1 87  ? -1.793  -6.542  6.728   0.40 43.95  ? 84  ARG A N   1 
ATOM   523  C  CA  A ARG A 1 87  ? -1.899  -7.298  5.495   0.60 46.76  ? 84  ARG A CA  1 
ATOM   524  C  CA  B ARG A 1 87  ? -1.860  -7.318  5.497   0.40 46.56  ? 84  ARG A CA  1 
ATOM   525  C  C   A ARG A 1 87  ? -1.364  -6.540  4.296   0.60 49.17  ? 84  ARG A C   1 
ATOM   526  C  C   B ARG A 1 87  ? -1.340  -6.537  4.305   0.40 48.85  ? 84  ARG A C   1 
ATOM   527  O  O   A ARG A 1 87  ? -0.864  -7.132  3.340   0.60 49.21  ? 84  ARG A O   1 
ATOM   528  O  O   B ARG A 1 87  ? -0.732  -7.110  3.405   0.40 48.41  ? 84  ARG A O   1 
ATOM   529  C  CB  A ARG A 1 87  ? -3.348  -7.712  5.254   0.60 45.05  ? 84  ARG A CB  1 
ATOM   530  C  CB  B ARG A 1 87  ? -3.292  -7.787  5.251   0.40 45.65  ? 84  ARG A CB  1 
ATOM   531  C  CG  A ARG A 1 87  ? -3.634  -9.048  5.897   0.60 49.24  ? 84  ARG A CG  1 
ATOM   532  C  CG  B ARG A 1 87  ? -3.507  -9.224  5.688   0.40 49.84  ? 84  ARG A CG  1 
ATOM   533  C  CD  A ARG A 1 87  ? -5.070  -9.258  6.171   0.60 59.72  ? 84  ARG A CD  1 
ATOM   534  C  CD  B ARG A 1 87  ? -4.937  -9.491  6.084   0.40 59.07  ? 84  ARG A CD  1 
ATOM   535  N  NE  A ARG A 1 87  ? -5.345  -10.551 6.795   0.60 76.52  ? 84  ARG A NE  1 
ATOM   536  N  NE  B ARG A 1 87  ? -5.073  -10.793 6.733   0.40 75.07  ? 84  ARG A NE  1 
ATOM   537  C  CZ  A ARG A 1 87  ? -4.461  -11.536 6.964   0.60 82.34  ? 84  ARG A CZ  1 
ATOM   538  C  CZ  B ARG A 1 87  ? -6.189  -11.228 7.316   0.40 81.39  ? 84  ARG A CZ  1 
ATOM   539  N  NH1 A ARG A 1 87  ? -3.198  -11.413 6.564   0.60 79.78  ? 84  ARG A NH1 1 
ATOM   540  N  NH1 B ARG A 1 87  ? -7.275  -10.465 7.331   0.40 82.09  ? 84  ARG A NH1 1 
ATOM   541  N  NH2 A ARG A 1 87  ? -4.859  -12.662 7.537   0.60 89.57  ? 84  ARG A NH2 1 
ATOM   542  N  NH2 B ARG A 1 87  ? -6.217  -12.423 7.892   0.40 88.37  ? 84  ARG A NH2 1 
ATOM   543  N  N   . VAL A 1 88  ? -1.563  -5.229  4.312   1.00 45.98  ? 85  VAL A N   1 
ATOM   544  C  CA  . VAL A 1 88  ? -1.095  -4.387  3.225   1.00 52.14  ? 85  VAL A CA  1 
ATOM   545  C  C   . VAL A 1 88  ? 0.430   -4.313  3.300   1.00 55.28  ? 85  VAL A C   1 
ATOM   546  O  O   . VAL A 1 88  ? 1.132   -4.603  2.327   1.00 53.83  ? 85  VAL A O   1 
ATOM   547  C  CB  . VAL A 1 88  ? -1.654  -2.976  3.349   1.00 53.92  ? 85  VAL A CB  1 
ATOM   548  C  CG1 . VAL A 1 88  ? -0.918  -2.054  2.386   1.00 47.97  ? 85  VAL A CG1 1 
ATOM   549  C  CG2 . VAL A 1 88  ? -3.161  -2.994  3.068   1.00 50.25  ? 85  VAL A CG2 1 
ATOM   550  N  N   . MET A 1 89  ? 0.933   -3.930  4.471   1.00 54.83  ? 86  MET A N   1 
ATOM   551  C  CA  . MET A 1 89  ? 2.370   -3.816  4.674   1.00 56.18  ? 86  MET A CA  1 
ATOM   552  C  C   . MET A 1 89  ? 3.061   -5.149  4.412   1.00 56.90  ? 86  MET A C   1 
ATOM   553  O  O   . MET A 1 89  ? 4.157   -5.186  3.835   1.00 58.17  ? 86  MET A O   1 
ATOM   554  C  CB  . MET A 1 89  ? 2.660   -3.337  6.104   1.00 54.73  ? 86  MET A CB  1 
ATOM   555  C  CG  . MET A 1 89  ? 2.082   -1.968  6.427   1.00 56.30  ? 86  MET A CG  1 
ATOM   556  S  SD  . MET A 1 89  ? 2.554   -0.707  5.217   1.00 64.27  ? 86  MET A SD  1 
ATOM   557  C  CE  . MET A 1 89  ? 4.212   -0.253  5.761   1.00 60.54  ? 86  MET A CE  1 
ATOM   558  N  N   . GLY A 1 90  ? 2.410   -6.234  4.834   1.00 55.63  ? 87  GLY A N   1 
ATOM   559  C  CA  . GLY A 1 90  ? 2.961   -7.562  4.644   1.00 58.68  ? 87  GLY A CA  1 
ATOM   560  C  C   . GLY A 1 90  ? 3.213   -7.923  3.189   1.00 61.09  ? 87  GLY A C   1 
ATOM   561  O  O   . GLY A 1 90  ? 4.291   -8.427  2.836   1.00 59.81  ? 87  GLY A O   1 
ATOM   562  N  N   . ALA A 1 91  ? 2.223   -7.665  2.337   1.00 60.91  ? 88  ALA A N   1 
ATOM   563  C  CA  . ALA A 1 91  ? 2.368   -7.969  0.912   1.00 61.51  ? 88  ALA A CA  1 
ATOM   564  C  C   . ALA A 1 91  ? 3.298   -6.996  0.169   1.00 62.01  ? 88  ALA A C   1 
ATOM   565  O  O   . ALA A 1 91  ? 4.019   -7.410  -0.741  1.00 61.18  ? 88  ALA A O   1 
ATOM   566  C  CB  . ALA A 1 91  ? 1.007   -8.002  0.244   1.00 44.50  ? 88  ALA A CB  1 
ATOM   567  N  N   . LEU A 1 92  ? 3.274   -5.716  0.554   1.00 61.83  ? 89  LEU A N   1 
ATOM   568  C  CA  . LEU A 1 92  ? 4.125   -4.691  -0.070  1.00 63.42  ? 89  LEU A CA  1 
ATOM   569  C  C   . LEU A 1 92  ? 5.607   -4.978  0.189   1.00 63.86  ? 89  LEU A C   1 
ATOM   570  O  O   . LEU A 1 92  ? 6.450   -4.668  -0.648  1.00 65.30  ? 89  LEU A O   1 
ATOM   571  C  CB  . LEU A 1 92  ? 3.755   -3.290  0.453   1.00 63.53  ? 89  LEU A CB  1 
ATOM   572  C  CG  . LEU A 1 92  ? 2.862   -2.349  -0.387  1.00 72.66  ? 89  LEU A CG  1 
ATOM   573  C  CD1 . LEU A 1 92  ? 1.868   -3.130  -1.227  1.00 67.27  ? 89  LEU A CD1 1 
ATOM   574  C  CD2 . LEU A 1 92  ? 2.124   -1.381  0.534   1.00 64.84  ? 89  LEU A CD2 1 
ATOM   575  N  N   . ASN A 1 93  ? 5.909   -5.570  1.346   1.00 63.72  ? 90  ASN A N   1 
ATOM   576  C  CA  . ASN A 1 93  ? 7.280   -5.926  1.711   1.00 65.82  ? 90  ASN A CA  1 
ATOM   577  C  C   . ASN A 1 93  ? 7.732   -7.097  0.840   1.00 65.72  ? 90  ASN A C   1 
ATOM   578  O  O   . ASN A 1 93  ? 8.835   -7.086  0.298   1.00 67.39  ? 90  ASN A O   1 
ATOM   579  C  CB  . ASN A 1 93  ? 7.354   -6.313  3.198   1.00 64.52  ? 90  ASN A CB  1 
ATOM   580  C  CG  . ASN A 1 93  ? 8.769   -6.732  3.648   1.00 56.63  ? 90  ASN A CG  1 
ATOM   581  O  OD1 . ASN A 1 93  ? 9.726   -5.954  3.565   1.00 59.62  ? 90  ASN A OD1 1 
ATOM   582  N  ND2 . ASN A 1 93  ? 8.889   -7.965  4.145   1.00 48.07  ? 90  ASN A ND2 1 
ATOM   583  N  N   . THR A 1 94  ? 6.881   -8.111  0.714   1.00 64.57  ? 91  THR A N   1 
ATOM   584  C  CA  . THR A 1 94  ? 7.229   -9.255  -0.129  1.00 63.69  ? 91  THR A CA  1 
ATOM   585  C  C   . THR A 1 94  ? 7.558   -8.712  -1.520  1.00 63.32  ? 91  THR A C   1 
ATOM   586  O  O   . THR A 1 94  ? 8.591   -9.071  -2.100  1.00 61.02  ? 91  THR A O   1 
ATOM   587  C  CB  . THR A 1 94  ? 6.066   -10.270 -0.243  1.00 64.47  ? 91  THR A CB  1 
ATOM   588  O  OG1 . THR A 1 94  ? 5.711   -10.738 1.067   1.00 59.04  ? 91  THR A OG1 1 
ATOM   589  C  CG2 . THR A 1 94  ? 6.479   -11.459 -1.115  1.00 55.35  ? 91  THR A CG2 1 
ATOM   590  N  N   . VAL A 1 95  ? 6.688   -7.839  -2.035  1.00 58.83  ? 92  VAL A N   1 
ATOM   591  C  CA  . VAL A 1 95  ? 6.899   -7.228  -3.345  1.00 59.92  ? 92  VAL A CA  1 
ATOM   592  C  C   . VAL A 1 95  ? 8.236   -6.515  -3.335  1.00 61.67  ? 92  VAL A C   1 
ATOM   593  O  O   . VAL A 1 95  ? 9.141   -6.877  -4.071  1.00 58.86  ? 92  VAL A O   1 
ATOM   594  C  CB  . VAL A 1 95  ? 5.833   -6.179  -3.670  1.00 57.42  ? 92  VAL A CB  1 
ATOM   595  C  CG1 . VAL A 1 95  ? 6.221   -5.427  -4.955  1.00 60.17  ? 92  VAL A CG1 1 
ATOM   596  C  CG2 . VAL A 1 95  ? 4.483   -6.842  -3.811  1.00 59.36  ? 92  VAL A CG2 1 
ATOM   597  N  N   . VAL A 1 96  ? 8.342   -5.493  -2.492  1.00 64.33  ? 93  VAL A N   1 
ATOM   598  C  CA  . VAL A 1 96  ? 9.565   -4.709  -2.362  1.00 67.41  ? 93  VAL A CA  1 
ATOM   599  C  C   . VAL A 1 96  ? 10.811  -5.587  -2.252  1.00 68.82  ? 93  VAL A C   1 
ATOM   600  O  O   . VAL A 1 96  ? 11.797  -5.388  -2.975  1.00 67.42  ? 93  VAL A O   1 
ATOM   601  C  CB  . VAL A 1 96  ? 9.506   -3.801  -1.110  1.00 65.67  ? 93  VAL A CB  1 
ATOM   602  C  CG1 . VAL A 1 96  ? 10.840  -3.122  -0.904  1.00 57.80  ? 93  VAL A CG1 1 
ATOM   603  C  CG2 . VAL A 1 96  ? 8.405   -2.772  -1.263  1.00 70.34  ? 93  VAL A CG2 1 
ATOM   604  N  N   . GLU A 1 97  ? 10.745  -6.554  -1.342  1.00 72.93  ? 94  GLU A N   1 
ATOM   605  C  CA  . GLU A 1 97  ? 11.844  -7.474  -1.074  1.00 75.75  ? 94  GLU A CA  1 
ATOM   606  C  C   . GLU A 1 97  ? 12.201  -8.373  -2.267  1.00 80.07  ? 94  GLU A C   1 
ATOM   607  O  O   . GLU A 1 97  ? 13.258  -9.013  -2.276  1.00 80.41  ? 94  GLU A O   1 
ATOM   608  C  CB  . GLU A 1 97  ? 11.502  -8.322  0.162   1.00 75.20  ? 94  GLU A CB  1 
ATOM   609  C  CG  . GLU A 1 97  ? 12.715  -8.720  0.991   1.00 77.86  ? 94  GLU A CG  1 
ATOM   610  C  CD  . GLU A 1 97  ? 12.602  -8.330  2.458   1.00 74.75  ? 94  GLU A CD  1 
ATOM   611  O  OE1 . GLU A 1 97  ? 12.047  -9.123  3.249   1.00 70.71  ? 94  GLU A OE1 1 
ATOM   612  O  OE2 . GLU A 1 97  ? 13.073  -7.227  2.822   1.00 78.95  ? 94  GLU A OE2 1 
ATOM   613  N  N   . ASN A 1 98  ? 11.326  -8.422  -3.270  1.00 81.39  ? 95  ASN A N   1 
ATOM   614  C  CA  . ASN A 1 98  ? 11.579  -9.232  -4.464  1.00 81.32  ? 95  ASN A CA  1 
ATOM   615  C  C   . ASN A 1 98  ? 11.414  -8.456  -5.774  1.00 82.12  ? 95  ASN A C   1 
ATOM   616  O  O   . ASN A 1 98  ? 10.964  -9.023  -6.770  1.00 81.59  ? 95  ASN A O   1 
ATOM   617  C  CB  . ASN A 1 98  ? 10.658  -10.457 -4.490  1.00 81.76  ? 95  ASN A CB  1 
ATOM   618  C  CG  . ASN A 1 98  ? 11.096  -11.533 -3.528  1.00 88.92  ? 95  ASN A CG  1 
ATOM   619  O  OD1 . ASN A 1 98  ? 12.081  -12.234 -3.772  1.00 93.79  ? 95  ASN A OD1 1 
ATOM   620  N  ND2 . ASN A 1 98  ? 10.371  -11.673 -2.421  1.00 89.85  ? 95  ASN A ND2 1 
ATOM   621  N  N   . LEU A 1 99  ? 11.770  -7.170  -5.790  1.00 81.33  ? 96  LEU A N   1 
ATOM   622  C  CA  . LEU A 1 99  ? 11.640  -6.387  -7.019  1.00 82.75  ? 96  LEU A CA  1 
ATOM   623  C  C   . LEU A 1 99  ? 12.545  -7.033  -8.046  1.00 83.62  ? 96  LEU A C   1 
ATOM   624  O  O   . LEU A 1 99  ? 12.404  -6.815  -9.252  1.00 82.94  ? 96  LEU A O   1 
ATOM   625  C  CB  . LEU A 1 99  ? 12.083  -4.944  -6.803  1.00 79.08  ? 96  LEU A CB  1 
ATOM   626  C  CG  . LEU A 1 99  ? 11.188  -4.152  -5.875  1.00 72.19  ? 96  LEU A CG  1 
ATOM   627  C  CD1 . LEU A 1 99  ? 11.692  -2.729  -5.774  1.00 71.93  ? 96  LEU A CD1 1 
ATOM   628  C  CD2 . LEU A 1 99  ? 9.764   -4.172  -6.419  1.00 74.90  ? 96  LEU A CD2 1 
ATOM   629  N  N   . HIS A 1 100 ? 13.468  -7.841  -7.533  1.00 84.05  ? 97  HIS A N   1 
ATOM   630  C  CA  . HIS A 1 100 ? 14.449  -8.546  -8.333  1.00 85.19  ? 97  HIS A CA  1 
ATOM   631  C  C   . HIS A 1 100 ? 13.887  -9.749  -9.066  1.00 87.47  ? 97  HIS A C   1 
ATOM   632  O  O   . HIS A 1 100 ? 14.542  -10.295 -9.946  1.00 90.98  ? 97  HIS A O   1 
ATOM   633  C  CB  . HIS A 1 100 ? 15.609  -8.999  -7.433  1.00 78.18  ? 97  HIS A CB  1 
ATOM   634  C  CG  . HIS A 1 100 ? 15.364  -10.290 -6.689  1.00 79.39  ? 97  HIS A CG  1 
ATOM   635  N  ND1 . HIS A 1 100 ? 15.838  -11.491 -7.159  1.00 76.60  ? 97  HIS A ND1 1 
ATOM   636  C  CD2 . HIS A 1 100 ? 14.716  -10.566 -5.527  1.00 82.73  ? 97  HIS A CD2 1 
ATOM   637  C  CE1 . HIS A 1 100 ? 15.494  -12.458 -6.323  1.00 75.80  ? 97  HIS A CE1 1 
ATOM   638  N  NE2 . HIS A 1 100 ? 14.813  -11.925 -5.325  1.00 77.09  ? 97  HIS A NE2 1 
ATOM   639  N  N   . ASP A 1 101 ? 12.691  -10.182 -8.686  1.00 86.14  ? 98  ASP A N   1 
ATOM   640  C  CA  . ASP A 1 101 ? 12.056  -11.331 -9.330  1.00 81.47  ? 98  ASP A CA  1 
ATOM   641  C  C   . ASP A 1 101 ? 10.703  -10.870 -9.890  1.00 80.15  ? 98  ASP A C   1 
ATOM   642  O  O   . ASP A 1 101 ? 9.684   -10.943 -9.198  1.00 79.48  ? 98  ASP A O   1 
ATOM   643  C  CB  . ASP A 1 101 ? 11.853  -12.443 -8.299  1.00 73.99  ? 98  ASP A CB  1 
ATOM   644  C  CG  . ASP A 1 101 ? 11.390  -13.737 -8.924  1.00 81.25  ? 98  ASP A CG  1 
ATOM   645  O  OD1 . ASP A 1 101 ? 10.592  -13.683 -9.893  1.00 82.03  ? 98  ASP A OD1 1 
ATOM   646  O  OD2 . ASP A 1 101 ? 11.816  -14.808 -8.433  1.00 82.21  ? 98  ASP A OD2 1 
ATOM   647  N  N   . PRO A 1 102 ? 10.677  -10.369 -11.144 1.00 82.32  ? 99  PRO A N   1 
ATOM   648  C  CA  . PRO A 1 102 ? 9.437   -9.891  -11.782 1.00 81.78  ? 99  PRO A CA  1 
ATOM   649  C  C   . PRO A 1 102 ? 8.205   -10.810 -11.651 1.00 78.54  ? 99  PRO A C   1 
ATOM   650  O  O   . PRO A 1 102 ? 7.073   -10.332 -11.578 1.00 78.85  ? 99  PRO A O   1 
ATOM   651  C  CB  . PRO A 1 102 ? 9.866   -9.682  -13.239 1.00 82.86  ? 99  PRO A CB  1 
ATOM   652  C  CG  . PRO A 1 102 ? 11.291  -9.224  -13.092 1.00 80.96  ? 99  PRO A CG  1 
ATOM   653  C  CD  . PRO A 1 102 ? 11.827  -10.194 -12.054 1.00 82.83  ? 99  PRO A CD  1 
ATOM   654  N  N   . ASP A 1 103 ? 8.425   -12.118 -11.613 1.00 76.71  ? 100 ASP A N   1 
ATOM   655  C  CA  . ASP A 1 103 ? 7.317   -13.049 -11.513 1.00 75.53  ? 100 ASP A CA  1 
ATOM   656  C  C   . ASP A 1 103 ? 6.840   -13.166 -10.083 1.00 72.59  ? 100 ASP A C   1 
ATOM   657  O  O   . ASP A 1 103 ? 5.666   -13.445 -9.838  1.00 72.05  ? 100 ASP A O   1 
ATOM   658  C  CB  . ASP A 1 103 ? 7.720   -14.417 -12.074 1.00 86.05  ? 100 ASP A CB  1 
ATOM   659  C  CG  . ASP A 1 103 ? 7.882   -14.390 -13.587 1.00 95.50  ? 100 ASP A CG  1 
ATOM   660  O  OD1 . ASP A 1 103 ? 6.914   -14.005 -14.282 1.00 95.87  ? 100 ASP A OD1 1 
ATOM   661  O  OD2 . ASP A 1 103 ? 8.974   -14.741 -14.083 1.00 99.34  ? 100 ASP A OD2 1 
ATOM   662  N  N   . LYS A 1 104 ? 7.743   -12.951 -9.134  1.00 67.90  ? 101 LYS A N   1 
ATOM   663  C  CA  . LYS A 1 104 ? 7.343   -13.006 -7.747  1.00 63.69  ? 101 LYS A CA  1 
ATOM   664  C  C   . LYS A 1 104 ? 6.432   -11.799 -7.528  1.00 64.66  ? 101 LYS A C   1 
ATOM   665  O  O   . LYS A 1 104 ? 5.420   -11.915 -6.836  1.00 66.34  ? 101 LYS A O   1 
ATOM   666  C  CB  . LYS A 1 104 ? 8.555   -12.955 -6.810  1.00 61.91  ? 101 LYS A CB  1 
ATOM   667  C  CG  . LYS A 1 104 ? 8.217   -13.190 -5.341  1.00 54.34  ? 101 LYS A CG  1 
ATOM   668  C  CD  . LYS A 1 104 ? 7.271   -14.378 -5.184  1.00 65.84  ? 101 LYS A CD  1 
ATOM   669  C  CE  . LYS A 1 104 ? 6.897   -14.632 -3.720  1.00 74.78  ? 101 LYS A CE  1 
ATOM   670  N  NZ  . LYS A 1 104 ? 6.086   -15.877 -3.552  1.00 74.58  ? 101 LYS A NZ  1 
ATOM   671  N  N   . VAL A 1 105 ? 6.763   -10.652 -8.136  1.00 60.63  ? 102 VAL A N   1 
ATOM   672  C  CA  . VAL A 1 105 ? 5.932   -9.444  -8.000  1.00 59.38  ? 102 VAL A CA  1 
ATOM   673  C  C   . VAL A 1 105 ? 4.569   -9.695  -8.632  1.00 56.13  ? 102 VAL A C   1 
ATOM   674  O  O   . VAL A 1 105 ? 3.511   -9.443  -8.034  1.00 53.74  ? 102 VAL A O   1 
ATOM   675  C  CB  . VAL A 1 105 ? 6.536   -8.205  -8.737  1.00 64.95  ? 102 VAL A CB  1 
ATOM   676  C  CG1 . VAL A 1 105 ? 5.486   -7.084  -8.833  1.00 62.57  ? 102 VAL A CG1 1 
ATOM   677  C  CG2 . VAL A 1 105 ? 7.767   -7.706  -8.010  1.00 64.69  ? 102 VAL A CG2 1 
ATOM   678  N  N   . SER A 1 106 ? 4.621   -10.196 -9.859  1.00 54.36  ? 103 SER A N   1 
ATOM   679  C  CA  . SER A 1 106 ? 3.424   -10.470 -10.618 1.00 55.58  ? 103 SER A CA  1 
ATOM   680  C  C   . SER A 1 106 ? 2.454   -11.336 -9.849  1.00 54.58  ? 103 SER A C   1 
ATOM   681  O  O   . SER A 1 106 ? 1.274   -11.010 -9.738  1.00 54.09  ? 103 SER A O   1 
ATOM   682  C  CB  . SER A 1 106 ? 3.772   -11.151 -11.948 1.00 58.95  ? 103 SER A CB  1 
ATOM   683  O  OG  . SER A 1 106 ? 2.595   -11.345 -12.732 1.00 74.82  ? 103 SER A OG  1 
ATOM   684  N  N   . SER A 1 107 ? 2.949   -12.434 -9.303  1.00 53.67  ? 104 SER A N   1 
ATOM   685  C  CA  . SER A 1 107 ? 2.060   -13.318 -8.592  1.00 56.73  ? 104 SER A CA  1 
ATOM   686  C  C   . SER A 1 107 ? 1.516   -12.645 -7.336  1.00 57.45  ? 104 SER A C   1 
ATOM   687  O  O   . SER A 1 107 ? 0.298   -12.589 -7.160  1.00 58.75  ? 104 SER A O   1 
ATOM   688  C  CB  . SER A 1 107 ? 2.766   -14.634 -8.255  1.00 57.66  ? 104 SER A CB  1 
ATOM   689  O  OG  . SER A 1 107 ? 3.687   -14.481 -7.193  1.00 66.61  ? 104 SER A OG  1 
ATOM   690  N  N   . VAL A 1 108 ? 2.393   -12.108 -6.482  1.00 55.94  ? 105 VAL A N   1 
ATOM   691  C  CA  . VAL A 1 108 ? 1.944   -11.453 -5.248  1.00 55.25  ? 105 VAL A CA  1 
ATOM   692  C  C   . VAL A 1 108 ? 0.863   -10.395 -5.528  1.00 54.31  ? 105 VAL A C   1 
ATOM   693  O  O   . VAL A 1 108 ? -0.223  -10.413 -4.933  1.00 52.78  ? 105 VAL A O   1 
ATOM   694  C  CB  . VAL A 1 108 ? 3.129   -10.784 -4.483  1.00 57.62  ? 105 VAL A CB  1 
ATOM   695  C  CG1 . VAL A 1 108 ? 2.624   -10.080 -3.228  1.00 42.42  ? 105 VAL A CG1 1 
ATOM   696  C  CG2 . VAL A 1 108 ? 4.150   -11.830 -4.088  1.00 56.37  ? 105 VAL A CG2 1 
ATOM   697  N  N   . LEU A 1 109 ? 1.148   -9.485  -6.448  1.00 50.74  ? 106 LEU A N   1 
ATOM   698  C  CA  . LEU A 1 109 ? 0.182   -8.436  -6.758  1.00 50.79  ? 106 LEU A CA  1 
ATOM   699  C  C   . LEU A 1 109 ? -1.052  -8.974  -7.468  1.00 51.21  ? 106 LEU A C   1 
ATOM   700  O  O   . LEU A 1 109 ? -2.158  -8.490  -7.250  1.00 52.09  ? 106 LEU A O   1 
ATOM   701  C  CB  . LEU A 1 109 ? 0.850   -7.349  -7.601  1.00 54.99  ? 106 LEU A CB  1 
ATOM   702  C  CG  . LEU A 1 109 ? 2.050   -6.689  -6.901  1.00 66.08  ? 106 LEU A CG  1 
ATOM   703  C  CD1 . LEU A 1 109 ? 2.887   -5.921  -7.899  1.00 60.53  ? 106 LEU A CD1 1 
ATOM   704  C  CD2 . LEU A 1 109 ? 1.546   -5.765  -5.798  1.00 57.00  ? 106 LEU A CD2 1 
ATOM   705  N  N   . ALA A 1 110 ? -0.867  -9.992  -8.303  1.00 53.19  ? 107 ALA A N   1 
ATOM   706  C  CA  . ALA A 1 110 ? -1.983  -10.581 -9.042  1.00 52.16  ? 107 ALA A CA  1 
ATOM   707  C  C   . ALA A 1 110 ? -3.015  -11.196 -8.088  1.00 56.23  ? 107 ALA A C   1 
ATOM   708  O  O   . ALA A 1 110 ? -4.223  -10.981 -8.256  1.00 54.84  ? 107 ALA A O   1 
ATOM   709  C  CB  . ALA A 1 110 ? -1.465  -11.637 -10.012 1.00 47.06  ? 107 ALA A CB  1 
ATOM   710  N  N   . LEU A 1 111 ? -2.534  -11.949 -7.095  1.00 54.68  ? 108 LEU A N   1 
ATOM   711  C  CA  . LEU A 1 111 ? -3.412  -12.581 -6.106  1.00 55.40  ? 108 LEU A CA  1 
ATOM   712  C  C   . LEU A 1 111 ? -4.202  -11.472 -5.397  1.00 58.10  ? 108 LEU A C   1 
ATOM   713  O  O   . LEU A 1 111 ? -5.447  -11.516 -5.331  1.00 56.04  ? 108 LEU A O   1 
ATOM   714  C  CB  . LEU A 1 111 ? -2.593  -13.399 -5.083  1.00 56.85  ? 108 LEU A CB  1 
ATOM   715  C  CG  . LEU A 1 111 ? -1.884  -14.700 -5.522  1.00 57.84  ? 108 LEU A CG  1 
ATOM   716  C  CD1 . LEU A 1 111 ? -1.086  -15.287 -4.344  1.00 56.59  ? 108 LEU A CD1 1 
ATOM   717  C  CD2 . LEU A 1 111 ? -2.911  -15.727 -6.030  1.00 49.73  ? 108 LEU A CD2 1 
ATOM   718  N  N   . VAL A 1 112 ? -3.484  -10.462 -4.897  1.00 53.48  ? 109 VAL A N   1 
ATOM   719  C  CA  . VAL A 1 112 ? -4.144  -9.346  -4.222  1.00 48.57  ? 109 VAL A CA  1 
ATOM   720  C  C   . VAL A 1 112 ? -5.230  -8.752  -5.133  1.00 44.42  ? 109 VAL A C   1 
ATOM   721  O  O   . VAL A 1 112 ? -6.387  -8.636  -4.737  1.00 36.98  ? 109 VAL A O   1 
ATOM   722  C  CB  . VAL A 1 112 ? -3.139  -8.234  -3.838  1.00 53.95  ? 109 VAL A CB  1 
ATOM   723  C  CG1 . VAL A 1 112 ? -3.869  -7.101  -3.134  1.00 48.57  ? 109 VAL A CG1 1 
ATOM   724  C  CG2 . VAL A 1 112 ? -2.041  -8.800  -2.914  1.00 52.59  ? 109 VAL A CG2 1 
ATOM   725  N  N   . GLY A 1 113 ? -4.861  -8.406  -6.364  1.00 38.57  ? 110 GLY A N   1 
ATOM   726  C  CA  . GLY A 1 113 ? -5.838  -7.826  -7.268  1.00 48.01  ? 110 GLY A CA  1 
ATOM   727  C  C   . GLY A 1 113 ? -7.068  -8.712  -7.411  1.00 49.81  ? 110 GLY A C   1 
ATOM   728  O  O   . GLY A 1 113 ? -8.205  -8.266  -7.256  1.00 47.51  ? 110 GLY A O   1 
ATOM   729  N  N   . LYS A 1 114 ? -6.829  -9.978  -7.722  1.00 49.99  ? 111 LYS A N   1 
ATOM   730  C  CA  . LYS A 1 114 ? -7.893  -10.944 -7.887  1.00 54.16  ? 111 LYS A CA  1 
ATOM   731  C  C   . LYS A 1 114 ? -8.867  -10.911 -6.697  1.00 56.81  ? 111 LYS A C   1 
ATOM   732  O  O   . LYS A 1 114 ? -10.069 -10.694 -6.857  1.00 57.13  ? 111 LYS A O   1 
ATOM   733  C  CB  . LYS A 1 114 ? -7.299  -12.347 -8.018  1.00 53.77  ? 111 LYS A CB  1 
ATOM   734  C  CG  . LYS A 1 114 ? -8.010  -13.241 -9.028  1.00 65.23  ? 111 LYS A CG  1 
ATOM   735  C  CD  . LYS A 1 114 ? -7.461  -14.654 -8.980  1.00 81.96  ? 111 LYS A CD  1 
ATOM   736  C  CE  . LYS A 1 114 ? -7.004  -15.126 -10.346 1.00 80.32  ? 111 LYS A CE  1 
ATOM   737  N  NZ  . LYS A 1 114 ? -6.962  -16.613 -10.385 1.00 82.91  ? 111 LYS A NZ  1 
ATOM   738  N  N   . ALA A 1 115 ? -8.320  -11.119 -5.502  1.00 56.50  ? 112 ALA A N   1 
ATOM   739  C  CA  . ALA A 1 115 ? -9.085  -11.153 -4.260  1.00 52.89  ? 112 ALA A CA  1 
ATOM   740  C  C   . ALA A 1 115 ? -9.864  -9.885  -3.995  1.00 51.54  ? 112 ALA A C   1 
ATOM   741  O  O   . ALA A 1 115 ? -11.007 -9.917  -3.518  1.00 49.42  ? 112 ALA A O   1 
ATOM   742  C  CB  . ALA A 1 115 ? -8.155  -11.425 -3.101  1.00 48.76  ? 112 ALA A CB  1 
ATOM   743  N  N   . HIS A 1 116 ? -9.234  -8.762  -4.281  1.00 48.28  ? 113 HIS A N   1 
ATOM   744  C  CA  . HIS A 1 116 ? -9.913  -7.518  -4.035  1.00 51.56  ? 113 HIS A CA  1 
ATOM   745  C  C   . HIS A 1 116 ? -11.005 -7.264  -5.035  1.00 51.77  ? 113 HIS A C   1 
ATOM   746  O  O   . HIS A 1 116 ? -12.040 -6.706  -4.673  1.00 54.13  ? 113 HIS A O   1 
ATOM   747  C  CB  . HIS A 1 116 ? -8.916  -6.367  -3.986  1.00 47.96  ? 113 HIS A CB  1 
ATOM   748  C  CG  . HIS A 1 116 ? -8.101  -6.354  -2.727  1.00 55.21  ? 113 HIS A CG  1 
ATOM   749  N  ND1 . HIS A 1 116 ? -7.112  -7.282  -2.474  1.00 48.32  ? 113 HIS A ND1 1 
ATOM   750  C  CD2 . HIS A 1 116 ? -8.171  -5.571  -1.624  1.00 37.89  ? 113 HIS A CD2 1 
ATOM   751  C  CE1 . HIS A 1 116 ? -6.606  -7.070  -1.276  1.00 40.21  ? 113 HIS A CE1 1 
ATOM   752  N  NE2 . HIS A 1 116 ? -7.232  -6.040  -0.739  1.00 42.23  ? 113 HIS A NE2 1 
ATOM   753  N  N   . ALA A 1 117 ? -10.803 -7.693  -6.277  1.00 49.69  ? 114 ALA A N   1 
ATOM   754  C  CA  . ALA A 1 117 ? -11.829 -7.492  -7.301  1.00 52.24  ? 114 ALA A CA  1 
ATOM   755  C  C   . ALA A 1 117 ? -13.025 -8.438  -7.132  1.00 53.04  ? 114 ALA A C   1 
ATOM   756  O  O   . ALA A 1 117 ? -14.185 -8.019  -7.131  1.00 51.15  ? 114 ALA A O   1 
ATOM   757  C  CB  . ALA A 1 117 ? -11.223 -7.663  -8.706  1.00 43.04  ? 114 ALA A CB  1 
ATOM   758  N  N   . LEU A 1 118 ? -12.729 -9.715  -6.959  1.00 54.14  ? 115 LEU A N   1 
ATOM   759  C  CA  . LEU A 1 118 ? -13.772 -10.709 -6.844  1.00 55.43  ? 115 LEU A CA  1 
ATOM   760  C  C   . LEU A 1 118 ? -14.427 -10.843 -5.476  1.00 56.98  ? 115 LEU A C   1 
ATOM   761  O  O   . LEU A 1 118 ? -15.627 -11.098 -5.367  1.00 55.63  ? 115 LEU A O   1 
ATOM   762  C  CB  . LEU A 1 118 ? -13.205 -12.049 -7.307  1.00 54.71  ? 115 LEU A CB  1 
ATOM   763  C  CG  . LEU A 1 118 ? -12.829 -11.980 -8.789  1.00 55.22  ? 115 LEU A CG  1 
ATOM   764  C  CD1 . LEU A 1 118 ? -12.157 -13.270 -9.238  1.00 52.82  ? 115 LEU A CD1 1 
ATOM   765  C  CD2 . LEU A 1 118 ? -14.100 -11.716 -9.596  1.00 46.20  ? 115 LEU A CD2 1 
ATOM   766  N  N   . LYS A 1 119 ? -13.634 -10.651 -4.436  1.00 56.29  ? 116 LYS A N   1 
ATOM   767  C  CA  . LYS A 1 119 ? -14.122 -10.787 -3.080  1.00 52.87  ? 116 LYS A CA  1 
ATOM   768  C  C   . LYS A 1 119 ? -14.613 -9.485  -2.478  1.00 52.71  ? 116 LYS A C   1 
ATOM   769  O  O   . LYS A 1 119 ? -15.732 -9.396  -1.963  1.00 53.88  ? 116 LYS A O   1 
ATOM   770  C  CB  . LYS A 1 119 ? -13.006 -11.352 -2.218  1.00 49.88  ? 116 LYS A CB  1 
ATOM   771  C  CG  . LYS A 1 119 ? -13.421 -11.655 -0.833  1.00 49.55  ? 116 LYS A CG  1 
ATOM   772  C  CD  . LYS A 1 119 ? -12.279 -12.277 -0.054  1.00 52.37  ? 116 LYS A CD  1 
ATOM   773  C  CE  . LYS A 1 119 ? -12.723 -12.524 1.388   1.00 52.96  ? 116 LYS A CE  1 
ATOM   774  N  NZ  . LYS A 1 119 ? -11.593 -12.649 2.347   1.00 48.39  ? 116 LYS A NZ  1 
ATOM   775  N  N   . HIS A 1 120 ? -13.776 -8.465  -2.542  1.00 51.98  ? 117 HIS A N   1 
ATOM   776  C  CA  . HIS A 1 120 ? -14.153 -7.189  -1.961  1.00 51.19  ? 117 HIS A CA  1 
ATOM   777  C  C   . HIS A 1 120 ? -14.765 -6.175  -2.924  1.00 51.49  ? 117 HIS A C   1 
ATOM   778  O  O   . HIS A 1 120 ? -15.355 -5.182  -2.479  1.00 52.16  ? 117 HIS A O   1 
ATOM   779  C  CB  . HIS A 1 120 ? -12.943 -6.581  -1.279  1.00 50.14  ? 117 HIS A CB  1 
ATOM   780  C  CG  . HIS A 1 120 ? -12.210 -7.554  -0.425  1.00 53.44  ? 117 HIS A CG  1 
ATOM   781  N  ND1 . HIS A 1 120 ? -12.849 -8.327  0.520   1.00 47.09  ? 117 HIS A ND1 1 
ATOM   782  C  CD2 . HIS A 1 120 ? -10.908 -7.930  -0.409  1.00 50.65  ? 117 HIS A CD2 1 
ATOM   783  C  CE1 . HIS A 1 120 ? -11.971 -9.141  1.077   1.00 47.38  ? 117 HIS A CE1 1 
ATOM   784  N  NE2 . HIS A 1 120 ? -10.787 -8.919  0.534   1.00 50.59  ? 117 HIS A NE2 1 
ATOM   785  N  N   . LYS A 1 121 ? -14.639 -6.420  -4.227  1.00 53.67  ? 118 LYS A N   1 
ATOM   786  C  CA  . LYS A 1 121 ? -15.172 -5.501  -5.239  1.00 54.56  ? 118 LYS A CA  1 
ATOM   787  C  C   . LYS A 1 121 ? -14.729 -4.070  -4.975  1.00 50.50  ? 118 LYS A C   1 
ATOM   788  O  O   . LYS A 1 121 ? -15.543 -3.152  -4.998  1.00 51.30  ? 118 LYS A O   1 
ATOM   789  C  CB  . LYS A 1 121 ? -16.706 -5.531  -5.269  1.00 58.70  ? 118 LYS A CB  1 
ATOM   790  C  CG  . LYS A 1 121 ? -17.316 -6.849  -5.670  1.00 70.23  ? 118 LYS A CG  1 
ATOM   791  C  CD  . LYS A 1 121 ? -18.686 -6.618  -6.302  1.00 82.38  ? 118 LYS A CD  1 
ATOM   792  C  CE  . LYS A 1 121 ? -19.647 -7.773  -6.009  1.00 97.60  ? 118 LYS A CE  1 
ATOM   793  N  NZ  . LYS A 1 121 ? -20.948 -7.677  -6.747  1.00 102.91 ? 118 LYS A NZ  1 
ATOM   794  N  N   . VAL A 1 122 ? -13.443 -3.889  -4.709  1.00 51.14  ? 119 VAL A N   1 
ATOM   795  C  CA  . VAL A 1 122 ? -12.900 -2.564  -4.448  1.00 51.40  ? 119 VAL A CA  1 
ATOM   796  C  C   . VAL A 1 122 ? -12.554 -1.856  -5.741  1.00 50.22  ? 119 VAL A C   1 
ATOM   797  O  O   . VAL A 1 122 ? -11.928 -2.432  -6.635  1.00 51.57  ? 119 VAL A O   1 
ATOM   798  C  CB  . VAL A 1 122 ? -11.621 -2.637  -3.595  1.00 54.41  ? 119 VAL A CB  1 
ATOM   799  C  CG1 . VAL A 1 122 ? -10.944 -1.279  -3.561  1.00 42.83  ? 119 VAL A CG1 1 
ATOM   800  C  CG2 . VAL A 1 122 ? -11.965 -3.085  -2.202  1.00 44.02  ? 119 VAL A CG2 1 
ATOM   801  N  N   . GLU A 1 123 ? -12.965 -0.604  -5.844  1.00 49.10  ? 120 GLU A N   1 
ATOM   802  C  CA  . GLU A 1 123 ? -12.655 0.154   -7.035  1.00 51.29  ? 120 GLU A CA  1 
ATOM   803  C  C   . GLU A 1 123 ? -11.129 0.234   -7.149  1.00 50.51  ? 120 GLU A C   1 
ATOM   804  O  O   . GLU A 1 123 ? -10.454 0.758   -6.261  1.00 50.75  ? 120 GLU A O   1 
ATOM   805  C  CB  . GLU A 1 123 ? -13.286 1.530   -6.928  1.00 51.38  ? 120 GLU A CB  1 
ATOM   806  C  CG  . GLU A 1 123 ? -14.790 1.454   -6.864  1.00 58.87  ? 120 GLU A CG  1 
ATOM   807  C  CD  . GLU A 1 123 ? -15.401 2.763   -6.424  1.00 71.98  ? 120 GLU A CD  1 
ATOM   808  O  OE1 . GLU A 1 123 ? -15.307 3.745   -7.198  1.00 67.92  ? 120 GLU A OE1 1 
ATOM   809  O  OE2 . GLU A 1 123 ? -15.958 2.813   -5.296  1.00 74.62  ? 120 GLU A OE2 1 
ATOM   810  N  N   . PRO A 1 124 ? -10.573 -0.303  -8.252  1.00 50.55  ? 121 PRO A N   1 
ATOM   811  C  CA  . PRO A 1 124 ? -9.137  -0.353  -8.574  1.00 46.11  ? 121 PRO A CA  1 
ATOM   812  C  C   . PRO A 1 124 ? -8.347  0.922   -8.292  1.00 50.36  ? 121 PRO A C   1 
ATOM   813  O  O   . PRO A 1 124 ? -7.235  0.853   -7.746  1.00 51.55  ? 121 PRO A O   1 
ATOM   814  C  CB  . PRO A 1 124 ? -9.117  -0.681  -10.069 1.00 42.76  ? 121 PRO A CB  1 
ATOM   815  C  CG  . PRO A 1 124 ? -10.383 -1.411  -10.285 1.00 51.02  ? 121 PRO A CG  1 
ATOM   816  C  CD  . PRO A 1 124 ? -11.392 -0.727  -9.405  1.00 44.57  ? 121 PRO A CD  1 
ATOM   817  N  N   . VAL A 1 125 ? -8.916  2.071   -8.676  1.00 48.50  ? 122 VAL A N   1 
ATOM   818  C  CA  . VAL A 1 125 ? -8.269  3.378   -8.514  1.00 44.01  ? 122 VAL A CA  1 
ATOM   819  C  C   . VAL A 1 125 ? -7.791  3.595   -7.076  1.00 47.00  ? 122 VAL A C   1 
ATOM   820  O  O   . VAL A 1 125 ? -6.798  4.296   -6.847  1.00 48.79  ? 122 VAL A O   1 
ATOM   821  C  CB  . VAL A 1 125 ? -9.229  4.549   -8.994  1.00 41.81  ? 122 VAL A CB  1 
ATOM   822  C  CG1 . VAL A 1 125 ? -10.390 4.728   -8.037  1.00 33.83  ? 122 VAL A CG1 1 
ATOM   823  C  CG2 . VAL A 1 125 ? -8.451  5.852   -9.172  1.00 40.84  ? 122 VAL A CG2 1 
ATOM   824  N  N   . TYR A 1 126 ? -8.474  2.962   -6.114  1.00 46.64  ? 123 TYR A N   1 
ATOM   825  C  CA  . TYR A 1 126 ? -8.101  3.068   -4.695  1.00 42.46  ? 123 TYR A CA  1 
ATOM   826  C  C   . TYR A 1 126 ? -6.703  2.531   -4.414  1.00 44.86  ? 123 TYR A C   1 
ATOM   827  O  O   . TYR A 1 126 ? -6.091  2.904   -3.413  1.00 41.52  ? 123 TYR A O   1 
ATOM   828  C  CB  . TYR A 1 126 ? -9.105  2.336   -3.820  1.00 42.95  ? 123 TYR A CB  1 
ATOM   829  C  CG  . TYR A 1 126 ? -10.353 3.123   -3.576  1.00 48.17  ? 123 TYR A CG  1 
ATOM   830  C  CD1 . TYR A 1 126 ? -10.290 4.385   -2.981  1.00 48.42  ? 123 TYR A CD1 1 
ATOM   831  C  CD2 . TYR A 1 126 ? -11.602 2.612   -3.928  1.00 46.38  ? 123 TYR A CD2 1 
ATOM   832  C  CE1 . TYR A 1 126 ? -11.451 5.128   -2.742  1.00 48.66  ? 123 TYR A CE1 1 
ATOM   833  C  CE2 . TYR A 1 126 ? -12.765 3.333   -3.688  1.00 45.21  ? 123 TYR A CE2 1 
ATOM   834  C  CZ  . TYR A 1 126 ? -12.690 4.586   -3.099  1.00 46.09  ? 123 TYR A CZ  1 
ATOM   835  O  OH  . TYR A 1 126 ? -13.850 5.277   -2.842  1.00 47.52  ? 123 TYR A OH  1 
ATOM   836  N  N   . PHE A 1 127 ? -6.205  1.646   -5.281  1.00 42.59  ? 124 PHE A N   1 
ATOM   837  C  CA  . PHE A 1 127 ? -4.865  1.062   -5.100  1.00 46.58  ? 124 PHE A CA  1 
ATOM   838  C  C   . PHE A 1 127 ? -3.817  2.088   -5.447  1.00 47.98  ? 124 PHE A C   1 
ATOM   839  O  O   . PHE A 1 127 ? -2.754  2.179   -4.807  1.00 47.67  ? 124 PHE A O   1 
ATOM   840  C  CB  . PHE A 1 127 ? -4.700  -0.201  -5.966  1.00 40.95  ? 124 PHE A CB  1 
ATOM   841  C  CG  . PHE A 1 127 ? -5.173  -1.457  -5.281  1.00 41.52  ? 124 PHE A CG  1 
ATOM   842  C  CD1 . PHE A 1 127 ? -6.512  -1.846  -5.304  1.00 43.33  ? 124 PHE A CD1 1 
ATOM   843  C  CD2 . PHE A 1 127 ? -4.272  -2.213  -4.536  1.00 45.93  ? 124 PHE A CD2 1 
ATOM   844  C  CE1 . PHE A 1 127 ? -6.936  -2.966  -4.582  1.00 48.02  ? 124 PHE A CE1 1 
ATOM   845  C  CE2 . PHE A 1 127 ? -4.696  -3.327  -3.820  1.00 45.56  ? 124 PHE A CE2 1 
ATOM   846  C  CZ  . PHE A 1 127 ? -6.017  -3.702  -3.839  1.00 45.76  ? 124 PHE A CZ  1 
ATOM   847  N  N   . LYS A 1 128 ? -4.145  2.877   -6.467  1.00 52.59  ? 125 LYS A N   1 
ATOM   848  C  CA  . LYS A 1 128 ? -3.280  3.947   -6.959  1.00 53.13  ? 125 LYS A CA  1 
ATOM   849  C  C   . LYS A 1 128 ? -3.265  5.059   -5.912  1.00 52.20  ? 125 LYS A C   1 
ATOM   850  O  O   . LYS A 1 128 ? -2.210  5.609   -5.586  1.00 53.05  ? 125 LYS A O   1 
ATOM   851  C  CB  . LYS A 1 128 ? -3.821  4.390   -8.320  1.00 55.36  ? 125 LYS A CB  1 
ATOM   852  C  CG  . LYS A 1 128 ? -3.580  5.805   -8.806  1.00 66.64  ? 125 LYS A CG  1 
ATOM   853  C  CD  . LYS A 1 128 ? -4.265  5.942   -10.172 1.00 69.81  ? 125 LYS A CD  1 
ATOM   854  C  CE  . LYS A 1 128 ? -4.269  7.369   -10.697 1.00 72.83  ? 125 LYS A CE  1 
ATOM   855  N  NZ  . LYS A 1 128 ? -2.921  7.817   -11.132 1.00 92.90  ? 125 LYS A NZ  1 
ATOM   856  N  N   . ILE A 1 129 ? -4.438  5.364   -5.364  1.00 51.18  ? 126 ILE A N   1 
ATOM   857  C  CA  . ILE A 1 129 ? -4.536  6.396   -4.357  1.00 49.01  ? 126 ILE A CA  1 
ATOM   858  C  C   . ILE A 1 129 ? -3.856  6.003   -3.048  1.00 46.21  ? 126 ILE A C   1 
ATOM   859  O  O   . ILE A 1 129 ? -3.107  6.795   -2.480  1.00 44.86  ? 126 ILE A O   1 
ATOM   860  C  CB  . ILE A 1 129 ? -6.002  6.783   -4.105  1.00 51.65  ? 126 ILE A CB  1 
ATOM   861  C  CG1 . ILE A 1 129 ? -6.579  7.408   -5.382  1.00 53.12  ? 126 ILE A CG1 1 
ATOM   862  C  CG2 . ILE A 1 129 ? -6.094  7.777   -2.945  1.00 45.73  ? 126 ILE A CG2 1 
ATOM   863  C  CD1 . ILE A 1 129 ? -7.937  8.049   -5.188  1.00 47.04  ? 126 ILE A CD1 1 
ATOM   864  N  N   . LEU A 1 130 ? -4.102  4.790   -2.564  1.00 47.01  ? 127 LEU A N   1 
ATOM   865  C  CA  . LEU A 1 130 ? -3.475  4.359   -1.323  1.00 45.39  ? 127 LEU A CA  1 
ATOM   866  C  C   . LEU A 1 130 ? -1.959  4.408   -1.490  1.00 46.10  ? 127 LEU A C   1 
ATOM   867  O  O   . LEU A 1 130 ? -1.242  4.798   -0.569  1.00 49.17  ? 127 LEU A O   1 
ATOM   868  C  CB  . LEU A 1 130 ? -3.924  2.937   -0.959  1.00 38.98  ? 127 LEU A CB  1 
ATOM   869  C  CG  . LEU A 1 130 ? -3.062  2.249   0.109   1.00 45.29  ? 127 LEU A CG  1 
ATOM   870  C  CD1 . LEU A 1 130 ? -3.037  3.125   1.356   1.00 42.70  ? 127 LEU A CD1 1 
ATOM   871  C  CD2 . LEU A 1 130 ? -3.610  0.860   0.444   1.00 39.29  ? 127 LEU A CD2 1 
ATOM   872  N  N   . SER A 1 131 ? -1.477  4.018   -2.667  1.00 46.89  ? 128 SER A N   1 
ATOM   873  C  CA  . SER A 1 131 ? -0.036  4.033   -2.935  1.00 52.30  ? 128 SER A CA  1 
ATOM   874  C  C   . SER A 1 131 ? 0.436   5.460   -2.843  1.00 51.79  ? 128 SER A C   1 
ATOM   875  O  O   . SER A 1 131 ? 1.559   5.729   -2.430  1.00 53.69  ? 128 SER A O   1 
ATOM   876  C  CB  . SER A 1 131 ? 0.280   3.515   -4.342  1.00 45.58  ? 128 SER A CB  1 
ATOM   877  O  OG  . SER A 1 131 ? -0.107  2.165   -4.492  1.00 48.86  ? 128 SER A OG  1 
ATOM   878  N  N   . GLY A 1 132 ? -0.434  6.368   -3.266  1.00 52.24  ? 129 GLY A N   1 
ATOM   879  C  CA  . GLY A 1 132 ? -0.106  7.776   -3.224  1.00 54.14  ? 129 GLY A CA  1 
ATOM   880  C  C   . GLY A 1 132 ? 0.140   8.160   -1.786  1.00 55.55  ? 129 GLY A C   1 
ATOM   881  O  O   . GLY A 1 132 ? 1.120   8.829   -1.468  1.00 59.83  ? 129 GLY A O   1 
ATOM   882  N  N   . VAL A 1 133 ? -0.755  7.733   -0.907  1.00 55.08  ? 130 VAL A N   1 
ATOM   883  C  CA  . VAL A 1 133 ? -0.605  8.025   0.503   1.00 56.59  ? 130 VAL A CA  1 
ATOM   884  C  C   . VAL A 1 133 ? 0.720   7.440   1.019   1.00 57.34  ? 130 VAL A C   1 
ATOM   885  O  O   . VAL A 1 133 ? 1.460   8.115   1.742   1.00 58.02  ? 130 VAL A O   1 
ATOM   886  C  CB  . VAL A 1 133 ? -1.811  7.476   1.311   1.00 50.57  ? 130 VAL A CB  1 
ATOM   887  C  CG1 . VAL A 1 133 ? -1.622  7.725   2.807   1.00 56.17  ? 130 VAL A CG1 1 
ATOM   888  C  CG2 . VAL A 1 133 ? -3.106  8.159   0.818   1.00 50.79  ? 130 VAL A CG2 1 
ATOM   889  N  N   . ILE A 1 134 ? 1.034   6.208   0.615   1.00 58.43  ? 131 ILE A N   1 
ATOM   890  C  CA  . ILE A 1 134 ? 2.256   5.562   1.059   1.00 59.99  ? 131 ILE A CA  1 
ATOM   891  C  C   . ILE A 1 134 ? 3.476   6.378   0.626   1.00 63.80  ? 131 ILE A C   1 
ATOM   892  O  O   . ILE A 1 134 ? 4.475   6.455   1.344   1.00 65.67  ? 131 ILE A O   1 
ATOM   893  C  CB  . ILE A 1 134 ? 2.366   4.133   0.514   1.00 55.14  ? 131 ILE A CB  1 
ATOM   894  C  CG1 . ILE A 1 134 ? 1.207   3.281   1.035   1.00 49.55  ? 131 ILE A CG1 1 
ATOM   895  C  CG2 . ILE A 1 134 ? 3.670   3.490   0.956   1.00 45.92  ? 131 ILE A CG2 1 
ATOM   896  C  CD1 . ILE A 1 134 ? 1.073   1.957   0.347   1.00 39.49  ? 131 ILE A CD1 1 
ATOM   897  N  N   . LEU A 1 135 ? 3.396   6.983   -0.551  1.00 64.32  ? 132 LEU A N   1 
ATOM   898  C  CA  . LEU A 1 135 ? 4.489   7.795   -1.078  1.00 65.11  ? 132 LEU A CA  1 
ATOM   899  C  C   . LEU A 1 135 ? 4.754   9.024   -0.231  1.00 66.14  ? 132 LEU A C   1 
ATOM   900  O  O   . LEU A 1 135 ? 5.878   9.509   -0.181  1.00 68.06  ? 132 LEU A O   1 
ATOM   901  C  CB  . LEU A 1 135 ? 4.183   8.248   -2.493  1.00 68.34  ? 132 LEU A CB  1 
ATOM   902  C  CG  . LEU A 1 135 ? 4.254   7.154   -3.540  1.00 83.70  ? 132 LEU A CG  1 
ATOM   903  C  CD1 . LEU A 1 135 ? 3.638   7.614   -4.856  1.00 94.98  ? 132 LEU A CD1 1 
ATOM   904  C  CD2 . LEU A 1 135 ? 5.702   6.757   -3.691  1.00 81.79  ? 132 LEU A CD2 1 
ATOM   905  N  N   . GLU A 1 136 ? 3.705   9.555   0.396   1.00 65.32  ? 133 GLU A N   1 
ATOM   906  C  CA  . GLU A 1 136 ? 3.888   10.731  1.248   1.00 66.93  ? 133 GLU A CA  1 
ATOM   907  C  C   . GLU A 1 136 ? 4.602   10.325  2.513   1.00 66.55  ? 133 GLU A C   1 
ATOM   908  O  O   . GLU A 1 136 ? 5.740   10.698  2.778   1.00 68.55  ? 133 GLU A O   1 
ATOM   909  C  CB  . GLU A 1 136 ? 2.574   11.349  1.695   1.00 67.63  ? 133 GLU A CB  1 
ATOM   910  C  CG  . GLU A 1 136 ? 1.663   11.792  0.618   1.00 78.27  ? 133 GLU A CG  1 
ATOM   911  C  CD  . GLU A 1 136 ? 0.659   12.773  1.150   1.00 89.13  ? 133 GLU A CD  1 
ATOM   912  O  OE1 . GLU A 1 136 ? 0.577   12.927  2.389   1.00 92.47  ? 133 GLU A OE1 1 
ATOM   913  O  OE2 . GLU A 1 136 ? -0.045  13.392  0.331   1.00 86.11  ? 133 GLU A OE2 1 
ATOM   914  N  N   . VAL A 1 137 ? 3.865   9.569   3.316   1.00 67.32  ? 134 VAL A N   1 
ATOM   915  C  CA  . VAL A 1 137 ? 4.333   9.079   4.594   1.00 68.05  ? 134 VAL A CA  1 
ATOM   916  C  C   . VAL A 1 137 ? 5.769   8.532   4.531   1.00 70.13  ? 134 VAL A C   1 
ATOM   917  O  O   . VAL A 1 137 ? 6.394   8.295   5.560   1.00 73.59  ? 134 VAL A O   1 
ATOM   918  C  CB  . VAL A 1 137 ? 3.349   8.015   5.129   1.00 64.81  ? 134 VAL A CB  1 
ATOM   919  C  CG1 . VAL A 1 137 ? 3.759   7.525   6.510   1.00 66.78  ? 134 VAL A CG1 1 
ATOM   920  C  CG2 . VAL A 1 137 ? 1.958   8.588   5.178   1.00 66.81  ? 134 VAL A CG2 1 
ATOM   921  N  N   . VAL A 1 138 ? 6.288   8.296   3.330   1.00 71.69  ? 135 VAL A N   1 
ATOM   922  C  CA  . VAL A 1 138 ? 7.657   7.794   3.210   1.00 71.96  ? 135 VAL A CA  1 
ATOM   923  C  C   . VAL A 1 138 ? 8.541   9.019   2.995   1.00 73.60  ? 135 VAL A C   1 
ATOM   924  O  O   . VAL A 1 138 ? 9.593   9.163   3.616   1.00 74.62  ? 135 VAL A O   1 
ATOM   925  C  CB  . VAL A 1 138 ? 7.804   6.826   2.011   1.00 72.71  ? 135 VAL A CB  1 
ATOM   926  C  CG1 . VAL A 1 138 ? 9.278   6.526   1.742   1.00 68.15  ? 135 VAL A CG1 1 
ATOM   927  C  CG2 . VAL A 1 138 ? 7.044   5.540   2.296   1.00 59.82  ? 135 VAL A CG2 1 
ATOM   928  N  N   . ALA A 1 139 ? 8.052   9.894   2.113   1.00 76.28  ? 136 ALA A N   1 
ATOM   929  C  CA  . ALA A 1 139 ? 8.689   11.158  1.710   1.00 79.23  ? 136 ALA A CA  1 
ATOM   930  C  C   . ALA A 1 139 ? 8.768   12.071  2.890   1.00 83.49  ? 136 ALA A C   1 
ATOM   931  O  O   . ALA A 1 139 ? 9.593   12.986  3.000   1.00 84.21  ? 136 ALA A O   1 
ATOM   932  C  CB  . ALA A 1 139 ? 7.873   11.833  0.602   1.00 69.09  ? 136 ALA A CB  1 
ATOM   933  N  N   . GLU A 1 140 ? 7.824   11.816  3.761   1.00 85.33  ? 137 GLU A N   1 
ATOM   934  C  CA  . GLU A 1 140 ? 7.712   12.582  4.934   1.00 87.26  ? 137 GLU A CA  1 
ATOM   935  C  C   . GLU A 1 140 ? 8.783   12.157  5.898   1.00 88.82  ? 137 GLU A C   1 
ATOM   936  O  O   . GLU A 1 140 ? 9.510   12.972  6.477   1.00 91.44  ? 137 GLU A O   1 
ATOM   937  C  CB  . GLU A 1 140 ? 6.346   12.344  5.531   1.00 83.44  ? 137 GLU A CB  1 
ATOM   938  C  CG  . GLU A 1 140 ? 5.565   13.614  5.656   1.00 91.93  ? 137 GLU A CG  1 
ATOM   939  C  CD  . GLU A 1 140 ? 4.138   13.340  5.993   1.00 94.10  ? 137 GLU A CD  1 
ATOM   940  O  OE1 . GLU A 1 140 ? 3.740   12.161  5.965   1.00 107.20 ? 137 GLU A OE1 1 
ATOM   941  O  OE2 . GLU A 1 140 ? 3.403   14.299  6.285   1.00 101.47 ? 137 GLU A OE2 1 
ATOM   942  N  N   . GLU A 1 141 ? 8.893   10.852  6.016   1.00 89.45  ? 138 GLU A N   1 
ATOM   943  C  CA  . GLU A 1 141 ? 9.805   10.232  6.909   1.00 89.05  ? 138 GLU A CA  1 
ATOM   944  C  C   . GLU A 1 141 ? 11.180  9.962   6.446   1.00 91.09  ? 138 GLU A C   1 
ATOM   945  O  O   . GLU A 1 141 ? 11.959  9.362   7.172   1.00 90.44  ? 138 GLU A O   1 
ATOM   946  C  CB  . GLU A 1 141 ? 9.251   8.898   7.303   1.00 89.27  ? 138 GLU A CB  1 
ATOM   947  C  CG  . GLU A 1 141 ? 9.342   8.648   8.764   1.00 98.97  ? 138 GLU A CG  1 
ATOM   948  C  CD  . GLU A 1 141 ? 8.081   7.986   9.218   1.00 110.20 ? 138 GLU A CD  1 
ATOM   949  O  OE1 . GLU A 1 141 ? 7.797   6.891   8.688   1.00 116.32 ? 138 GLU A OE1 1 
ATOM   950  O  OE2 . GLU A 1 141 ? 7.369   8.561   10.067  1.00 111.23 ? 138 GLU A OE2 1 
ATOM   951  N  N   . PHE A 1 142 ? 11.522  10.265  5.226   1.00 95.76  ? 139 PHE A N   1 
ATOM   952  C  CA  . PHE A 1 142 ? 12.871  9.990   5.026   1.00 102.26 ? 139 PHE A CA  1 
ATOM   953  C  C   . PHE A 1 142 ? 13.378  11.366  5.177   1.00 107.66 ? 139 PHE A C   1 
ATOM   954  O  O   . PHE A 1 142 ? 12.603  12.249  5.514   1.00 109.18 ? 139 PHE A O   1 
ATOM   955  C  CB  . PHE A 1 142 ? 13.103  9.094   3.831   1.00 101.48 ? 139 PHE A CB  1 
ATOM   956  C  CG  . PHE A 1 142 ? 12.968  7.658   4.266   1.00 101.59 ? 139 PHE A CG  1 
ATOM   957  C  CD1 . PHE A 1 142 ? 11.723  7.133   4.605   1.00 100.77 ? 139 PHE A CD1 1 
ATOM   958  C  CD2 . PHE A 1 142 ? 14.100  6.907   4.583   1.00 101.97 ? 139 PHE A CD2 1 
ATOM   959  C  CE1 . PHE A 1 142 ? 11.605  5.899   5.266   1.00 105.63 ? 139 PHE A CE1 1 
ATOM   960  C  CE2 . PHE A 1 142 ? 13.988  5.675   5.253   1.00 105.79 ? 139 PHE A CE2 1 
ATOM   961  C  CZ  . PHE A 1 142 ? 12.741  5.171   5.582   1.00 105.53 ? 139 PHE A CZ  1 
ATOM   962  N  N   . ALA A 1 143 ? 14.649  11.617  5.049   1.00 112.54 ? 140 ALA A N   1 
ATOM   963  C  CA  . ALA A 1 143 ? 14.924  12.972  5.463   1.00 116.09 ? 140 ALA A CA  1 
ATOM   964  C  C   . ALA A 1 143 ? 15.180  13.907  4.345   1.00 118.55 ? 140 ALA A C   1 
ATOM   965  O  O   . ALA A 1 143 ? 14.429  13.996  3.375   1.00 121.26 ? 140 ALA A O   1 
ATOM   966  C  CB  . ALA A 1 143 ? 16.105  12.983  6.429   1.00 106.01 ? 140 ALA A CB  1 
ATOM   967  N  N   . SER A 1 144 ? 16.251  14.661  4.522   1.00 117.60 ? 141 SER A N   1 
ATOM   968  C  CA  . SER A 1 144 ? 16.652  15.420  3.394   1.00 117.21 ? 141 SER A CA  1 
ATOM   969  C  C   . SER A 1 144 ? 16.830  14.129  2.567   1.00 120.90 ? 141 SER A C   1 
ATOM   970  O  O   . SER A 1 144 ? 16.974  14.153  1.332   1.00 117.90 ? 141 SER A O   1 
ATOM   971  C  CB  . SER A 1 144 ? 17.958  16.168  3.661   1.00 112.74 ? 141 SER A CB  1 
ATOM   972  O  OG  . SER A 1 144 ? 18.840  15.413  4.499   1.00 97.57  ? 141 SER A OG  1 
ATOM   973  N  N   . ASP A 1 145 ? 16.727  12.992  3.287   1.00 126.77 ? 142 ASP A N   1 
ATOM   974  C  CA  . ASP A 1 145 ? 16.812  11.651  2.704   1.00 133.06 ? 142 ASP A CA  1 
ATOM   975  C  C   . ASP A 1 145 ? 15.787  11.415  1.569   1.00 137.59 ? 142 ASP A C   1 
ATOM   976  O  O   . ASP A 1 145 ? 16.178  11.152  0.443   1.00 138.34 ? 142 ASP A O   1 
ATOM   977  C  CB  . ASP A 1 145 ? 16.667  10.535  3.731   1.00 136.28 ? 142 ASP A CB  1 
ATOM   978  C  CG  . ASP A 1 145 ? 17.344  9.261   3.239   1.00 142.14 ? 142 ASP A CG  1 
ATOM   979  O  OD1 . ASP A 1 145 ? 18.447  9.382   2.654   1.00 144.04 ? 142 ASP A OD1 1 
ATOM   980  O  OD2 . ASP A 1 145 ? 16.789  8.156   3.410   1.00 145.12 ? 142 ASP A OD2 1 
ATOM   981  N  N   . PHE A 1 146 ? 14.481  11.478  1.860   1.00 140.87 ? 143 PHE A N   1 
ATOM   982  C  CA  . PHE A 1 146 ? 13.503  11.210  0.768   1.00 143.29 ? 143 PHE A CA  1 
ATOM   983  C  C   . PHE A 1 146 ? 13.858  12.045  -0.469  1.00 144.71 ? 143 PHE A C   1 
ATOM   984  O  O   . PHE A 1 146 ? 13.616  13.260  -0.549  1.00 145.66 ? 143 PHE A O   1 
ATOM   985  C  CB  . PHE A 1 146 ? 12.051  11.482  1.144   1.00 142.10 ? 143 PHE A CB  1 
ATOM   986  C  CG  . PHE A 1 146 ? 11.035  10.794  0.227   1.00 135.11 ? 143 PHE A CG  1 
ATOM   987  C  CD1 . PHE A 1 146 ? 10.646  9.482   0.442   1.00 131.96 ? 143 PHE A CD1 1 
ATOM   988  C  CD2 . PHE A 1 146 ? 10.434  11.491  -0.812  1.00 128.81 ? 143 PHE A CD2 1 
ATOM   989  C  CE1 . PHE A 1 146 ? 9.690   8.903   -0.337  1.00 132.75 ? 143 PHE A CE1 1 
ATOM   990  C  CE2 . PHE A 1 146 ? 9.480   10.904  -1.584  1.00 130.01 ? 143 PHE A CE2 1 
ATOM   991  C  CZ  . PHE A 1 146 ? 9.108   9.618   -1.346  1.00 130.15 ? 143 PHE A CZ  1 
ATOM   992  N  N   . PRO A 1 147 ? 14.397  11.320  -1.434  1.00 143.90 ? 144 PRO A N   1 
ATOM   993  C  CA  . PRO A 1 147 ? 14.931  11.517  -2.777  1.00 140.22 ? 144 PRO A CA  1 
ATOM   994  C  C   . PRO A 1 147 ? 14.490  12.402  -3.962  1.00 135.48 ? 144 PRO A C   1 
ATOM   995  O  O   . PRO A 1 147 ? 13.324  12.744  -4.233  1.00 135.31 ? 144 PRO A O   1 
ATOM   996  C  CB  . PRO A 1 147 ? 15.060  10.055  -3.265  1.00 142.79 ? 144 PRO A CB  1 
ATOM   997  C  CG  . PRO A 1 147 ? 15.276  9.250   -1.971  1.00 144.14 ? 144 PRO A CG  1 
ATOM   998  C  CD  . PRO A 1 147 ? 14.092  9.848   -1.235  1.00 145.22 ? 144 PRO A CD  1 
ATOM   999  N  N   . PRO A 1 148 ? 15.582  12.723  -4.674  1.00 130.44 ? 145 PRO A N   1 
ATOM   1000 C  CA  . PRO A 1 148 ? 15.900  13.505  -5.877  1.00 127.51 ? 145 PRO A CA  1 
ATOM   1001 C  C   . PRO A 1 148 ? 15.374  12.788  -7.052  1.00 126.68 ? 145 PRO A C   1 
ATOM   1002 O  O   . PRO A 1 148 ? 14.285  13.079  -7.581  1.00 127.11 ? 145 PRO A O   1 
ATOM   1003 C  CB  . PRO A 1 148 ? 17.448  13.534  -5.900  1.00 119.67 ? 145 PRO A CB  1 
ATOM   1004 C  CG  . PRO A 1 148 ? 17.815  13.192  -4.512  1.00 120.10 ? 145 PRO A CG  1 
ATOM   1005 C  CD  . PRO A 1 148 ? 16.842  12.129  -4.119  1.00 123.83 ? 145 PRO A CD  1 
ATOM   1006 N  N   . GLU A 1 149 ? 16.178  11.799  -7.403  1.00 124.50 ? 146 GLU A N   1 
ATOM   1007 C  CA  . GLU A 1 149 ? 15.786  10.915  -8.443  1.00 122.26 ? 146 GLU A CA  1 
ATOM   1008 C  C   . GLU A 1 149 ? 15.129  9.730   -7.741  1.00 120.87 ? 146 GLU A C   1 
ATOM   1009 O  O   . GLU A 1 149 ? 14.272  9.062   -8.326  1.00 121.09 ? 146 GLU A O   1 
ATOM   1010 C  CB  . GLU A 1 149 ? 16.961  10.488  -9.307  1.00 124.40 ? 146 GLU A CB  1 
ATOM   1011 C  CG  . GLU A 1 149 ? 17.807  9.339   -8.775  1.00 127.57 ? 146 GLU A CG  1 
ATOM   1012 C  CD  . GLU A 1 149 ? 18.781  8.821   -9.815  1.00 126.11 ? 146 GLU A CD  1 
ATOM   1013 O  OE1 . GLU A 1 149 ? 18.739  9.331   -10.952 1.00 125.51 ? 146 GLU A OE1 1 
ATOM   1014 O  OE2 . GLU A 1 149 ? 19.577  7.909   -9.496  1.00 120.72 ? 146 GLU A OE2 1 
ATOM   1015 N  N   . THR A 1 150 ? 15.497  9.423   -6.499  1.00 119.53 ? 147 THR A N   1 
ATOM   1016 C  CA  . THR A 1 150 ? 14.781  8.284   -5.945  1.00 118.00 ? 147 THR A CA  1 
ATOM   1017 C  C   . THR A 1 150 ? 13.319  8.612   -5.629  1.00 117.01 ? 147 THR A C   1 
ATOM   1018 O  O   . THR A 1 150 ? 12.477  7.698   -5.696  1.00 116.24 ? 147 THR A O   1 
ATOM   1019 C  CB  . THR A 1 150 ? 15.408  7.623   -4.725  1.00 115.33 ? 147 THR A CB  1 
ATOM   1020 O  OG1 . THR A 1 150 ? 14.491  7.758   -3.630  1.00 110.39 ? 147 THR A OG1 1 
ATOM   1021 C  CG2 . THR A 1 150 ? 16.742  8.193   -4.371  1.00 107.13 ? 147 THR A CG2 1 
ATOM   1022 N  N   . GLN A 1 151 ? 12.977  9.875   -5.308  1.00 116.06 ? 148 GLN A N   1 
ATOM   1023 C  CA  . GLN A 1 151 ? 11.551  10.173  -5.057  1.00 115.85 ? 148 GLN A CA  1 
ATOM   1024 C  C   . GLN A 1 151 ? 10.926  9.450   -6.229  1.00 115.03 ? 148 GLN A C   1 
ATOM   1025 O  O   . GLN A 1 151 ? 9.748   9.075   -6.227  1.00 114.42 ? 148 GLN A O   1 
ATOM   1026 C  CB  . GLN A 1 151 ? 11.210  11.660  -5.129  1.00 113.62 ? 148 GLN A CB  1 
ATOM   1027 C  CG  . GLN A 1 151 ? 9.948   12.006  -4.359  1.00 115.45 ? 148 GLN A CG  1 
ATOM   1028 C  CD  . GLN A 1 151 ? 9.284   13.328  -4.825  1.00 119.84 ? 148 GLN A CD  1 
ATOM   1029 O  OE1 . GLN A 1 151 ? 8.080   13.440  -4.714  1.00 119.62 ? 148 GLN A OE1 1 
ATOM   1030 N  NE2 . GLN A 1 151 ? 10.034  14.273  -5.320  1.00 118.07 ? 148 GLN A NE2 1 
ATOM   1031 N  N   . ARG A 1 152 ? 11.775  9.243   -7.231  1.00 115.06 ? 149 ARG A N   1 
ATOM   1032 C  CA  . ARG A 1 152 ? 11.406  8.534   -8.425  1.00 114.96 ? 149 ARG A CA  1 
ATOM   1033 C  C   . ARG A 1 152 ? 11.311  7.024   -8.141  1.00 111.96 ? 149 ARG A C   1 
ATOM   1034 O  O   . ARG A 1 152 ? 10.229  6.486   -8.280  1.00 113.52 ? 149 ARG A O   1 
ATOM   1035 C  CB  . ARG A 1 152 ? 12.409  8.850   -9.521  1.00 122.57 ? 149 ARG A CB  1 
ATOM   1036 C  CG  . ARG A 1 152 ? 12.654  10.351  -9.693  1.00 133.81 ? 149 ARG A CG  1 
ATOM   1037 C  CD  . ARG A 1 152 ? 11.629  10.937  -10.655 1.00 137.65 ? 149 ARG A CD  1 
ATOM   1038 N  NE  . ARG A 1 152 ? 11.237  12.308  -10.348 1.00 144.65 ? 149 ARG A NE  1 
ATOM   1039 C  CZ  . ARG A 1 152 ? 11.546  13.356  -11.100 1.00 144.06 ? 149 ARG A CZ  1 
ATOM   1040 N  NH1 . ARG A 1 152 ? 12.268  13.190  -12.201 1.00 142.33 ? 149 ARG A NH1 1 
ATOM   1041 N  NH2 . ARG A 1 152 ? 11.089  14.558  -10.779 1.00 145.02 ? 149 ARG A NH2 1 
ATOM   1042 N  N   . ALA A 1 153 ? 12.386  6.326   -7.746  1.00 105.75 ? 150 ALA A N   1 
ATOM   1043 C  CA  . ALA A 1 153 ? 12.262  4.880   -7.464  1.00 98.78  ? 150 ALA A CA  1 
ATOM   1044 C  C   . ALA A 1 153 ? 10.868  4.561   -6.893  1.00 96.10  ? 150 ALA A C   1 
ATOM   1045 O  O   . ALA A 1 153 ? 10.215  3.625   -7.365  1.00 96.87  ? 150 ALA A O   1 
ATOM   1046 C  CB  . ALA A 1 153 ? 13.352  4.415   -6.495  1.00 89.36  ? 150 ALA A CB  1 
ATOM   1047 N  N   . TRP A 1 154 ? 10.409  5.355   -5.913  1.00 88.60  ? 151 TRP A N   1 
ATOM   1048 C  CA  . TRP A 1 154 ? 9.083   5.192   -5.294  1.00 82.46  ? 151 TRP A CA  1 
ATOM   1049 C  C   . TRP A 1 154 ? 7.920   5.632   -6.173  1.00 79.98  ? 151 TRP A C   1 
ATOM   1050 O  O   . TRP A 1 154 ? 6.763   5.387   -5.837  1.00 80.10  ? 151 TRP A O   1 
ATOM   1051 C  CB  . TRP A 1 154 ? 8.954   5.995   -4.004  1.00 78.15  ? 151 TRP A CB  1 
ATOM   1052 C  CG  . TRP A 1 154 ? 9.823   5.541   -2.956  1.00 79.63  ? 151 TRP A CG  1 
ATOM   1053 C  CD1 . TRP A 1 154 ? 11.080  5.973   -2.712  1.00 84.38  ? 151 TRP A CD1 1 
ATOM   1054 C  CD2 . TRP A 1 154 ? 9.567   4.479   -2.038  1.00 80.75  ? 151 TRP A CD2 1 
ATOM   1055 N  NE1 . TRP A 1 154 ? 11.643  5.241   -1.697  1.00 89.20  ? 151 TRP A NE1 1 
ATOM   1056 C  CE2 . TRP A 1 154 ? 10.734  4.312   -1.266  1.00 80.28  ? 151 TRP A CE2 1 
ATOM   1057 C  CE3 . TRP A 1 154 ? 8.468   3.644   -1.796  1.00 67.91  ? 151 TRP A CE3 1 
ATOM   1058 C  CZ2 . TRP A 1 154 ? 10.840  3.344   -0.270  1.00 74.98  ? 151 TRP A CZ2 1 
ATOM   1059 C  CZ3 . TRP A 1 154 ? 8.579   2.675   -0.797  1.00 66.99  ? 151 TRP A CZ3 1 
ATOM   1060 C  CH2 . TRP A 1 154 ? 9.756   2.535   -0.051  1.00 65.62  ? 151 TRP A CH2 1 
ATOM   1061 N  N   . ALA A 1 155 ? 8.202   6.324   -7.263  1.00 75.87  ? 152 ALA A N   1 
ATOM   1062 C  CA  . ALA A 1 155 ? 7.134   6.732   -8.152  1.00 73.82  ? 152 ALA A CA  1 
ATOM   1063 C  C   . ALA A 1 155 ? 6.892   5.508   -9.009  1.00 73.38  ? 152 ALA A C   1 
ATOM   1064 O  O   . ALA A 1 155 ? 5.762   5.067   -9.180  1.00 72.19  ? 152 ALA A O   1 
ATOM   1065 C  CB  . ALA A 1 155 ? 7.570   7.889   -9.010  1.00 73.08  ? 152 ALA A CB  1 
ATOM   1066 N  N   . LYS A 1 156 ? 7.993   4.950   -9.507  1.00 73.36  ? 153 LYS A N   1 
ATOM   1067 C  CA  . LYS A 1 156 ? 7.985   3.762   -10.350 1.00 72.73  ? 153 LYS A CA  1 
ATOM   1068 C  C   . LYS A 1 156 ? 7.352   2.587   -9.609  1.00 72.01  ? 153 LYS A C   1 
ATOM   1069 O  O   . LYS A 1 156 ? 6.447   1.937   -10.127 1.00 71.79  ? 153 LYS A O   1 
ATOM   1070 C  CB  . LYS A 1 156 ? 9.416   3.422   -10.751 1.00 78.97  ? 153 LYS A CB  1 
ATOM   1071 C  CG  . LYS A 1 156 ? 10.233  4.619   -11.272 1.00 98.40  ? 153 LYS A CG  1 
ATOM   1072 C  CD  . LYS A 1 156 ? 9.677   5.208   -12.579 1.00 97.24  ? 153 LYS A CD  1 
ATOM   1073 C  CE  . LYS A 1 156 ? 10.571  6.340   -13.102 1.00 96.00  ? 153 LYS A CE  1 
ATOM   1074 N  NZ  . LYS A 1 156 ? 10.133  6.912   -14.415 1.00 82.91  ? 153 LYS A NZ  1 
ATOM   1075 N  N   . LEU A 1 157 ? 7.837   2.310   -8.400  1.00 67.08  ? 154 LEU A N   1 
ATOM   1076 C  CA  . LEU A 1 157 ? 7.282   1.230   -7.606  1.00 63.98  ? 154 LEU A CA  1 
ATOM   1077 C  C   . LEU A 1 157 ? 5.776   1.447   -7.454  1.00 65.29  ? 154 LEU A C   1 
ATOM   1078 O  O   . LEU A 1 157 ? 5.006   0.493   -7.384  1.00 63.27  ? 154 LEU A O   1 
ATOM   1079 C  CB  . LEU A 1 157 ? 7.915   1.185   -6.218  1.00 59.83  ? 154 LEU A CB  1 
ATOM   1080 C  CG  . LEU A 1 157 ? 7.175   0.239   -5.261  1.00 67.89  ? 154 LEU A CG  1 
ATOM   1081 C  CD1 . LEU A 1 157 ? 7.295   -1.198  -5.771  1.00 70.41  ? 154 LEU A CD1 1 
ATOM   1082 C  CD2 . LEU A 1 157 ? 7.737   0.362   -3.858  1.00 68.70  ? 154 LEU A CD2 1 
ATOM   1083 N  N   . ARG A 1 158 ? 5.361   2.706   -7.389  1.00 66.01  ? 155 ARG A N   1 
ATOM   1084 C  CA  . ARG A 1 158 ? 3.943   3.003   -7.265  1.00 69.20  ? 155 ARG A CA  1 
ATOM   1085 C  C   . ARG A 1 158 ? 3.298   2.684   -8.608  1.00 74.06  ? 155 ARG A C   1 
ATOM   1086 O  O   . ARG A 1 158 ? 2.072   2.694   -8.747  1.00 75.34  ? 155 ARG A O   1 
ATOM   1087 C  CB  . ARG A 1 158 ? 3.712   4.474   -6.912  1.00 60.07  ? 155 ARG A CB  1 
ATOM   1088 C  CG  . ARG A 1 158 ? 2.318   4.711   -6.379  1.00 66.47  ? 155 ARG A CG  1 
ATOM   1089 C  CD  . ARG A 1 158 ? 1.426   5.488   -7.308  1.00 68.80  ? 155 ARG A CD  1 
ATOM   1090 N  NE  . ARG A 1 158 ? 1.337   6.872   -6.869  1.00 73.35  ? 155 ARG A NE  1 
ATOM   1091 C  CZ  . ARG A 1 158 ? 0.465   7.755   -7.343  1.00 82.54  ? 155 ARG A CZ  1 
ATOM   1092 N  NH1 . ARG A 1 158 ? -0.411  7.412   -8.282  1.00 81.54  ? 155 ARG A NH1 1 
ATOM   1093 N  NH2 . ARG A 1 158 ? 0.471   8.992   -6.872  1.00 89.93  ? 155 ARG A NH2 1 
ATOM   1094 N  N   . GLY A 1 159 ? 4.145   2.422   -9.601  1.00 75.54  ? 156 GLY A N   1 
ATOM   1095 C  CA  . GLY A 1 159 ? 3.666   2.091   -10.932 1.00 74.36  ? 156 GLY A CA  1 
ATOM   1096 C  C   . GLY A 1 159 ? 3.486   0.589   -11.000 1.00 73.17  ? 156 GLY A C   1 
ATOM   1097 O  O   . GLY A 1 159 ? 2.452   0.108   -11.454 1.00 73.19  ? 156 GLY A O   1 
ATOM   1098 N  N   . LEU A 1 160 ? 4.496   -0.147  -10.534 1.00 70.35  ? 157 LEU A N   1 
ATOM   1099 C  CA  . LEU A 1 160 ? 4.467   -1.609  -10.510 1.00 70.42  ? 157 LEU A CA  1 
ATOM   1100 C  C   . LEU A 1 160 ? 3.233   -2.121  -9.765  1.00 69.91  ? 157 LEU A C   1 
ATOM   1101 O  O   . LEU A 1 160 ? 2.573   -3.070  -10.185 1.00 68.44  ? 157 LEU A O   1 
ATOM   1102 C  CB  . LEU A 1 160 ? 5.722   -2.147  -9.819  1.00 73.44  ? 157 LEU A CB  1 
ATOM   1103 C  CG  . LEU A 1 160 ? 6.938   -2.602  -10.626 1.00 69.49  ? 157 LEU A CG  1 
ATOM   1104 C  CD1 . LEU A 1 160 ? 7.995   -3.076  -9.640  1.00 66.38  ? 157 LEU A CD1 1 
ATOM   1105 C  CD2 . LEU A 1 160 ? 6.563   -3.739  -11.573 1.00 62.29  ? 157 LEU A CD2 1 
ATOM   1106 N  N   . ILE A 1 161 ? 2.912   -1.474  -8.656  1.00 68.27  ? 158 ILE A N   1 
ATOM   1107 C  CA  . ILE A 1 161 ? 1.795   -1.865  -7.819  1.00 66.79  ? 158 ILE A CA  1 
ATOM   1108 C  C   . ILE A 1 161 ? 0.450   -1.631  -8.480  1.00 68.12  ? 158 ILE A C   1 
ATOM   1109 O  O   . ILE A 1 161 ? -0.476  -2.415  -8.304  1.00 68.60  ? 158 ILE A O   1 
ATOM   1110 C  CB  . ILE A 1 161 ? 1.815   -1.074  -6.497  1.00 61.97  ? 158 ILE A CB  1 
ATOM   1111 C  CG1 . ILE A 1 161 ? 3.085   -1.412  -5.703  1.00 55.74  ? 158 ILE A CG1 1 
ATOM   1112 C  CG2 . ILE A 1 161 ? 0.512   -1.306  -5.739  1.00 55.87  ? 158 ILE A CG2 1 
ATOM   1113 C  CD1 . ILE A 1 161 ? 3.286   -0.548  -4.461  1.00 49.58  ? 158 ILE A CD1 1 
ATOM   1114 N  N   . TYR A 1 162 ? 0.328   -0.541  -9.225  1.00 66.06  ? 159 TYR A N   1 
ATOM   1115 C  CA  . TYR A 1 162 ? -0.949  -0.236  -9.854  1.00 65.33  ? 159 TYR A CA  1 
ATOM   1116 C  C   . TYR A 1 162 ? -1.168  -0.910  -11.206 1.00 64.93  ? 159 TYR A C   1 
ATOM   1117 O  O   . TYR A 1 162 ? -2.304  -1.216  -11.581 1.00 61.94  ? 159 TYR A O   1 
ATOM   1118 C  CB  . TYR A 1 162 ? -1.111  1.268   -10.040 1.00 65.92  ? 159 TYR A CB  1 
ATOM   1119 C  CG  . TYR A 1 162 ? -2.494  1.652   -10.488 1.00 63.84  ? 159 TYR A CG  1 
ATOM   1120 C  CD1 . TYR A 1 162 ? -3.605  1.354   -9.702  1.00 57.50  ? 159 TYR A CD1 1 
ATOM   1121 C  CD2 . TYR A 1 162 ? -2.695  2.315   -11.686 1.00 67.31  ? 159 TYR A CD2 1 
ATOM   1122 C  CE1 . TYR A 1 162 ? -4.879  1.714   -10.098 1.00 67.12  ? 159 TYR A CE1 1 
ATOM   1123 C  CE2 . TYR A 1 162 ? -3.963  2.680   -12.093 1.00 74.82  ? 159 TYR A CE2 1 
ATOM   1124 C  CZ  . TYR A 1 162 ? -5.050  2.381   -11.297 1.00 77.93  ? 159 TYR A CZ  1 
ATOM   1125 O  OH  . TYR A 1 162 ? -6.304  2.774   -11.708 1.00 88.34  ? 159 TYR A OH  1 
ATOM   1126 N  N   . SER A 1 163 ? -0.096  -1.119  -11.955 1.00 62.60  ? 160 SER A N   1 
ATOM   1127 C  CA  . SER A 1 163 ? -0.300  -1.772  -13.215 1.00 61.86  ? 160 SER A CA  1 
ATOM   1128 C  C   . SER A 1 163 ? -0.495  -3.278  -12.957 1.00 57.85  ? 160 SER A C   1 
ATOM   1129 O  O   . SER A 1 163 ? -1.369  -3.881  -13.561 1.00 59.36  ? 160 SER A O   1 
ATOM   1130 C  CB  . SER A 1 163 ? 0.853   -1.470  -14.206 1.00 64.78  ? 160 SER A CB  1 
ATOM   1131 O  OG  . SER A 1 163 ? 2.074   -2.050  -13.811 1.00 78.22  ? 160 SER A OG  1 
ATOM   1132 N  N   . HIS A 1 164 ? 0.276   -3.890  -12.062 1.00 57.38  ? 161 HIS A N   1 
ATOM   1133 C  CA  . HIS A 1 164 ? 0.067   -5.317  -11.795 1.00 56.23  ? 161 HIS A CA  1 
ATOM   1134 C  C   . HIS A 1 164 ? -1.343  -5.570  -11.253 1.00 58.86  ? 161 HIS A C   1 
ATOM   1135 O  O   . HIS A 1 164 ? -1.991  -6.549  -11.621 1.00 60.39  ? 161 HIS A O   1 
ATOM   1136 C  CB  . HIS A 1 164 ? 1.112   -5.866  -10.821 1.00 54.75  ? 161 HIS A CB  1 
ATOM   1137 C  CG  . HIS A 1 164 ? 2.446   -6.132  -11.449 1.00 62.91  ? 161 HIS A CG  1 
ATOM   1138 N  ND1 . HIS A 1 164 ? 3.034   -5.267  -12.344 1.00 75.76  ? 161 HIS A ND1 1 
ATOM   1139 C  CD2 . HIS A 1 164 ? 3.319   -7.155  -11.288 1.00 69.88  ? 161 HIS A CD2 1 
ATOM   1140 C  CE1 . HIS A 1 164 ? 4.211   -5.746  -12.710 1.00 71.22  ? 161 HIS A CE1 1 
ATOM   1141 N  NE2 . HIS A 1 164 ? 4.408   -6.891  -12.082 1.00 72.71  ? 161 HIS A NE2 1 
ATOM   1142 N  N   . VAL A 1 165 ? -1.837  -4.676  -10.404 1.00 59.06  ? 162 VAL A N   1 
ATOM   1143 C  CA  . VAL A 1 165 ? -3.173  -4.855  -9.853  1.00 58.48  ? 162 VAL A CA  1 
ATOM   1144 C  C   . VAL A 1 165 ? -4.246  -4.635  -10.915 1.00 60.72  ? 162 VAL A C   1 
ATOM   1145 O  O   . VAL A 1 165 ? -5.208  -5.405  -10.988 1.00 61.87  ? 162 VAL A O   1 
ATOM   1146 C  CB  . VAL A 1 165 ? -3.427  -3.913  -8.623  1.00 55.61  ? 162 VAL A CB  1 
ATOM   1147 C  CG1 . VAL A 1 165 ? -4.907  -3.920  -8.239  1.00 53.10  ? 162 VAL A CG1 1 
ATOM   1148 C  CG2 . VAL A 1 165 ? -2.613  -4.402  -7.422  1.00 57.70  ? 162 VAL A CG2 1 
ATOM   1149 N  N   . THR A 1 166 ? -4.088  -3.605  -11.746 1.00 59.70  ? 163 THR A N   1 
ATOM   1150 C  CA  . THR A 1 166 ? -5.089  -3.336  -12.784 1.00 61.28  ? 163 THR A CA  1 
ATOM   1151 C  C   . THR A 1 166 ? -5.196  -4.480  -13.800 1.00 60.39  ? 163 THR A C   1 
ATOM   1152 O  O   . THR A 1 166 ? -6.293  -4.823  -14.245 1.00 60.12  ? 163 THR A O   1 
ATOM   1153 C  CB  . THR A 1 166 ? -4.789  -2.023  -13.540 1.00 64.39  ? 163 THR A CB  1 
ATOM   1154 O  OG1 . THR A 1 166 ? -3.429  -2.035  -13.987 1.00 68.82  ? 163 THR A OG1 1 
ATOM   1155 C  CG2 . THR A 1 166 ? -5.035  -0.810  -12.637 1.00 64.03  ? 163 THR A CG2 1 
ATOM   1156 N  N   . ALA A 1 167 ? -4.061  -5.073  -14.159 1.00 58.83  ? 164 ALA A N   1 
ATOM   1157 C  CA  . ALA A 1 167 ? -4.077  -6.177  -15.099 1.00 56.69  ? 164 ALA A CA  1 
ATOM   1158 C  C   . ALA A 1 167 ? -4.860  -7.285  -14.410 1.00 58.42  ? 164 ALA A C   1 
ATOM   1159 O  O   . ALA A 1 167 ? -5.727  -7.897  -15.030 1.00 58.87  ? 164 ALA A O   1 
ATOM   1160 C  CB  . ALA A 1 167 ? -2.648  -6.652  -15.414 1.00 45.23  ? 164 ALA A CB  1 
ATOM   1161 N  N   . ALA A 1 168 ? -4.576  -7.516  -13.119 1.00 56.78  ? 165 ALA A N   1 
ATOM   1162 C  CA  . ALA A 1 168 ? -5.266  -8.571  -12.365 1.00 57.56  ? 165 ALA A CA  1 
ATOM   1163 C  C   . ALA A 1 168 ? -6.774  -8.375  -12.443 1.00 57.85  ? 165 ALA A C   1 
ATOM   1164 O  O   . ALA A 1 168 ? -7.515  -9.331  -12.673 1.00 60.71  ? 165 ALA A O   1 
ATOM   1165 C  CB  . ALA A 1 168 ? -4.803  -8.606  -10.921 1.00 55.77  ? 165 ALA A CB  1 
ATOM   1166 N  N   . TYR A 1 169 ? -7.218  -7.130  -12.305 1.00 53.60  ? 166 TYR A N   1 
ATOM   1167 C  CA  . TYR A 1 169 ? -8.639  -6.845  -12.396 1.00 56.79  ? 166 TYR A CA  1 
ATOM   1168 C  C   . TYR A 1 169 ? -9.159  -7.206  -13.773 1.00 62.23  ? 166 TYR A C   1 
ATOM   1169 O  O   . TYR A 1 169 ? -10.314 -7.622  -13.933 1.00 60.41  ? 166 TYR A O   1 
ATOM   1170 C  CB  . TYR A 1 169 ? -8.906  -5.351  -12.123 1.00 53.82  ? 166 TYR A CB  1 
ATOM   1171 C  CG  . TYR A 1 169 ? -9.134  -5.026  -10.610 1.00 55.51  ? 166 TYR A CG  1 
ATOM   1172 C  CD1 . TYR A 1 169 ? -8.135  -5.213  -9.635  1.00 55.22  ? 166 TYR A CD1 1 
ATOM   1173 C  CD2 . TYR A 1 169 ? -10.401 -4.567  -10.179 1.00 50.32  ? 166 TYR A CD2 1 
ATOM   1174 C  CE1 . TYR A 1 169 ? -8.402  -4.949  -8.281  1.00 51.45  ? 166 TYR A CE1 1 
ATOM   1175 C  CE2 . TYR A 1 169 ? -10.652 -4.310  -8.838  1.00 53.35  ? 166 TYR A CE2 1 
ATOM   1176 C  CZ  . TYR A 1 169 ? -9.655  -4.503  -7.913  1.00 52.79  ? 166 TYR A CZ  1 
ATOM   1177 O  OH  . TYR A 1 169 ? -9.909  -4.221  -6.596  1.00 50.44  ? 166 TYR A OH  1 
ATOM   1178 N  N   . LYS A 1 170 ? -8.304  -7.033  -14.775 1.00 65.27  ? 167 LYS A N   1 
ATOM   1179 C  CA  . LYS A 1 170 ? -8.681  -7.376  -16.149 1.00 71.28  ? 167 LYS A CA  1 
ATOM   1180 C  C   . LYS A 1 170 ? -8.961  -8.879  -16.337 1.00 72.07  ? 167 LYS A C   1 
ATOM   1181 O  O   . LYS A 1 170 ? -10.076 -9.278  -16.671 1.00 73.09  ? 167 LYS A O   1 
ATOM   1182 C  CB  . LYS A 1 170 ? -7.607  -6.931  -17.146 1.00 74.77  ? 167 LYS A CB  1 
ATOM   1183 C  CG  . LYS A 1 170 ? -7.754  -5.504  -17.596 1.00 80.23  ? 167 LYS A CG  1 
ATOM   1184 C  CD  . LYS A 1 170 ? -6.647  -5.086  -18.566 1.00 93.79  ? 167 LYS A CD  1 
ATOM   1185 C  CE  . LYS A 1 170 ? -6.513  -6.057  -19.736 1.00 93.84  ? 167 LYS A CE  1 
ATOM   1186 N  NZ  . LYS A 1 170 ? -5.624  -5.542  -20.822 1.00 90.19  ? 167 LYS A NZ  1 
ATOM   1187 N  N   . GLU A 1 171 ? -7.937  -9.704  -16.156 1.00 74.79  ? 168 GLU A N   1 
ATOM   1188 C  CA  . GLU A 1 171 ? -8.062  -11.153 -16.282 1.00 76.59  ? 168 GLU A CA  1 
ATOM   1189 C  C   . GLU A 1 171 ? -9.380  -11.604 -15.666 1.00 78.17  ? 168 GLU A C   1 
ATOM   1190 O  O   . GLU A 1 171 ? -10.159 -12.357 -16.269 1.00 80.24  ? 168 GLU A O   1 
ATOM   1191 C  CB  . GLU A 1 171 ? -6.912  -11.835 -15.532 1.00 75.24  ? 168 GLU A CB  1 
ATOM   1192 C  CG  . GLU A 1 171 ? -6.211  -12.885 -16.368 1.00 87.42  ? 168 GLU A CG  1 
ATOM   1193 C  CD  . GLU A 1 171 ? -7.202  -13.699 -17.179 1.00 100.94 ? 168 GLU A CD  1 
ATOM   1194 O  OE1 . GLU A 1 171 ? -7.725  -14.704 -16.640 1.00 103.43 ? 168 GLU A OE1 1 
ATOM   1195 O  OE2 . GLU A 1 171 ? -7.474  -13.322 -18.342 1.00 108.22 ? 168 GLU A OE2 1 
ATOM   1196 N  N   . VAL A 1 172 ? -9.603  -11.110 -14.458 1.00 78.43  ? 169 VAL A N   1 
ATOM   1197 C  CA  . VAL A 1 172 ? -10.787 -11.387 -13.688 1.00 79.76  ? 169 VAL A CA  1 
ATOM   1198 C  C   . VAL A 1 172 ? -12.032 -10.827 -14.381 1.00 80.82  ? 169 VAL A C   1 
ATOM   1199 O  O   . VAL A 1 172 ? -13.162 -11.292 -14.142 1.00 80.50  ? 169 VAL A O   1 
ATOM   1200 C  CB  . VAL A 1 172 ? -10.647 -10.768 -12.316 1.00 82.18  ? 169 VAL A CB  1 
ATOM   1201 C  CG1 . VAL A 1 172 ? -11.823 -11.142 -11.492 1.00 88.51  ? 169 VAL A CG1 1 
ATOM   1202 C  CG2 . VAL A 1 172 ? -9.355  -11.250 -11.659 1.00 90.05  ? 169 VAL A CG2 1 
ATOM   1203 N  N   . GLY A 1 173 ? -11.825 -9.823  -15.234 1.00 81.42  ? 170 GLY A N   1 
ATOM   1204 C  CA  . GLY A 1 173 ? -12.908 -9.200  -15.997 1.00 83.02  ? 170 GLY A CA  1 
ATOM   1205 C  C   . GLY A 1 173 ? -13.791 -8.256  -15.188 1.00 85.62  ? 170 GLY A C   1 
ATOM   1206 O  O   . GLY A 1 173 ? -14.877 -8.621  -14.764 1.00 87.95  ? 170 GLY A O   1 
ATOM   1207 N  N   . TRP A 1 174 ? -13.318 -7.031  -14.994 1.00 85.21  ? 171 TRP A N   1 
ATOM   1208 C  CA  . TRP A 1 174 ? -14.025 -6.032  -14.206 1.00 83.13  ? 171 TRP A CA  1 
ATOM   1209 C  C   . TRP A 1 174 ? -14.737 -5.003  -15.103 1.00 85.38  ? 171 TRP A C   1 
ATOM   1210 O  O   . TRP A 1 174 ? -15.409 -4.086  -14.620 1.00 87.51  ? 171 TRP A O   1 
ATOM   1211 C  CB  . TRP A 1 174 ? -12.988 -5.383  -13.282 1.00 71.48  ? 171 TRP A CB  1 
ATOM   1212 C  CG  . TRP A 1 174 ? -13.417 -4.223  -12.472 1.00 68.21  ? 171 TRP A CG  1 
ATOM   1213 C  CD1 . TRP A 1 174 ? -13.353 -2.913  -12.842 1.00 67.39  ? 171 TRP A CD1 1 
ATOM   1214 C  CD2 . TRP A 1 174 ? -13.973 -4.240  -11.146 1.00 69.45  ? 171 TRP A CD2 1 
ATOM   1215 N  NE1 . TRP A 1 174 ? -13.838 -2.112  -11.839 1.00 65.58  ? 171 TRP A NE1 1 
ATOM   1216 C  CE2 . TRP A 1 174 ? -14.226 -2.896  -10.786 1.00 66.22  ? 171 TRP A CE2 1 
ATOM   1217 C  CE3 . TRP A 1 174 ? -14.279 -5.254  -10.227 1.00 65.88  ? 171 TRP A CE3 1 
ATOM   1218 C  CZ2 . TRP A 1 174 ? -14.777 -2.539  -9.552  1.00 63.76  ? 171 TRP A CZ2 1 
ATOM   1219 C  CZ3 . TRP A 1 174 ? -14.829 -4.892  -8.995  1.00 67.61  ? 171 TRP A CZ3 1 
ATOM   1220 C  CH2 . TRP A 1 174 ? -15.070 -3.546  -8.673  1.00 66.81  ? 171 TRP A CH2 1 
HETATM 1221 C  CHA . HEM B 2 .   ? -8.208  -7.514  2.672   1.00 44.93  ? 191 HEM A CHA 1 
HETATM 1222 C  CHB . HEM B 2 .   ? -3.774  -6.709  0.991   1.00 46.33  ? 191 HEM A CHB 1 
HETATM 1223 C  CHC . HEM B 2 .   ? -5.509  -2.371  -0.666  1.00 45.35  ? 191 HEM A CHC 1 
HETATM 1224 C  CHD . HEM B 2 .   ? -9.973  -3.227  1.017   1.00 45.66  ? 191 HEM A CHD 1 
HETATM 1225 C  C1A . HEM B 2 .   ? -6.805  -7.704  2.342   1.00 38.05  ? 191 HEM A C1A 1 
HETATM 1226 C  C2A . HEM B 2 .   ? -6.064  -8.941  2.631   1.00 45.62  ? 191 HEM A C2A 1 
HETATM 1227 C  C3A . HEM B 2 .   ? -4.810  -8.752  2.188   1.00 45.74  ? 191 HEM A C3A 1 
HETATM 1228 C  C4A . HEM B 2 .   ? -4.805  -7.372  1.623   1.00 41.68  ? 191 HEM A C4A 1 
HETATM 1229 C  CMA . HEM B 2 .   ? -3.633  -9.757  2.239   1.00 40.34  ? 191 HEM A CMA 1 
HETATM 1230 C  CAA . HEM B 2 .   ? -6.746  -10.130 3.231   1.00 48.33  ? 191 HEM A CAA 1 
HETATM 1231 C  CBA . HEM B 2 .   ? -7.715  -10.336 1.989   1.00 69.69  ? 191 HEM A CBA 1 
HETATM 1232 C  CGA . HEM B 2 .   ? -8.812  -11.283 1.952   1.00 64.26  ? 191 HEM A CGA 1 
HETATM 1233 O  O1A . HEM B 2 .   ? -8.712  -12.525 2.243   1.00 92.91  ? 191 HEM A O1A 1 
HETATM 1234 O  O2A . HEM B 2 .   ? -9.839  -10.793 1.641   1.00 80.76  ? 191 HEM A O2A 1 
HETATM 1235 C  C1B . HEM B 2 .   ? -3.878  -5.415  0.412   1.00 43.84  ? 191 HEM A C1B 1 
HETATM 1236 C  C2B . HEM B 2 .   ? -2.784  -4.744  -0.266  1.00 40.44  ? 191 HEM A C2B 1 
HETATM 1237 C  C3B . HEM B 2 .   ? -3.262  -3.512  -0.744  1.00 49.10  ? 191 HEM A C3B 1 
HETATM 1238 C  C4B . HEM B 2 .   ? -4.656  -3.452  -0.337  1.00 50.00  ? 191 HEM A C4B 1 
HETATM 1239 C  CMB . HEM B 2 .   ? -1.356  -5.325  -0.418  1.00 48.20  ? 191 HEM A CMB 1 
HETATM 1240 C  CAB . HEM B 2 .   ? -2.503  -2.526  -1.485  1.00 40.17  ? 191 HEM A CAB 1 
HETATM 1241 C  CBB . HEM B 2 .   ? -1.413  -1.749  -1.062  1.00 47.95  ? 191 HEM A CBB 1 
HETATM 1242 C  C1C . HEM B 2 .   ? -6.867  -2.186  -0.355  1.00 46.58  ? 191 HEM A C1C 1 
HETATM 1243 C  C2C . HEM B 2 .   ? -7.649  -1.021  -0.757  1.00 55.29  ? 191 HEM A C2C 1 
HETATM 1244 C  C3C . HEM B 2 .   ? -8.935  -1.224  -0.298  1.00 44.79  ? 191 HEM A C3C 1 
HETATM 1245 C  C4C . HEM B 2 .   ? -8.897  -2.547  0.368   1.00 46.19  ? 191 HEM A C4C 1 
HETATM 1246 C  CMC . HEM B 2 .   ? -7.121  0.212   -1.533  1.00 51.92  ? 191 HEM A CMC 1 
HETATM 1247 C  CAC . HEM B 2 .   ? -10.019 -0.328  -0.462  1.00 52.36  ? 191 HEM A CAC 1 
HETATM 1248 C  CBC . HEM B 2 .   ? -10.751 0.246   0.553   1.00 62.10  ? 191 HEM A CBC 1 
HETATM 1249 C  C1D . HEM B 2 .   ? -9.892  -4.520  1.649   1.00 46.99  ? 191 HEM A C1D 1 
HETATM 1250 C  C2D . HEM B 2 .   ? -10.980 -5.216  2.356   1.00 48.49  ? 191 HEM A C2D 1 
HETATM 1251 C  C3D . HEM B 2 .   ? -10.474 -6.402  2.832   1.00 47.65  ? 191 HEM A C3D 1 
HETATM 1252 C  C4D . HEM B 2 .   ? -9.083  -6.448  2.396   1.00 45.28  ? 191 HEM A C4D 1 
HETATM 1253 C  CMD . HEM B 2 .   ? -12.429 -4.727  2.564   1.00 36.19  ? 191 HEM A CMD 1 
HETATM 1254 C  CAD . HEM B 2 .   ? -11.260 -7.452  3.663   1.00 49.18  ? 191 HEM A CAD 1 
HETATM 1255 C  CBD . HEM B 2 .   ? -11.322 -6.968  5.132   1.00 45.02  ? 191 HEM A CBD 1 
HETATM 1256 C  CGD . HEM B 2 .   ? -11.591 -7.982  6.248   1.00 55.78  ? 191 HEM A CGD 1 
HETATM 1257 O  O1D . HEM B 2 .   ? -11.621 -7.536  7.405   1.00 68.76  ? 191 HEM A O1D 1 
HETATM 1258 O  O2D . HEM B 2 .   ? -11.770 -9.200  5.983   1.00 69.51  ? 191 HEM A O2D 1 
HETATM 1259 N  NA  . HEM B 2 .   ? -6.019  -6.801  1.739   1.00 46.18  ? 191 HEM A NA  1 
HETATM 1260 N  NB  . HEM B 2 .   ? -5.039  -4.643  0.363   1.00 43.57  ? 191 HEM A NB  1 
HETATM 1261 N  NC  . HEM B 2 .   ? -7.631  -3.079  0.293   1.00 46.40  ? 191 HEM A NC  1 
HETATM 1262 N  ND  . HEM B 2 .   ? -8.738  -5.284  1.689   1.00 38.35  ? 191 HEM A ND  1 
HETATM 1263 FE FE  . HEM B 2 .   ? -6.906  -4.994  1.069   1.00 46.28  ? 191 HEM A FE  1 
HETATM 1264 O  O   . HOH C 3 .   ? -16.149 3.639   -2.524  1.00 50.04  ? 192 HOH A O   1 
HETATM 1265 O  O   . HOH C 3 .   ? -15.748 -5.544  6.017   1.00 54.62  ? 193 HOH A O   1 
HETATM 1266 O  O   . HOH C 3 .   ? 11.235  -8.871  5.562   1.00 57.31  ? 194 HOH A O   1 
HETATM 1267 O  O   . HOH C 3 .   ? 3.823   14.940  2.653   1.00 57.56  ? 195 HOH A O   1 
HETATM 1268 O  O   . HOH C 3 .   ? -18.433 5.601   -2.719  1.00 58.32  ? 196 HOH A O   1 
HETATM 1269 O  O   . HOH C 3 .   ? -15.157 -7.711  1.687   1.00 58.64  ? 197 HOH A O   1 
HETATM 1270 O  O   . HOH C 3 .   ? 20.123  0.586   8.216   1.00 59.01  ? 198 HOH A O   1 
HETATM 1271 O  O   . HOH C 3 .   ? -13.706 10.099  -0.187  1.00 59.03  ? 199 HOH A O   1 
HETATM 1272 O  O   . HOH C 3 .   ? -17.864 -0.613  15.460  1.00 59.11  ? 200 HOH A O   1 
HETATM 1273 O  O   . HOH C 3 .   ? -8.948  -6.430  8.329   1.00 59.18  ? 201 HOH A O   1 
HETATM 1274 O  O   . HOH C 3 .   ? 11.401  -6.705  8.910   1.00 59.48  ? 202 HOH A O   1 
HETATM 1275 O  O   . HOH C 3 .   ? -22.295 -5.486  -7.295  1.00 60.57  ? 203 HOH A O   1 
HETATM 1276 O  O   . HOH C 3 .   ? -17.513 7.864   15.356  1.00 60.82  ? 204 HOH A O   1 
HETATM 1277 O  O   . HOH C 3 .   ? -16.673 -8.545  -8.765  1.00 61.14  ? 205 HOH A O   1 
HETATM 1278 O  O   . HOH C 3 .   ? 11.880  -5.800  5.846   1.00 61.49  ? 206 HOH A O   1 
HETATM 1279 O  O   . HOH C 3 .   ? 6.491   11.230  -3.101  1.00 63.58  ? 207 HOH A O   1 
HETATM 1280 O  O   . HOH C 3 .   ? 9.498   15.378  1.605   1.00 63.91  ? 208 HOH A O   1 
HETATM 1281 O  O   . HOH C 3 .   ? 2.723   -15.613 -4.996  1.00 63.95  ? 209 HOH A O   1 
HETATM 1282 O  O   . HOH C 3 .   ? -16.415 5.503   -8.425  1.00 67.62  ? 210 HOH A O   1 
HETATM 1283 O  O   . HOH C 3 .   ? -1.522  9.358   9.710   1.00 68.12  ? 211 HOH A O   1 
HETATM 1284 O  O   . HOH C 3 .   ? -19.852 -2.883  14.779  1.00 69.40  ? 212 HOH A O   1 
HETATM 1285 O  O   . HOH C 3 .   ? 3.315   9.438   9.394   1.00 70.92  ? 213 HOH A O   1 
HETATM 1286 O  O   . HOH C 3 .   ? 3.655   6.763   12.364  1.00 71.05  ? 214 HOH A O   1 
HETATM 1287 O  O   . HOH C 3 .   ? 6.950   11.210  11.310  1.00 71.99  ? 215 HOH A O   1 
HETATM 1288 O  O   . HOH C 3 .   ? 3.122   -11.900 1.757   1.00 72.21  ? 216 HOH A O   1 
HETATM 1289 O  O   . HOH C 3 .   ? -8.543  -16.315 -19.122 1.00 73.74  ? 217 HOH A O   1 
HETATM 1290 O  O   . HOH C 3 .   ? -16.925 4.997   20.843  1.00 75.18  ? 218 HOH A O   1 
HETATM 1291 O  O   . HOH C 3 .   ? 9.507   15.144  -1.193  1.00 77.12  ? 219 HOH A O   1 
HETATM 1292 O  O   . HOH C 3 .   ? -18.551 -8.974  -1.837  1.00 79.01  ? 220 HOH A O   1 
HETATM 1293 O  O   . HOH C 3 .   ? -1.703  11.681  -0.923  1.00 79.66  ? 221 HOH A O   1 
# 
